data_8RJ5
#
_entry.id   8RJ5
#
_cell.length_a   200.439
_cell.length_b   200.439
_cell.length_c   156.272
_cell.angle_alpha   90.00
_cell.angle_beta   90.00
_cell.angle_gamma   120.00
#
_symmetry.space_group_name_H-M   'P 31 2 1'
#
loop_
_entity.id
_entity.type
_entity.pdbx_description
1 polymer 'MHC class I antigen'
2 polymer Beta-2-microglobulin
3 polymer 'Spike protein S1'
4 polymer 'P1-15 T-cell Receptor Alpha Chain'
5 polymer 'P1-15 T-cell Receptor Beta Chain'
#
loop_
_entity_poly.entity_id
_entity_poly.type
_entity_poly.pdbx_seq_one_letter_code
_entity_poly.pdbx_strand_id
1 'polypeptide(L)'
;MGSHSMRYFSTSVSRPGRGEPRFIAVGYVDDTQFVRFDSDAASQRMEPRAPWIEQEGPEYWDEETGKVKAHSQTDRENLR
IALRYYNQSEAGSHTLQMMFGCDVGSDGRFLRGYHQYAYDGKDYIALKEDLRSWTAADMAAQITKRKWEAAHVAEQQRAY
LEGTCVDGLRRYLENGKETLQRTDPPKTHMTHHPISDHEATLRCWALGFYPAEITLTWQRDGEDQTQDTELVETRPAGDG
TFQKWAAVVVPSGEEQRYTCHVQHEGLPKPLTLRWEP
;
A,F
2 'polypeptide(L)'
;MIQRTPKIQVYSRHPAENGKSNFLNCYVSGFHPSDIEVDLLKNGERIEKVEHSDLSFSKDWSFYLLYYTEFTPTEKDEYA
CRVNHVTLSQPKIVKWDRDM
;
B,G
3 'polypeptide(L)' NYNYLYRLF C,H
4 'polypeptide(L)'
;MRKEVEQDPGPFNVPEGATVAFNCTYSNSASQSFFWYRQDCRKEPKLLMSVYSSGNEDGRFTAQLNRASQYISLLIRDSK
LSDSATYLCVVNMLRNSGYALNFGKGTSLLVTPHIQNPDPAVYQLRDSKSSDKSVCLFTDFDSQTNVSQSKDSDVYITDK
CVLDMRSMDFKSNSAVAWSNKSDFACANAFNNSIIPEDTFFPSP
;
D,I
5 'polypeptide(L)'
;GSMNAGVTQTPKFQVLKTGQSMTLQCAQDMNHNSMYWYRQDPGMGLRLIYYSASEGTTDKGEVPNGYNVSRLNKREFSLR
LESAAPSQTSVYFCASSESGGYEQYFGPGTRLTVTEDLKNVFPPEVAVFEPSEAEISHTQKATLVCLATGFYPDHVELSW
WVNGKEVHSGVCTDPQPLKEQPALNDSRYALSSRLRVSATFWQDPRNHFRCQVQFYGLSENDEWTQDRAKPVTQIVSAEA
WGRAD
;
E,J
#
# COMPACT_ATOMS: atom_id res chain seq x y z
N GLY A 2 -45.03 -17.73 10.01
CA GLY A 2 -44.18 -17.37 8.85
C GLY A 2 -42.71 -17.49 9.19
N SER A 3 -41.94 -18.14 8.29
CA SER A 3 -40.47 -18.34 8.35
C SER A 3 -39.80 -17.01 8.02
N HIS A 4 -38.82 -16.62 8.81
CA HIS A 4 -38.02 -15.39 8.58
C HIS A 4 -36.58 -15.81 8.25
N SER A 5 -35.80 -14.91 7.67
CA SER A 5 -34.40 -15.15 7.25
C SER A 5 -33.56 -13.89 7.40
N MET A 6 -32.27 -14.09 7.69
CA MET A 6 -31.22 -13.04 7.71
C MET A 6 -30.16 -13.43 6.69
N ARG A 7 -29.75 -12.47 5.85
CA ARG A 7 -28.62 -12.59 4.87
C ARG A 7 -27.70 -11.37 4.99
N TYR A 8 -26.40 -11.63 5.04
CA TYR A 8 -25.34 -10.63 4.77
C TYR A 8 -24.78 -10.93 3.37
N PHE A 9 -24.42 -9.88 2.60
CA PHE A 9 -23.89 -9.94 1.21
C PHE A 9 -22.66 -9.04 1.07
N SER A 10 -21.48 -9.64 0.92
CA SER A 10 -20.19 -8.92 0.72
C SER A 10 -19.93 -8.77 -0.76
N THR A 11 -19.09 -7.81 -1.16
CA THR A 11 -18.69 -7.61 -2.58
C THR A 11 -17.31 -6.94 -2.65
N SER A 12 -16.25 -7.73 -2.88
CA SER A 12 -14.85 -7.28 -3.08
C SER A 12 -14.56 -7.13 -4.57
N VAL A 13 -14.01 -5.98 -4.98
CA VAL A 13 -13.68 -5.64 -6.40
C VAL A 13 -12.28 -5.10 -6.46
N SER A 14 -11.34 -5.83 -7.07
CA SER A 14 -9.93 -5.41 -7.26
C SER A 14 -9.88 -4.29 -8.30
N ARG A 15 -9.16 -3.23 -7.98
CA ARG A 15 -8.93 -2.06 -8.85
C ARG A 15 -7.41 -1.86 -8.93
N PRO A 16 -6.72 -2.74 -9.71
CA PRO A 16 -5.26 -2.80 -9.72
C PRO A 16 -4.58 -1.46 -9.91
N GLY A 17 -3.54 -1.20 -9.12
CA GLY A 17 -2.67 -0.01 -9.25
C GLY A 17 -3.37 1.29 -8.89
N ARG A 18 -4.47 1.21 -8.15
CA ARG A 18 -5.15 2.41 -7.57
C ARG A 18 -5.95 1.98 -6.36
N GLY A 19 -5.31 1.24 -5.44
CA GLY A 19 -5.82 0.97 -4.07
C GLY A 19 -6.25 -0.47 -3.84
N GLU A 20 -6.40 -0.82 -2.55
CA GLU A 20 -6.93 -2.12 -2.10
C GLU A 20 -8.33 -2.24 -2.64
N PRO A 21 -8.84 -3.45 -2.91
CA PRO A 21 -10.18 -3.61 -3.44
C PRO A 21 -11.24 -2.90 -2.63
N ARG A 22 -12.30 -2.49 -3.31
CA ARG A 22 -13.52 -1.89 -2.74
C ARG A 22 -14.40 -3.00 -2.19
N PHE A 23 -14.68 -2.98 -0.90
CA PHE A 23 -15.46 -4.00 -0.17
C PHE A 23 -16.77 -3.40 0.37
N ILE A 24 -17.89 -3.94 -0.06
CA ILE A 24 -19.23 -3.41 0.26
C ILE A 24 -20.09 -4.56 0.72
N ALA A 25 -20.29 -4.64 2.03
CA ALA A 25 -21.12 -5.65 2.67
C ALA A 25 -22.44 -5.02 3.14
N VAL A 26 -23.54 -5.76 3.01
CA VAL A 26 -24.91 -5.33 3.40
C VAL A 26 -25.64 -6.50 4.01
N GLY A 27 -26.46 -6.23 5.02
CA GLY A 27 -27.29 -7.22 5.73
C GLY A 27 -28.78 -6.92 5.60
N TYR A 28 -29.57 -7.97 5.40
CA TYR A 28 -31.06 -7.96 5.36
C TYR A 28 -31.64 -8.98 6.34
N VAL A 29 -32.75 -8.64 6.98
CA VAL A 29 -33.73 -9.59 7.61
C VAL A 29 -34.91 -9.72 6.62
N ASP A 30 -35.12 -10.89 6.03
CA ASP A 30 -36.12 -11.11 4.94
C ASP A 30 -35.82 -10.12 3.79
N ASP A 31 -36.71 -9.15 3.53
CA ASP A 31 -36.63 -8.20 2.39
C ASP A 31 -36.29 -6.79 2.88
N THR A 32 -35.99 -6.63 4.17
CA THR A 32 -35.64 -5.34 4.79
C THR A 32 -34.15 -5.35 5.14
N GLN A 33 -33.40 -4.36 4.68
CA GLN A 33 -31.97 -4.19 4.99
C GLN A 33 -31.84 -3.34 6.25
N PHE A 34 -30.75 -3.50 7.01
CA PHE A 34 -30.56 -2.82 8.31
C PHE A 34 -29.15 -2.27 8.46
N VAL A 35 -28.13 -2.98 8.02
CA VAL A 35 -26.74 -2.49 8.12
C VAL A 35 -26.05 -2.60 6.78
N ARG A 36 -24.91 -1.96 6.70
CA ARG A 36 -24.04 -1.93 5.50
C ARG A 36 -22.64 -1.50 5.94
N PHE A 37 -21.68 -1.69 5.07
CA PHE A 37 -20.29 -1.29 5.30
C PHE A 37 -19.65 -1.05 3.96
N ASP A 38 -18.90 0.04 3.85
CA ASP A 38 -18.26 0.46 2.58
C ASP A 38 -16.80 0.80 2.86
N SER A 39 -15.88 0.00 2.30
CA SER A 39 -14.42 0.12 2.52
C SER A 39 -13.94 1.53 2.19
N ASP A 40 -14.74 2.33 1.46
CA ASP A 40 -14.35 3.68 0.94
C ASP A 40 -15.10 4.81 1.66
N ALA A 41 -16.25 4.54 2.28
CA ALA A 41 -17.06 5.58 2.96
C ALA A 41 -16.27 6.11 4.14
N ALA A 42 -16.61 7.31 4.60
CA ALA A 42 -15.88 8.07 5.64
C ALA A 42 -16.08 7.48 7.04
N SER A 43 -17.15 6.70 7.27
CA SER A 43 -17.49 6.13 8.61
C SER A 43 -16.39 5.18 9.07
N GLN A 44 -15.99 4.23 8.22
CA GLN A 44 -15.07 3.13 8.63
C GLN A 44 -15.69 2.42 9.84
N ARG A 45 -17.02 2.25 9.81
CA ARG A 45 -17.87 1.58 10.84
C ARG A 45 -19.07 0.95 10.14
N MET A 46 -19.66 -0.06 10.77
CA MET A 46 -20.95 -0.65 10.32
C MET A 46 -22.06 0.39 10.62
N GLU A 47 -22.71 0.87 9.58
CA GLU A 47 -23.76 1.92 9.67
C GLU A 47 -25.13 1.26 9.69
N PRO A 48 -26.05 1.74 10.56
CA PRO A 48 -27.44 1.29 10.57
C PRO A 48 -28.20 1.82 9.35
N ARG A 49 -29.32 1.18 9.00
CA ARG A 49 -30.14 1.51 7.80
C ARG A 49 -31.63 1.45 8.13
N ALA A 50 -32.02 0.49 8.97
CA ALA A 50 -33.37 0.39 9.53
C ALA A 50 -33.44 1.23 10.80
N PRO A 51 -34.60 1.80 11.15
CA PRO A 51 -34.72 2.57 12.40
C PRO A 51 -34.34 1.75 13.65
N TRP A 52 -34.78 0.50 13.69
CA TRP A 52 -34.77 -0.37 14.90
C TRP A 52 -33.37 -0.86 15.26
N ILE A 53 -32.45 -1.01 14.33
CA ILE A 53 -31.10 -1.53 14.66
C ILE A 53 -30.30 -0.46 15.42
N GLU A 54 -30.69 0.82 15.37
CA GLU A 54 -30.00 1.92 16.13
C GLU A 54 -30.06 1.61 17.62
N GLN A 55 -31.12 0.91 18.04
CA GLN A 55 -31.39 0.41 19.42
C GLN A 55 -30.11 -0.23 20.00
N GLU A 56 -29.31 -0.89 19.16
CA GLU A 56 -28.07 -1.62 19.57
C GLU A 56 -27.06 -0.66 20.22
N GLY A 57 -26.37 -1.14 21.25
CA GLY A 57 -25.38 -0.38 22.03
C GLY A 57 -24.03 -0.28 21.31
N PRO A 58 -23.07 0.48 21.87
CA PRO A 58 -21.76 0.65 21.24
C PRO A 58 -21.01 -0.69 21.05
N GLU A 59 -21.10 -1.59 22.05
CA GLU A 59 -20.49 -2.94 22.03
C GLU A 59 -20.85 -3.61 20.70
N TYR A 60 -22.14 -3.63 20.35
CA TYR A 60 -22.66 -4.24 19.10
C TYR A 60 -21.94 -3.66 17.89
N TRP A 61 -21.93 -2.33 17.76
CA TRP A 61 -21.34 -1.59 16.62
C TRP A 61 -19.85 -1.89 16.53
N ASP A 62 -19.14 -1.78 17.64
CA ASP A 62 -17.69 -2.11 17.71
C ASP A 62 -17.51 -3.52 17.13
N GLU A 63 -18.08 -4.54 17.78
CA GLU A 63 -17.89 -5.97 17.40
C GLU A 63 -18.29 -6.16 15.94
N GLU A 64 -19.42 -5.58 15.51
CA GLU A 64 -19.93 -5.70 14.13
C GLU A 64 -18.93 -5.11 13.15
N THR A 65 -18.47 -3.89 13.43
CA THR A 65 -17.45 -3.18 12.64
C THR A 65 -16.20 -4.08 12.51
N GLY A 66 -15.70 -4.55 13.66
CA GLY A 66 -14.54 -5.44 13.75
C GLY A 66 -14.69 -6.62 12.80
N LYS A 67 -15.80 -7.36 12.91
CA LYS A 67 -16.02 -8.62 12.18
C LYS A 67 -15.91 -8.38 10.68
N VAL A 68 -16.59 -7.34 10.21
CA VAL A 68 -16.81 -7.05 8.76
C VAL A 68 -15.51 -6.50 8.18
N LYS A 69 -14.85 -5.57 8.88
CA LYS A 69 -13.53 -5.02 8.47
C LYS A 69 -12.56 -6.20 8.25
N ALA A 70 -12.46 -7.08 9.24
CA ALA A 70 -11.65 -8.32 9.23
C ALA A 70 -12.03 -9.15 7.99
N HIS A 71 -13.31 -9.37 7.75
CA HIS A 71 -13.79 -10.07 6.54
C HIS A 71 -13.22 -9.38 5.30
N SER A 72 -13.20 -8.04 5.30
CA SER A 72 -12.77 -7.22 4.14
C SER A 72 -11.35 -7.60 3.78
N GLN A 73 -10.47 -7.72 4.79
CA GLN A 73 -9.06 -8.13 4.65
C GLN A 73 -9.03 -9.55 4.09
N THR A 74 -9.74 -10.45 4.74
CA THR A 74 -9.75 -11.88 4.45
C THR A 74 -10.03 -12.09 2.96
N ASP A 75 -10.97 -11.35 2.40
CA ASP A 75 -11.36 -11.48 0.98
C ASP A 75 -10.37 -10.73 0.09
N ARG A 76 -9.85 -9.58 0.53
CA ARG A 76 -8.82 -8.80 -0.23
C ARG A 76 -7.64 -9.72 -0.54
N GLU A 77 -7.31 -10.61 0.41
CA GLU A 77 -6.23 -11.62 0.28
C GLU A 77 -6.71 -12.77 -0.60
N ASN A 78 -7.90 -13.30 -0.38
CA ASN A 78 -8.48 -14.36 -1.26
C ASN A 78 -8.53 -13.86 -2.73
N LEU A 79 -8.68 -12.55 -2.93
CA LEU A 79 -8.74 -11.99 -4.29
C LEU A 79 -7.40 -12.26 -4.96
N ARG A 80 -6.33 -12.11 -4.19
CA ARG A 80 -4.94 -12.44 -4.61
C ARG A 80 -4.85 -13.95 -4.79
N ILE A 81 -5.19 -14.72 -3.76
CA ILE A 81 -5.08 -16.20 -3.79
C ILE A 81 -5.78 -16.72 -5.05
N ALA A 82 -6.94 -16.15 -5.35
CA ALA A 82 -7.76 -16.56 -6.47
C ALA A 82 -6.90 -16.47 -7.74
N LEU A 83 -6.38 -15.26 -8.03
CA LEU A 83 -5.51 -15.00 -9.22
C LEU A 83 -4.53 -16.15 -9.40
N ARG A 84 -3.78 -16.54 -8.36
CA ARG A 84 -2.74 -17.58 -8.50
C ARG A 84 -3.40 -18.88 -8.91
N TYR A 85 -4.36 -19.33 -8.12
CA TYR A 85 -5.11 -20.60 -8.35
C TYR A 85 -5.60 -20.70 -9.80
N TYR A 86 -5.94 -19.56 -10.43
CA TYR A 86 -6.55 -19.48 -11.79
C TYR A 86 -5.55 -18.98 -12.85
N ASN A 87 -4.26 -18.87 -12.50
CA ASN A 87 -3.17 -18.35 -13.38
C ASN A 87 -3.68 -17.13 -14.17
N GLN A 88 -4.28 -16.14 -13.49
CA GLN A 88 -4.73 -14.85 -14.09
C GLN A 88 -3.69 -13.76 -13.87
N SER A 89 -3.70 -12.74 -14.74
CA SER A 89 -2.85 -11.51 -14.70
C SER A 89 -3.21 -10.62 -13.51
N GLU A 90 -2.23 -9.85 -13.03
CA GLU A 90 -2.35 -8.96 -11.84
C GLU A 90 -2.97 -7.62 -12.24
N ALA A 91 -3.00 -7.31 -13.53
CA ALA A 91 -3.55 -6.04 -14.07
C ALA A 91 -5.08 -6.13 -14.32
N GLY A 92 -5.68 -7.33 -14.24
CA GLY A 92 -7.14 -7.50 -14.43
C GLY A 92 -7.93 -7.15 -13.17
N SER A 93 -9.14 -6.59 -13.30
CA SER A 93 -10.09 -6.32 -12.18
C SER A 93 -11.02 -7.52 -11.98
N HIS A 94 -11.21 -7.95 -10.74
CA HIS A 94 -11.97 -9.19 -10.41
C HIS A 94 -12.89 -8.98 -9.21
N THR A 95 -13.87 -9.86 -9.05
CA THR A 95 -15.03 -9.69 -8.14
C THR A 95 -15.19 -10.91 -7.26
N LEU A 96 -15.08 -10.75 -5.95
CA LEU A 96 -15.32 -11.85 -4.98
C LEU A 96 -16.49 -11.50 -4.07
N GLN A 97 -17.66 -11.96 -4.45
CA GLN A 97 -18.91 -11.83 -3.68
C GLN A 97 -18.97 -13.00 -2.71
N MET A 98 -19.45 -12.74 -1.51
CA MET A 98 -19.59 -13.72 -0.41
C MET A 98 -21.01 -13.54 0.17
N MET A 99 -21.61 -14.63 0.59
CA MET A 99 -22.92 -14.65 1.25
C MET A 99 -22.91 -15.67 2.39
N PHE A 100 -23.45 -15.29 3.53
CA PHE A 100 -23.70 -16.15 4.71
C PHE A 100 -25.01 -15.68 5.37
N GLY A 101 -25.72 -16.62 6.00
CA GLY A 101 -26.95 -16.34 6.78
C GLY A 101 -27.59 -17.59 7.38
N CYS A 102 -28.70 -17.40 8.07
CA CYS A 102 -29.53 -18.45 8.69
C CYS A 102 -31.02 -18.17 8.45
N ASP A 103 -31.84 -19.20 8.56
CA ASP A 103 -33.32 -19.14 8.51
C ASP A 103 -33.85 -19.53 9.90
N VAL A 104 -35.00 -18.99 10.27
CA VAL A 104 -35.73 -19.38 11.50
C VAL A 104 -37.16 -19.69 11.09
N GLY A 105 -37.76 -20.71 11.69
CA GLY A 105 -39.17 -21.07 11.46
C GLY A 105 -40.09 -20.10 12.18
N SER A 106 -41.39 -20.22 11.99
CA SER A 106 -42.40 -19.41 12.72
C SER A 106 -42.06 -19.45 14.22
N ASP A 107 -41.60 -20.60 14.69
CA ASP A 107 -41.24 -20.92 16.11
C ASP A 107 -40.02 -20.10 16.57
N GLY A 108 -39.13 -19.74 15.65
CA GLY A 108 -37.83 -19.11 15.97
C GLY A 108 -36.70 -20.15 16.06
N ARG A 109 -37.00 -21.42 15.74
CA ARG A 109 -36.01 -22.52 15.72
C ARG A 109 -35.09 -22.35 14.52
N PHE A 110 -33.83 -22.77 14.63
CA PHE A 110 -32.87 -22.80 13.50
C PHE A 110 -33.49 -23.67 12.41
N LEU A 111 -33.63 -23.10 11.22
CA LEU A 111 -34.28 -23.78 10.09
C LEU A 111 -33.18 -24.29 9.13
N ARG A 112 -32.23 -23.43 8.78
CA ARG A 112 -31.22 -23.75 7.74
C ARG A 112 -30.16 -22.62 7.73
N GLY A 113 -28.88 -22.98 7.59
CA GLY A 113 -27.78 -22.01 7.46
C GLY A 113 -27.22 -21.99 6.05
N TYR A 114 -26.43 -20.94 5.71
CA TYR A 114 -25.78 -20.74 4.38
C TYR A 114 -24.42 -20.03 4.52
N HIS A 115 -23.51 -20.34 3.59
CA HIS A 115 -22.12 -19.81 3.45
C HIS A 115 -21.62 -20.21 2.07
N GLN A 116 -21.41 -19.26 1.15
CA GLN A 116 -20.91 -19.53 -0.24
C GLN A 116 -20.21 -18.30 -0.82
N TYR A 117 -19.14 -18.57 -1.56
CA TYR A 117 -18.26 -17.60 -2.25
C TYR A 117 -18.49 -17.71 -3.77
N ALA A 118 -18.28 -16.62 -4.52
CA ALA A 118 -18.36 -16.60 -6.00
C ALA A 118 -17.32 -15.63 -6.58
N TYR A 119 -16.33 -16.17 -7.32
CA TYR A 119 -15.27 -15.42 -8.02
C TYR A 119 -15.79 -14.99 -9.37
N ASP A 120 -15.67 -13.70 -9.70
CA ASP A 120 -16.14 -13.12 -10.98
C ASP A 120 -17.52 -13.74 -11.31
N GLY A 121 -18.47 -13.68 -10.36
CA GLY A 121 -19.91 -14.05 -10.52
C GLY A 121 -20.13 -15.50 -10.93
N LYS A 122 -19.41 -16.44 -10.33
CA LYS A 122 -19.52 -17.91 -10.59
C LYS A 122 -19.27 -18.67 -9.28
N ASP A 123 -20.19 -19.55 -8.90
CA ASP A 123 -20.06 -20.41 -7.69
C ASP A 123 -18.61 -20.83 -7.56
N TYR A 124 -17.95 -20.49 -6.44
CA TYR A 124 -16.54 -20.89 -6.14
C TYR A 124 -16.56 -22.07 -5.14
N ILE A 125 -16.84 -21.77 -3.89
CA ILE A 125 -17.02 -22.80 -2.85
C ILE A 125 -18.32 -22.49 -2.12
N ALA A 126 -18.90 -23.50 -1.51
CA ALA A 126 -20.15 -23.39 -0.77
C ALA A 126 -20.24 -24.48 0.28
N LEU A 127 -20.77 -24.10 1.44
CA LEU A 127 -21.08 -25.00 2.57
C LEU A 127 -22.39 -25.70 2.25
N LYS A 128 -22.46 -27.01 2.40
CA LYS A 128 -23.65 -27.82 2.03
C LYS A 128 -24.77 -27.58 3.05
N GLU A 129 -25.96 -28.12 2.79
CA GLU A 129 -27.18 -27.97 3.63
C GLU A 129 -26.87 -28.41 5.06
N ASP A 130 -26.00 -29.42 5.21
CA ASP A 130 -25.69 -30.13 6.49
C ASP A 130 -24.61 -29.38 7.29
N LEU A 131 -24.05 -28.30 6.74
CA LEU A 131 -23.02 -27.45 7.41
C LEU A 131 -21.86 -28.33 7.94
N ARG A 132 -21.54 -29.42 7.26
CA ARG A 132 -20.52 -30.38 7.72
C ARG A 132 -19.49 -30.63 6.63
N SER A 133 -19.89 -30.59 5.36
CA SER A 133 -18.98 -30.78 4.20
C SER A 133 -19.09 -29.58 3.27
N TRP A 134 -18.29 -29.54 2.21
CA TRP A 134 -18.28 -28.42 1.24
C TRP A 134 -18.58 -28.93 -0.17
N THR A 135 -18.99 -28.02 -1.06
CA THR A 135 -19.17 -28.27 -2.52
C THR A 135 -18.31 -27.24 -3.28
N ALA A 136 -17.22 -27.69 -3.87
CA ALA A 136 -16.26 -26.85 -4.63
C ALA A 136 -16.62 -26.89 -6.10
N ALA A 137 -16.59 -25.74 -6.78
CA ALA A 137 -17.00 -25.57 -8.20
C ALA A 137 -16.04 -26.31 -9.15
N ASP A 138 -14.75 -26.00 -9.11
CA ASP A 138 -13.75 -26.42 -10.11
C ASP A 138 -12.53 -27.00 -9.41
N MET A 139 -11.46 -27.29 -10.16
CA MET A 139 -10.18 -27.83 -9.60
C MET A 139 -9.54 -26.76 -8.71
N ALA A 140 -9.84 -25.48 -8.96
CA ALA A 140 -9.31 -24.31 -8.21
C ALA A 140 -9.78 -24.37 -6.74
N ALA A 141 -11.10 -24.45 -6.54
CA ALA A 141 -11.74 -24.49 -5.21
C ALA A 141 -11.42 -25.82 -4.52
N GLN A 142 -11.25 -26.91 -5.28
CA GLN A 142 -10.83 -28.23 -4.74
C GLN A 142 -9.63 -28.02 -3.80
N ILE A 143 -8.73 -27.08 -4.13
CA ILE A 143 -7.60 -26.71 -3.24
C ILE A 143 -8.20 -26.17 -1.93
N THR A 144 -8.87 -25.01 -2.00
CA THR A 144 -9.50 -24.33 -0.83
C THR A 144 -10.35 -25.31 -0.05
N LYS A 145 -11.05 -26.22 -0.72
CA LYS A 145 -11.86 -27.26 -0.05
C LYS A 145 -10.95 -28.06 0.89
N ARG A 146 -9.93 -28.73 0.34
CA ARG A 146 -9.03 -29.61 1.11
C ARG A 146 -8.41 -28.82 2.27
N LYS A 147 -8.03 -27.56 2.05
CA LYS A 147 -7.52 -26.66 3.12
C LYS A 147 -8.54 -26.63 4.27
N TRP A 148 -9.77 -26.24 3.95
CA TRP A 148 -10.87 -25.96 4.91
C TRP A 148 -11.38 -27.25 5.58
N GLU A 149 -11.21 -28.39 4.91
CA GLU A 149 -11.61 -29.71 5.44
C GLU A 149 -10.69 -30.05 6.61
N ALA A 150 -9.39 -29.85 6.42
CA ALA A 150 -8.34 -30.23 7.39
C ALA A 150 -8.26 -29.20 8.52
N ALA A 151 -8.99 -28.10 8.41
CA ALA A 151 -9.02 -27.06 9.46
C ALA A 151 -10.35 -27.13 10.24
N HIS A 152 -11.26 -28.01 9.83
CA HIS A 152 -12.60 -28.17 10.44
C HIS A 152 -13.37 -26.85 10.34
N VAL A 153 -13.17 -26.08 9.29
CA VAL A 153 -13.79 -24.74 9.13
C VAL A 153 -15.32 -24.88 9.21
N ALA A 154 -15.88 -25.89 8.56
CA ALA A 154 -17.33 -26.18 8.58
C ALA A 154 -17.85 -26.11 10.01
N GLU A 155 -17.26 -26.91 10.90
CA GLU A 155 -17.61 -26.90 12.34
C GLU A 155 -17.68 -25.45 12.82
N GLN A 156 -16.66 -24.64 12.54
CA GLN A 156 -16.55 -23.23 13.04
C GLN A 156 -17.77 -22.46 12.60
N GLN A 157 -18.07 -22.56 11.31
CA GLN A 157 -19.22 -21.91 10.62
C GLN A 157 -20.54 -22.46 11.16
N ARG A 158 -20.70 -23.78 11.20
CA ARG A 158 -21.89 -24.46 11.76
C ARG A 158 -22.20 -23.80 13.12
N ALA A 159 -21.20 -23.51 13.91
CA ALA A 159 -21.33 -22.92 15.28
C ALA A 159 -21.91 -21.52 15.18
N TYR A 160 -21.38 -20.70 14.27
CA TYR A 160 -21.89 -19.33 14.00
C TYR A 160 -23.35 -19.41 13.53
N LEU A 161 -23.59 -20.19 12.48
CA LEU A 161 -24.91 -20.31 11.82
C LEU A 161 -25.97 -20.78 12.83
N GLU A 162 -25.68 -21.82 13.61
CA GLU A 162 -26.65 -22.41 14.55
C GLU A 162 -26.66 -21.62 15.86
N GLY A 163 -25.81 -20.60 15.96
CA GLY A 163 -25.65 -19.80 17.20
C GLY A 163 -25.87 -18.31 16.96
N THR A 164 -24.79 -17.54 16.90
CA THR A 164 -24.80 -16.07 16.75
C THR A 164 -25.86 -15.68 15.72
N CYS A 165 -25.80 -16.27 14.52
CA CYS A 165 -26.65 -15.90 13.37
C CYS A 165 -28.14 -15.92 13.79
N VAL A 166 -28.66 -17.06 14.22
CA VAL A 166 -30.09 -17.19 14.65
C VAL A 166 -30.36 -16.24 15.82
N ASP A 167 -29.52 -16.23 16.85
CA ASP A 167 -29.68 -15.35 18.04
C ASP A 167 -29.98 -13.90 17.58
N GLY A 168 -29.17 -13.38 16.66
CA GLY A 168 -29.32 -12.01 16.10
C GLY A 168 -30.64 -11.86 15.36
N LEU A 169 -30.92 -12.75 14.39
CA LEU A 169 -32.18 -12.78 13.57
C LEU A 169 -33.39 -12.68 14.50
N ARG A 170 -33.40 -13.51 15.54
CA ARG A 170 -34.43 -13.51 16.60
C ARG A 170 -34.48 -12.13 17.24
N ARG A 171 -33.40 -11.68 17.90
CA ARG A 171 -33.35 -10.36 18.59
C ARG A 171 -33.95 -9.28 17.68
N TYR A 172 -33.50 -9.21 16.41
CA TYR A 172 -33.92 -8.18 15.43
C TYR A 172 -35.45 -8.23 15.21
N LEU A 173 -35.99 -9.41 14.87
CA LEU A 173 -37.43 -9.60 14.61
C LEU A 173 -38.25 -9.02 15.78
N GLU A 174 -37.81 -9.26 17.03
CA GLU A 174 -38.46 -8.76 18.27
C GLU A 174 -38.14 -7.26 18.46
N ASN A 175 -36.87 -6.88 18.47
CA ASN A 175 -36.44 -5.46 18.59
C ASN A 175 -37.31 -4.58 17.69
N GLY A 176 -37.41 -4.93 16.39
CA GLY A 176 -38.16 -4.18 15.36
C GLY A 176 -39.42 -4.89 14.91
N LYS A 177 -40.07 -5.57 15.85
CA LYS A 177 -41.37 -6.29 15.69
C LYS A 177 -42.34 -5.41 14.87
N GLU A 178 -42.48 -4.14 15.27
CA GLU A 178 -43.35 -3.12 14.63
C GLU A 178 -43.22 -3.18 13.09
N THR A 179 -41.99 -3.18 12.59
CA THR A 179 -41.59 -3.02 11.16
C THR A 179 -41.55 -4.38 10.45
N LEU A 180 -40.81 -5.35 11.03
CA LEU A 180 -40.34 -6.60 10.35
C LEU A 180 -41.45 -7.65 10.25
N GLN A 181 -42.29 -7.74 11.28
CA GLN A 181 -43.36 -8.77 11.29
C GLN A 181 -44.61 -8.20 10.61
N ARG A 182 -44.61 -6.89 10.34
CA ARG A 182 -45.73 -6.21 9.64
C ARG A 182 -45.86 -6.78 8.21
N THR A 183 -47.05 -6.67 7.62
CA THR A 183 -47.25 -7.17 6.25
C THR A 183 -48.08 -6.20 5.42
N ASP A 184 -47.46 -5.10 4.98
CA ASP A 184 -48.11 -4.04 4.14
C ASP A 184 -48.87 -4.70 2.99
N PRO A 185 -50.21 -4.48 2.89
CA PRO A 185 -51.00 -5.07 1.82
C PRO A 185 -50.81 -4.25 0.53
N PRO A 186 -50.87 -4.91 -0.66
CA PRO A 186 -50.70 -4.20 -1.93
C PRO A 186 -51.92 -3.35 -2.32
N LYS A 187 -51.74 -2.02 -2.40
CA LYS A 187 -52.78 -1.07 -2.87
C LYS A 187 -52.90 -1.18 -4.40
N THR A 188 -53.73 -2.12 -4.85
CA THR A 188 -53.91 -2.52 -6.28
C THR A 188 -55.05 -1.72 -6.94
N HIS A 189 -54.76 -1.19 -8.16
CA HIS A 189 -55.74 -0.60 -9.11
C HIS A 189 -55.46 -1.15 -10.51
N MET A 190 -55.96 -0.48 -11.56
CA MET A 190 -55.92 -0.96 -12.97
C MET A 190 -56.42 0.15 -13.90
N THR A 191 -55.66 0.48 -14.95
CA THR A 191 -55.92 1.59 -15.90
C THR A 191 -55.96 1.08 -17.36
N HIS A 192 -56.62 1.85 -18.24
CA HIS A 192 -56.87 1.51 -19.67
C HIS A 192 -55.84 2.22 -20.56
N HIS A 193 -55.21 1.49 -21.52
CA HIS A 193 -54.19 2.02 -22.47
C HIS A 193 -54.57 1.62 -23.89
N PRO A 194 -55.57 2.30 -24.52
CA PRO A 194 -56.03 1.93 -25.87
C PRO A 194 -54.92 2.01 -26.94
N ILE A 195 -54.77 0.99 -27.78
CA ILE A 195 -53.64 0.84 -28.76
C ILE A 195 -54.22 0.42 -30.11
N SER A 196 -53.93 1.19 -31.15
CA SER A 196 -54.31 0.90 -32.56
C SER A 196 -55.84 0.76 -32.68
N ASP A 197 -56.29 -0.31 -33.36
CA ASP A 197 -57.72 -0.63 -33.63
C ASP A 197 -58.08 -1.92 -32.90
N HIS A 198 -59.31 -2.05 -32.39
CA HIS A 198 -59.85 -3.26 -31.71
C HIS A 198 -58.82 -3.83 -30.72
N GLU A 199 -58.12 -2.95 -29.99
CA GLU A 199 -57.00 -3.32 -29.07
C GLU A 199 -56.78 -2.23 -27.98
N ALA A 200 -56.34 -2.64 -26.78
CA ALA A 200 -56.05 -1.76 -25.62
C ALA A 200 -55.13 -2.50 -24.62
N THR A 201 -54.62 -1.80 -23.62
CA THR A 201 -53.72 -2.35 -22.58
C THR A 201 -54.35 -2.14 -21.20
N LEU A 202 -54.56 -3.22 -20.43
CA LEU A 202 -55.12 -3.16 -19.04
C LEU A 202 -53.99 -3.46 -18.05
N ARG A 203 -53.35 -2.42 -17.50
CA ARG A 203 -52.16 -2.52 -16.59
C ARG A 203 -52.65 -2.81 -15.16
N CYS A 204 -52.45 -4.05 -14.66
CA CYS A 204 -52.77 -4.45 -13.27
C CYS A 204 -51.63 -3.98 -12.35
N TRP A 205 -51.91 -2.96 -11.52
CA TRP A 205 -50.95 -2.33 -10.59
C TRP A 205 -51.04 -2.99 -9.20
N ALA A 206 -49.89 -3.14 -8.55
CA ALA A 206 -49.72 -3.58 -7.14
C ALA A 206 -48.65 -2.69 -6.52
N LEU A 207 -49.01 -1.80 -5.58
CA LEU A 207 -48.12 -0.69 -5.07
C LEU A 207 -48.00 -0.71 -3.55
N GLY A 208 -46.78 -0.47 -3.03
CA GLY A 208 -46.50 -0.23 -1.61
C GLY A 208 -46.71 -1.45 -0.72
N PHE A 209 -46.38 -2.66 -1.22
CA PHE A 209 -46.54 -3.95 -0.49
C PHE A 209 -45.17 -4.43 0.05
N TYR A 210 -45.19 -5.19 1.17
CA TYR A 210 -44.02 -5.80 1.86
C TYR A 210 -44.46 -7.09 2.54
N PRO A 211 -43.83 -8.25 2.28
CA PRO A 211 -42.60 -8.35 1.50
C PRO A 211 -42.82 -8.48 -0.01
N ALA A 212 -41.71 -8.61 -0.77
CA ALA A 212 -41.65 -8.55 -2.25
C ALA A 212 -42.24 -9.81 -2.88
N GLU A 213 -42.49 -10.87 -2.10
CA GLU A 213 -43.13 -12.11 -2.61
C GLU A 213 -44.60 -11.80 -2.92
N ILE A 214 -44.91 -11.75 -4.22
CA ILE A 214 -46.27 -11.48 -4.79
C ILE A 214 -46.37 -12.22 -6.12
N THR A 215 -47.56 -12.71 -6.47
CA THR A 215 -47.81 -13.41 -7.76
C THR A 215 -49.05 -12.81 -8.42
N LEU A 216 -48.88 -12.34 -9.68
CA LEU A 216 -49.95 -11.76 -10.52
C LEU A 216 -50.38 -12.81 -11.56
N THR A 217 -51.70 -13.04 -11.63
CA THR A 217 -52.38 -13.88 -12.66
C THR A 217 -53.31 -12.98 -13.49
N TRP A 218 -53.32 -13.17 -14.81
CA TRP A 218 -54.24 -12.50 -15.75
C TRP A 218 -55.18 -13.56 -16.33
N GLN A 219 -56.42 -13.61 -15.83
CA GLN A 219 -57.46 -14.58 -16.27
C GLN A 219 -58.58 -13.84 -17.00
N ARG A 220 -58.88 -14.29 -18.23
CA ARG A 220 -60.02 -13.80 -19.03
C ARG A 220 -61.05 -14.91 -19.17
N ASP A 221 -62.33 -14.61 -18.97
CA ASP A 221 -63.45 -15.50 -19.36
C ASP A 221 -63.45 -16.74 -18.44
N GLY A 222 -62.84 -16.64 -17.25
CA GLY A 222 -62.67 -17.76 -16.28
C GLY A 222 -61.52 -18.69 -16.68
N GLU A 223 -60.55 -18.18 -17.45
CA GLU A 223 -59.44 -18.94 -18.10
C GLU A 223 -58.14 -18.13 -17.92
N ASP A 224 -57.04 -18.76 -17.44
CA ASP A 224 -55.73 -18.09 -17.23
C ASP A 224 -55.06 -17.83 -18.60
N GLN A 225 -54.50 -16.62 -18.78
CA GLN A 225 -53.88 -16.11 -20.04
C GLN A 225 -52.45 -15.65 -19.73
N THR A 226 -51.45 -16.21 -20.45
CA THR A 226 -49.99 -15.95 -20.26
C THR A 226 -49.35 -15.30 -21.51
N GLN A 227 -49.97 -15.49 -22.70
CA GLN A 227 -49.39 -15.11 -24.04
C GLN A 227 -49.26 -13.57 -24.16
N ASP A 228 -50.31 -12.80 -23.81
CA ASP A 228 -50.35 -11.30 -23.93
C ASP A 228 -49.91 -10.62 -22.62
N THR A 229 -49.57 -11.40 -21.58
CA THR A 229 -49.16 -10.88 -20.24
C THR A 229 -47.76 -10.28 -20.35
N GLU A 230 -47.55 -9.07 -19.80
CA GLU A 230 -46.26 -8.35 -19.76
C GLU A 230 -45.94 -8.01 -18.31
N LEU A 231 -45.45 -8.99 -17.56
CA LEU A 231 -45.11 -8.88 -16.12
C LEU A 231 -43.62 -8.51 -15.98
N VAL A 232 -43.33 -7.30 -15.46
CA VAL A 232 -41.95 -6.81 -15.11
C VAL A 232 -41.55 -7.48 -13.78
N GLU A 233 -40.25 -7.79 -13.62
CA GLU A 233 -39.69 -8.28 -12.32
C GLU A 233 -40.03 -7.26 -11.22
N THR A 234 -40.40 -7.73 -10.03
CA THR A 234 -40.81 -6.87 -8.88
C THR A 234 -39.78 -5.77 -8.70
N ARG A 235 -40.18 -4.57 -8.36
CA ARG A 235 -39.24 -3.44 -8.21
C ARG A 235 -39.45 -2.77 -6.87
N PRO A 236 -38.40 -2.15 -6.29
CA PRO A 236 -38.55 -1.43 -5.02
C PRO A 236 -39.28 -0.11 -5.22
N ALA A 237 -39.83 0.43 -4.16
CA ALA A 237 -40.41 1.79 -4.09
C ALA A 237 -39.36 2.75 -3.53
N GLY A 238 -38.40 2.23 -2.77
CA GLY A 238 -37.34 3.02 -2.14
C GLY A 238 -37.75 3.49 -0.76
N ASP A 239 -39.03 3.32 -0.41
CA ASP A 239 -39.60 3.76 0.90
C ASP A 239 -39.66 2.56 1.85
N GLY A 240 -39.23 1.38 1.38
CA GLY A 240 -39.25 0.13 2.15
C GLY A 240 -40.41 -0.75 1.76
N THR A 241 -41.09 -0.43 0.66
CA THR A 241 -42.20 -1.24 0.07
C THR A 241 -41.74 -1.74 -1.30
N PHE A 242 -42.62 -2.37 -2.07
CA PHE A 242 -42.29 -2.92 -3.42
C PHE A 242 -43.44 -2.64 -4.39
N GLN A 243 -43.20 -2.88 -5.69
CA GLN A 243 -44.14 -2.61 -6.82
C GLN A 243 -44.00 -3.71 -7.87
N LYS A 244 -45.03 -3.85 -8.73
CA LYS A 244 -45.05 -4.87 -9.81
C LYS A 244 -46.28 -4.46 -10.65
N TRP A 245 -46.25 -4.61 -11.98
CA TRP A 245 -47.39 -4.46 -12.93
C TRP A 245 -47.28 -5.52 -14.05
N ALA A 246 -48.43 -6.06 -14.45
CA ALA A 246 -48.58 -6.96 -15.62
C ALA A 246 -49.74 -6.43 -16.45
N ALA A 247 -49.45 -6.03 -17.67
CA ALA A 247 -50.42 -5.53 -18.66
C ALA A 247 -50.81 -6.68 -19.58
N VAL A 248 -51.97 -6.56 -20.23
CA VAL A 248 -52.44 -7.45 -21.33
C VAL A 248 -53.01 -6.57 -22.46
N VAL A 249 -52.65 -6.87 -23.70
CA VAL A 249 -53.27 -6.24 -24.88
C VAL A 249 -54.63 -6.92 -25.06
N VAL A 250 -55.73 -6.13 -25.12
CA VAL A 250 -57.16 -6.60 -25.05
C VAL A 250 -57.98 -5.96 -26.20
N PRO A 251 -58.87 -6.73 -26.91
CA PRO A 251 -59.71 -6.14 -27.96
C PRO A 251 -60.72 -5.13 -27.41
N SER A 252 -60.96 -4.05 -28.17
CA SER A 252 -61.96 -2.98 -27.90
C SER A 252 -63.33 -3.58 -27.48
N GLY A 253 -63.78 -3.31 -26.24
CA GLY A 253 -65.13 -3.69 -25.73
C GLY A 253 -65.13 -4.95 -24.86
N GLU A 254 -64.02 -5.72 -24.84
CA GLU A 254 -63.88 -7.02 -24.10
C GLU A 254 -63.18 -6.80 -22.74
N GLU A 255 -62.98 -5.53 -22.35
CA GLU A 255 -62.29 -5.07 -21.11
C GLU A 255 -62.98 -5.66 -19.86
N GLN A 256 -64.33 -5.69 -19.83
CA GLN A 256 -65.15 -6.12 -18.65
C GLN A 256 -65.12 -7.64 -18.47
N ARG A 257 -64.45 -8.37 -19.38
CA ARG A 257 -64.36 -9.86 -19.40
C ARG A 257 -63.04 -10.32 -18.80
N TYR A 258 -62.20 -9.40 -18.29
CA TYR A 258 -60.84 -9.67 -17.75
C TYR A 258 -60.77 -9.41 -16.24
N THR A 259 -60.14 -10.34 -15.49
CA THR A 259 -59.93 -10.30 -14.01
C THR A 259 -58.44 -10.58 -13.66
N CYS A 260 -57.92 -9.86 -12.67
CA CYS A 260 -56.50 -9.91 -12.16
C CYS A 260 -56.51 -10.50 -10.74
N HIS A 261 -55.67 -11.53 -10.48
CA HIS A 261 -55.61 -12.27 -9.19
C HIS A 261 -54.27 -11.94 -8.48
N VAL A 262 -54.38 -11.25 -7.32
CA VAL A 262 -53.24 -10.73 -6.49
C VAL A 262 -53.18 -11.53 -5.16
N GLN A 263 -52.13 -12.36 -5.01
CA GLN A 263 -51.85 -13.13 -3.76
C GLN A 263 -50.65 -12.51 -3.05
N HIS A 264 -50.78 -12.27 -1.76
CA HIS A 264 -49.75 -11.66 -0.90
C HIS A 264 -50.01 -12.08 0.54
N GLU A 265 -48.96 -12.11 1.35
CA GLU A 265 -48.98 -12.54 2.77
C GLU A 265 -49.86 -11.60 3.60
N GLY A 266 -49.91 -10.30 3.24
CA GLY A 266 -50.57 -9.23 4.02
C GLY A 266 -52.08 -9.13 3.80
N LEU A 267 -52.60 -9.89 2.81
CA LEU A 267 -54.03 -9.94 2.41
C LEU A 267 -54.77 -11.01 3.23
N PRO A 268 -56.03 -10.75 3.65
CA PRO A 268 -56.88 -11.82 4.16
C PRO A 268 -57.03 -12.94 3.12
N LYS A 269 -57.50 -12.60 1.90
CA LYS A 269 -57.73 -13.56 0.78
C LYS A 269 -57.26 -12.99 -0.54
N PRO A 270 -56.98 -13.86 -1.55
CA PRO A 270 -56.53 -13.39 -2.86
C PRO A 270 -57.55 -12.39 -3.45
N LEU A 271 -57.08 -11.22 -3.94
CA LEU A 271 -57.92 -10.17 -4.59
C LEU A 271 -58.25 -10.55 -6.05
N THR A 272 -59.37 -10.03 -6.57
CA THR A 272 -59.82 -10.12 -8.00
C THR A 272 -60.16 -8.71 -8.49
N LEU A 273 -59.59 -8.29 -9.64
CA LEU A 273 -59.74 -6.91 -10.21
C LEU A 273 -60.27 -6.99 -11.65
N ARG A 274 -61.05 -5.98 -12.07
CA ARG A 274 -61.71 -5.87 -13.41
C ARG A 274 -61.56 -4.44 -13.91
N TRP A 275 -61.81 -4.18 -15.20
CA TRP A 275 -61.85 -2.79 -15.74
C TRP A 275 -63.09 -2.06 -15.18
N GLU A 276 -62.82 -1.01 -14.40
CA GLU A 276 -63.79 -0.14 -13.67
C GLU A 276 -63.80 1.26 -14.33
N PRO A 277 -64.68 1.53 -15.32
CA PRO A 277 -64.58 2.73 -16.14
C PRO A 277 -64.85 4.04 -15.38
N MET B 1 -13.68 -13.16 -16.01
CA MET B 1 -14.83 -12.24 -15.95
C MET B 1 -15.74 -12.49 -17.16
N ILE B 2 -16.94 -13.05 -16.91
CA ILE B 2 -18.06 -13.12 -17.92
C ILE B 2 -19.15 -12.12 -17.49
N GLN B 3 -19.39 -11.13 -18.36
CA GLN B 3 -20.17 -9.90 -18.09
C GLN B 3 -21.66 -10.20 -18.20
N ARG B 4 -22.50 -9.27 -17.73
CA ARG B 4 -23.99 -9.34 -17.78
C ARG B 4 -24.52 -7.91 -17.97
N THR B 5 -25.57 -7.76 -18.80
CA THR B 5 -26.19 -6.46 -19.21
C THR B 5 -27.28 -6.05 -18.23
N PRO B 6 -27.31 -4.77 -17.81
CA PRO B 6 -28.28 -4.32 -16.80
C PRO B 6 -29.72 -4.19 -17.33
N LYS B 7 -30.73 -4.52 -16.54
CA LYS B 7 -32.16 -4.23 -16.86
C LYS B 7 -32.49 -2.87 -16.25
N ILE B 8 -33.28 -2.03 -16.94
CA ILE B 8 -33.67 -0.68 -16.41
C ILE B 8 -35.19 -0.60 -16.31
N GLN B 9 -35.64 0.00 -15.22
CA GLN B 9 -37.05 0.43 -15.00
C GLN B 9 -37.00 1.80 -14.38
N VAL B 10 -37.53 2.81 -15.07
CA VAL B 10 -37.74 4.15 -14.47
C VAL B 10 -39.20 4.23 -14.05
N TYR B 11 -39.46 4.93 -12.95
CA TYR B 11 -40.80 5.13 -12.36
C TYR B 11 -40.68 6.13 -11.20
N SER B 12 -41.80 6.40 -10.54
CA SER B 12 -41.91 7.27 -9.34
C SER B 12 -42.31 6.42 -8.14
N ARG B 13 -41.99 6.86 -6.92
CA ARG B 13 -42.33 6.17 -5.63
C ARG B 13 -43.85 6.01 -5.50
N HIS B 14 -44.62 7.09 -5.76
CA HIS B 14 -46.12 7.14 -5.76
C HIS B 14 -46.61 7.55 -7.15
N PRO B 15 -47.80 7.09 -7.58
CA PRO B 15 -48.45 7.62 -8.78
C PRO B 15 -48.40 9.16 -8.80
N ALA B 16 -47.96 9.71 -9.94
CA ALA B 16 -47.55 11.10 -10.15
C ALA B 16 -48.75 12.02 -10.35
N GLU B 17 -48.71 13.17 -9.70
CA GLU B 17 -49.66 14.28 -9.90
C GLU B 17 -48.89 15.59 -10.01
N ASN B 18 -49.09 16.29 -11.12
CA ASN B 18 -48.46 17.59 -11.44
C ASN B 18 -48.70 18.57 -10.28
N GLY B 19 -47.64 18.94 -9.57
CA GLY B 19 -47.68 19.88 -8.44
C GLY B 19 -47.42 19.19 -7.13
N LYS B 20 -47.74 17.88 -7.05
CA LYS B 20 -47.53 17.04 -5.84
C LYS B 20 -46.10 16.48 -5.84
N SER B 21 -45.39 16.67 -4.72
CA SER B 21 -44.04 16.13 -4.43
C SER B 21 -44.05 14.63 -4.72
N ASN B 22 -42.89 14.07 -5.07
CA ASN B 22 -42.74 12.63 -5.39
C ASN B 22 -41.24 12.31 -5.32
N PHE B 23 -40.88 11.08 -5.67
CA PHE B 23 -39.47 10.61 -5.75
C PHE B 23 -39.28 9.88 -7.07
N LEU B 24 -38.20 10.22 -7.78
CA LEU B 24 -37.84 9.64 -9.09
C LEU B 24 -36.89 8.48 -8.89
N ASN B 25 -37.30 7.30 -9.36
CA ASN B 25 -36.62 5.99 -9.12
C ASN B 25 -36.18 5.38 -10.45
N CYS B 26 -34.88 5.07 -10.55
CA CYS B 26 -34.25 4.26 -11.63
C CYS B 26 -33.62 3.03 -10.99
N TYR B 27 -34.03 1.84 -11.44
CA TYR B 27 -33.65 0.54 -10.83
C TYR B 27 -33.03 -0.37 -11.88
N VAL B 28 -31.71 -0.55 -11.71
CA VAL B 28 -30.81 -1.41 -12.54
C VAL B 28 -30.60 -2.73 -11.78
N SER B 29 -30.68 -3.86 -12.50
CA SER B 29 -30.67 -5.22 -11.91
C SER B 29 -30.01 -6.18 -12.88
N GLY B 30 -29.73 -7.40 -12.40
CA GLY B 30 -29.19 -8.50 -13.22
C GLY B 30 -27.93 -8.10 -14.00
N PHE B 31 -27.09 -7.22 -13.43
CA PHE B 31 -25.88 -6.67 -14.11
C PHE B 31 -24.61 -7.07 -13.38
N HIS B 32 -23.49 -7.03 -14.12
CA HIS B 32 -22.16 -7.56 -13.68
C HIS B 32 -21.07 -7.14 -14.67
N PRO B 33 -19.90 -6.62 -14.21
CA PRO B 33 -19.64 -6.41 -12.77
C PRO B 33 -20.33 -5.17 -12.14
N SER B 34 -19.93 -4.85 -10.89
CA SER B 34 -20.55 -3.87 -9.97
C SER B 34 -20.50 -2.45 -10.52
N ASP B 35 -19.34 -2.04 -11.06
CA ASP B 35 -19.13 -0.67 -11.62
C ASP B 35 -20.29 -0.34 -12.56
N ILE B 36 -20.95 0.80 -12.31
CA ILE B 36 -22.05 1.32 -13.16
C ILE B 36 -22.24 2.81 -12.86
N GLU B 37 -22.32 3.63 -13.91
CA GLU B 37 -22.67 5.06 -13.84
C GLU B 37 -24.16 5.15 -14.12
N VAL B 38 -24.88 5.95 -13.34
CA VAL B 38 -26.35 6.14 -13.49
C VAL B 38 -26.69 7.59 -13.10
N ASP B 39 -27.33 8.32 -14.00
CA ASP B 39 -27.76 9.73 -13.80
C ASP B 39 -29.27 9.88 -14.01
N LEU B 40 -29.85 10.93 -13.42
CA LEU B 40 -31.28 11.31 -13.55
C LEU B 40 -31.35 12.68 -14.23
N LEU B 41 -31.99 12.73 -15.39
CA LEU B 41 -32.08 13.92 -16.27
C LEU B 41 -33.49 14.54 -16.18
N LYS B 42 -33.58 15.87 -15.95
CA LYS B 42 -34.84 16.65 -16.11
C LYS B 42 -34.82 17.26 -17.53
N ASN B 43 -35.25 16.47 -18.52
CA ASN B 43 -35.24 16.82 -19.97
C ASN B 43 -33.79 16.99 -20.44
N GLY B 44 -32.99 15.92 -20.33
CA GLY B 44 -31.62 15.84 -20.87
C GLY B 44 -30.62 16.72 -20.12
N GLU B 45 -30.85 16.97 -18.83
CA GLU B 45 -29.90 17.72 -17.93
C GLU B 45 -29.74 16.94 -16.62
N ARG B 46 -28.52 16.48 -16.36
CA ARG B 46 -28.11 15.67 -15.16
C ARG B 46 -28.58 16.38 -13.89
N ILE B 47 -29.29 15.66 -13.00
CA ILE B 47 -29.84 16.22 -11.72
C ILE B 47 -28.77 16.19 -10.63
N GLU B 48 -28.55 17.35 -10.01
CA GLU B 48 -27.43 17.71 -9.08
C GLU B 48 -27.26 16.70 -7.93
N LYS B 49 -28.29 16.51 -7.11
CA LYS B 49 -28.23 15.69 -5.86
C LYS B 49 -29.11 14.45 -6.05
N VAL B 50 -28.52 13.32 -6.43
CA VAL B 50 -29.22 12.02 -6.62
C VAL B 50 -28.53 10.99 -5.72
N GLU B 51 -29.25 10.36 -4.80
CA GLU B 51 -28.73 9.30 -3.89
C GLU B 51 -28.90 7.91 -4.55
N HIS B 52 -28.16 6.91 -4.06
CA HIS B 52 -28.17 5.50 -4.55
C HIS B 52 -28.22 4.52 -3.37
N SER B 53 -28.77 3.33 -3.61
CA SER B 53 -28.90 2.23 -2.60
C SER B 53 -27.53 1.61 -2.37
N ASP B 54 -27.44 0.65 -1.45
CA ASP B 54 -26.19 -0.07 -1.13
C ASP B 54 -26.07 -1.25 -2.08
N LEU B 55 -24.88 -1.41 -2.66
CA LEU B 55 -24.61 -2.45 -3.67
C LEU B 55 -24.92 -3.82 -3.06
N SER B 56 -25.94 -4.51 -3.57
CA SER B 56 -26.40 -5.85 -3.14
C SER B 56 -26.69 -6.70 -4.38
N PHE B 57 -26.79 -8.02 -4.27
CA PHE B 57 -26.99 -8.93 -5.43
C PHE B 57 -28.03 -10.00 -5.11
N SER B 58 -28.37 -10.83 -6.10
CA SER B 58 -29.40 -11.92 -6.02
C SER B 58 -28.73 -13.28 -6.06
N LYS B 59 -29.48 -14.38 -6.04
CA LYS B 59 -28.91 -15.78 -6.06
C LYS B 59 -28.18 -16.01 -7.39
N ASP B 60 -28.57 -15.24 -8.38
CA ASP B 60 -27.97 -15.14 -9.73
C ASP B 60 -26.56 -14.56 -9.60
N TRP B 61 -26.28 -13.91 -8.47
CA TRP B 61 -25.04 -13.13 -8.16
C TRP B 61 -25.04 -11.79 -8.92
N SER B 62 -26.05 -11.58 -9.74
CA SER B 62 -26.31 -10.31 -10.47
C SER B 62 -26.58 -9.21 -9.44
N PHE B 63 -25.94 -8.05 -9.61
CA PHE B 63 -26.12 -6.87 -8.72
C PHE B 63 -27.44 -6.13 -9.07
N TYR B 64 -27.90 -5.30 -8.14
CA TYR B 64 -29.06 -4.39 -8.33
C TYR B 64 -28.83 -3.12 -7.55
N LEU B 65 -29.35 -1.99 -8.04
CA LEU B 65 -29.25 -0.67 -7.39
C LEU B 65 -30.52 0.18 -7.66
N LEU B 66 -30.85 1.07 -6.72
CA LEU B 66 -31.89 2.10 -6.89
C LEU B 66 -31.24 3.47 -6.73
N TYR B 67 -31.33 4.28 -7.78
CA TYR B 67 -31.02 5.73 -7.77
C TYR B 67 -32.37 6.47 -7.66
N TYR B 68 -32.42 7.52 -6.83
CA TYR B 68 -33.67 8.24 -6.49
C TYR B 68 -33.38 9.69 -6.11
N THR B 69 -34.37 10.58 -6.28
CA THR B 69 -34.26 12.04 -5.95
C THR B 69 -35.67 12.65 -5.70
N GLU B 70 -35.78 13.54 -4.70
CA GLU B 70 -37.00 14.33 -4.39
C GLU B 70 -37.26 15.31 -5.53
N PHE B 71 -38.43 15.24 -6.15
CA PHE B 71 -38.85 16.12 -7.27
C PHE B 71 -40.36 16.37 -7.20
N THR B 72 -40.85 17.26 -8.06
CA THR B 72 -42.29 17.55 -8.24
C THR B 72 -42.61 17.49 -9.73
N PRO B 73 -43.21 16.38 -10.21
CA PRO B 73 -43.50 16.21 -11.64
C PRO B 73 -44.47 17.27 -12.19
N THR B 74 -44.29 17.68 -13.47
CA THR B 74 -45.21 18.61 -14.20
C THR B 74 -45.62 17.97 -15.54
N GLU B 75 -46.73 18.46 -16.12
CA GLU B 75 -47.36 17.97 -17.38
C GLU B 75 -46.33 18.00 -18.52
N LYS B 76 -45.60 19.12 -18.65
CA LYS B 76 -44.57 19.30 -19.72
C LYS B 76 -43.31 18.47 -19.40
N ASP B 77 -42.75 18.60 -18.17
CA ASP B 77 -41.47 17.96 -17.75
C ASP B 77 -41.46 16.47 -18.13
N GLU B 78 -40.35 16.04 -18.73
CA GLU B 78 -40.05 14.63 -19.10
C GLU B 78 -38.72 14.22 -18.47
N TYR B 79 -38.77 13.30 -17.52
CA TYR B 79 -37.61 12.82 -16.75
C TYR B 79 -37.09 11.54 -17.39
N ALA B 80 -35.76 11.35 -17.37
CA ALA B 80 -35.05 10.16 -17.87
C ALA B 80 -33.90 9.80 -16.95
N CYS B 81 -33.41 8.58 -17.06
CA CYS B 81 -32.30 8.01 -16.26
C CYS B 81 -31.28 7.38 -17.17
N ARG B 82 -30.08 7.97 -17.24
CA ARG B 82 -28.98 7.60 -18.17
C ARG B 82 -28.03 6.63 -17.48
N VAL B 83 -27.86 5.46 -18.06
CA VAL B 83 -27.05 4.34 -17.52
C VAL B 83 -25.87 4.10 -18.45
N ASN B 84 -24.65 4.14 -17.91
CA ASN B 84 -23.40 3.75 -18.63
C ASN B 84 -22.81 2.53 -17.90
N HIS B 85 -22.37 1.55 -18.68
CA HIS B 85 -21.80 0.26 -18.21
C HIS B 85 -20.72 -0.21 -19.19
N VAL B 86 -19.85 -1.09 -18.75
CA VAL B 86 -18.81 -1.72 -19.60
C VAL B 86 -19.52 -2.40 -20.78
N THR B 87 -20.61 -3.09 -20.48
CA THR B 87 -21.40 -3.92 -21.42
C THR B 87 -22.08 -3.05 -22.49
N LEU B 88 -22.15 -1.74 -22.27
CA LEU B 88 -22.90 -0.80 -23.16
C LEU B 88 -21.91 -0.05 -24.06
N SER B 89 -22.18 -0.06 -25.39
CA SER B 89 -21.39 0.60 -26.47
C SER B 89 -21.42 2.11 -26.26
N GLN B 90 -22.53 2.61 -25.77
CA GLN B 90 -22.72 4.04 -25.42
C GLN B 90 -23.91 4.12 -24.46
N PRO B 91 -23.96 5.16 -23.60
CA PRO B 91 -24.97 5.22 -22.55
C PRO B 91 -26.35 4.90 -23.10
N LYS B 92 -27.13 4.14 -22.33
CA LYS B 92 -28.55 3.79 -22.60
C LYS B 92 -29.40 4.77 -21.79
N ILE B 93 -30.14 5.64 -22.49
CA ILE B 93 -31.06 6.64 -21.86
C ILE B 93 -32.46 6.02 -21.82
N VAL B 94 -33.15 6.12 -20.68
CA VAL B 94 -34.52 5.57 -20.49
C VAL B 94 -35.37 6.64 -19.82
N LYS B 95 -36.34 7.16 -20.59
CA LYS B 95 -37.28 8.22 -20.20
C LYS B 95 -38.37 7.60 -19.36
N TRP B 96 -38.82 8.34 -18.36
CA TRP B 96 -39.89 7.95 -17.42
C TRP B 96 -41.23 8.01 -18.13
N ASP B 97 -41.79 6.87 -18.54
CA ASP B 97 -43.18 6.79 -19.03
C ASP B 97 -44.06 6.71 -17.78
N ARG B 98 -44.89 7.73 -17.55
CA ARG B 98 -45.64 7.93 -16.28
C ARG B 98 -46.87 7.00 -16.24
N ASP B 99 -47.06 6.13 -17.23
CA ASP B 99 -48.08 5.04 -17.22
C ASP B 99 -47.40 3.68 -17.00
N MET B 100 -46.05 3.64 -17.10
CA MET B 100 -45.20 2.42 -16.92
C MET B 100 -44.60 2.38 -15.49
N ASN C 1 -26.31 -9.92 13.20
CA ASN C 1 -24.96 -10.39 13.69
C ASN C 1 -24.16 -10.94 12.50
N TYR C 2 -23.11 -10.20 12.11
CA TYR C 2 -22.17 -10.55 11.01
C TYR C 2 -21.37 -11.79 11.42
N ASN C 3 -20.72 -12.42 10.45
CA ASN C 3 -19.98 -13.68 10.64
C ASN C 3 -18.55 -13.38 11.08
N TYR C 4 -17.94 -14.31 11.83
CA TYR C 4 -16.51 -14.30 12.22
C TYR C 4 -15.70 -15.03 11.12
N LEU C 5 -15.58 -14.38 9.96
CA LEU C 5 -14.90 -14.91 8.75
C LEU C 5 -13.44 -14.46 8.72
N TYR C 6 -12.50 -15.42 8.71
CA TYR C 6 -11.01 -15.17 8.83
C TYR C 6 -10.17 -16.16 7.99
N ARG C 7 -10.78 -17.19 7.40
CA ARG C 7 -10.08 -18.28 6.66
C ARG C 7 -9.71 -17.83 5.24
N LEU C 8 -8.66 -18.44 4.66
CA LEU C 8 -8.12 -18.12 3.32
C LEU C 8 -8.45 -19.26 2.37
N PHE C 9 -8.68 -18.94 1.08
CA PHE C 9 -8.81 -19.94 -0.02
C PHE C 9 -7.48 -20.76 -0.13
N MET D 1 -5.72 -11.45 37.97
CA MET D 1 -5.58 -10.59 36.76
C MET D 1 -6.69 -10.94 35.73
N ARG D 2 -7.33 -9.91 35.15
CA ARG D 2 -8.35 -10.01 34.03
C ARG D 2 -7.76 -10.82 32.85
N LYS D 3 -8.36 -11.97 32.51
CA LYS D 3 -7.85 -12.91 31.48
C LYS D 3 -9.00 -13.62 30.75
N GLU D 4 -9.06 -13.51 29.43
CA GLU D 4 -10.11 -14.22 28.65
C GLU D 4 -9.86 -15.72 28.67
N VAL D 5 -8.61 -16.15 28.93
CA VAL D 5 -8.23 -17.59 29.15
C VAL D 5 -7.74 -17.77 30.59
N GLU D 6 -8.45 -18.59 31.36
CA GLU D 6 -8.07 -18.81 32.78
C GLU D 6 -7.68 -20.27 32.93
N GLN D 7 -6.55 -20.52 33.59
CA GLN D 7 -6.04 -21.90 33.73
C GLN D 7 -5.47 -22.06 35.14
N ASP D 8 -6.06 -22.95 35.94
CA ASP D 8 -5.59 -23.16 37.32
C ASP D 8 -4.09 -23.44 37.24
N PRO D 9 -3.22 -22.58 37.81
CA PRO D 9 -1.80 -22.79 37.67
C PRO D 9 -1.42 -23.54 38.90
N GLY D 10 -0.12 -23.56 39.21
CA GLY D 10 0.33 -24.20 40.46
C GLY D 10 0.86 -25.54 40.01
N PRO D 11 1.99 -26.02 40.56
CA PRO D 11 2.56 -27.27 40.10
C PRO D 11 1.54 -28.36 40.35
N PHE D 12 1.41 -29.28 39.40
CA PHE D 12 0.50 -30.43 39.60
C PHE D 12 1.32 -31.71 39.63
N ASN D 13 1.88 -32.02 40.80
CA ASN D 13 2.70 -33.24 40.96
C ASN D 13 1.81 -34.46 40.69
N VAL D 14 2.22 -35.31 39.75
CA VAL D 14 1.46 -36.54 39.40
C VAL D 14 2.47 -37.67 39.17
N PRO D 15 2.20 -38.92 39.62
CA PRO D 15 3.15 -40.01 39.42
C PRO D 15 3.22 -40.45 37.96
N GLU D 16 4.35 -41.01 37.56
CA GLU D 16 4.56 -41.46 36.16
C GLU D 16 3.65 -42.66 35.92
N GLY D 17 3.03 -42.67 34.75
CA GLY D 17 2.07 -43.71 34.31
C GLY D 17 0.65 -43.33 34.67
N ALA D 18 0.49 -42.39 35.59
CA ALA D 18 -0.80 -41.88 36.07
C ALA D 18 -1.44 -41.06 34.97
N THR D 19 -2.77 -40.94 34.99
CA THR D 19 -3.52 -40.07 34.07
C THR D 19 -3.58 -38.68 34.69
N VAL D 20 -3.43 -37.67 33.84
CA VAL D 20 -3.56 -36.23 34.20
C VAL D 20 -4.67 -35.65 33.32
N ALA D 21 -5.61 -34.92 33.91
CA ALA D 21 -6.64 -34.12 33.20
C ALA D 21 -6.43 -32.67 33.54
N PHE D 22 -6.43 -31.79 32.53
CA PHE D 22 -6.29 -30.31 32.67
C PHE D 22 -7.50 -29.66 32.02
N ASN D 23 -7.87 -28.49 32.50
CA ASN D 23 -9.08 -27.76 32.04
C ASN D 23 -8.75 -26.28 31.91
N CYS D 24 -9.46 -25.61 31.01
CA CYS D 24 -9.30 -24.18 30.74
C CYS D 24 -10.64 -23.55 30.34
N THR D 25 -10.91 -22.37 30.87
CA THR D 25 -12.21 -21.69 30.79
C THR D 25 -12.01 -20.35 30.08
N TYR D 26 -12.68 -20.14 28.94
CA TYR D 26 -12.61 -18.91 28.12
C TYR D 26 -13.92 -18.12 28.28
N SER D 27 -13.80 -16.80 28.41
CA SER D 27 -14.92 -15.85 28.59
C SER D 27 -15.61 -15.57 27.26
N ASN D 28 -14.93 -14.87 26.36
CA ASN D 28 -15.49 -14.40 25.07
C ASN D 28 -16.15 -15.57 24.32
N SER D 29 -17.48 -15.52 24.22
CA SER D 29 -18.33 -16.52 23.55
C SER D 29 -17.96 -16.65 22.05
N ALA D 30 -17.43 -15.59 21.47
CA ALA D 30 -17.14 -15.46 20.02
C ALA D 30 -15.76 -16.06 19.68
N SER D 31 -15.15 -16.76 20.63
CA SER D 31 -13.92 -17.55 20.38
C SER D 31 -14.20 -18.43 19.15
N GLN D 32 -13.26 -18.57 18.20
CA GLN D 32 -13.50 -19.35 16.97
C GLN D 32 -12.64 -20.62 16.91
N SER D 33 -11.39 -20.57 17.36
CA SER D 33 -10.42 -21.70 17.29
C SER D 33 -9.90 -21.96 18.68
N PHE D 34 -9.45 -23.17 18.94
CA PHE D 34 -8.98 -23.61 20.28
C PHE D 34 -7.77 -24.50 20.13
N PHE D 35 -6.77 -24.32 21.02
CA PHE D 35 -5.47 -25.02 20.95
C PHE D 35 -4.88 -25.24 22.32
N TRP D 36 -4.11 -26.32 22.42
CA TRP D 36 -3.20 -26.66 23.54
C TRP D 36 -1.76 -26.46 23.08
N TYR D 37 -0.93 -25.87 23.93
CA TYR D 37 0.50 -25.59 23.67
C TYR D 37 1.32 -26.07 24.85
N ARG D 38 2.38 -26.82 24.57
CA ARG D 38 3.34 -27.34 25.57
C ARG D 38 4.54 -26.40 25.57
N GLN D 39 4.89 -25.80 26.69
CA GLN D 39 6.09 -24.92 26.79
C GLN D 39 7.02 -25.45 27.90
N ASP D 40 8.26 -25.83 27.53
CA ASP D 40 9.29 -26.32 28.49
C ASP D 40 9.93 -25.13 29.17
N CYS D 41 10.28 -25.25 30.46
CA CYS D 41 10.86 -24.15 31.29
C CYS D 41 12.06 -23.54 30.57
N ARG D 42 12.06 -22.22 30.42
CA ARG D 42 13.19 -21.45 29.84
C ARG D 42 13.17 -21.58 28.31
N LYS D 43 12.09 -22.12 27.73
CA LYS D 43 11.97 -22.41 26.27
C LYS D 43 10.73 -21.70 25.67
N GLU D 44 10.44 -22.00 24.40
CA GLU D 44 9.37 -21.37 23.59
C GLU D 44 8.12 -22.26 23.59
N PRO D 45 6.93 -21.67 23.33
CA PRO D 45 5.70 -22.45 23.26
C PRO D 45 5.66 -23.21 21.95
N LYS D 46 5.21 -24.46 22.01
CA LYS D 46 5.04 -25.34 20.83
C LYS D 46 3.57 -25.76 20.80
N LEU D 47 2.95 -25.70 19.65
CA LEU D 47 1.57 -26.20 19.46
C LEU D 47 1.58 -27.69 19.80
N LEU D 48 0.80 -28.11 20.78
CA LEU D 48 0.60 -29.54 21.16
C LEU D 48 -0.45 -30.15 20.22
N MET D 49 -1.61 -29.51 20.14
CA MET D 49 -2.67 -29.94 19.22
C MET D 49 -3.81 -28.97 19.30
N SER D 50 -4.55 -28.84 18.21
CA SER D 50 -5.78 -28.05 18.13
C SER D 50 -6.91 -28.91 18.68
N VAL D 51 -7.86 -28.27 19.35
CA VAL D 51 -9.00 -28.97 20.01
C VAL D 51 -10.29 -28.59 19.26
N TYR D 52 -11.02 -29.60 18.82
CA TYR D 52 -12.26 -29.46 18.04
C TYR D 52 -13.43 -30.02 18.84
N SER D 53 -14.65 -29.61 18.46
CA SER D 53 -15.92 -30.07 19.06
C SER D 53 -16.09 -31.57 18.84
N SER D 54 -15.91 -32.02 17.59
CA SER D 54 -16.09 -33.44 17.17
C SER D 54 -15.22 -34.37 18.03
N GLY D 55 -14.28 -33.81 18.80
CA GLY D 55 -13.33 -34.58 19.62
C GLY D 55 -12.04 -34.76 18.87
N ASN D 56 -10.93 -34.78 19.59
CA ASN D 56 -9.59 -34.89 18.99
C ASN D 56 -8.74 -35.91 19.78
N GLU D 57 -8.55 -37.11 19.23
CA GLU D 57 -7.69 -38.17 19.82
C GLU D 57 -6.34 -38.17 19.11
N ASP D 58 -5.27 -38.54 19.84
CA ASP D 58 -3.86 -38.52 19.37
C ASP D 58 -3.02 -39.45 20.27
N GLY D 59 -3.40 -40.73 20.40
CA GLY D 59 -2.72 -41.70 21.27
C GLY D 59 -2.87 -41.34 22.75
N ARG D 60 -1.76 -41.09 23.44
CA ARG D 60 -1.75 -40.77 24.89
C ARG D 60 -2.66 -39.57 25.14
N PHE D 61 -2.62 -38.62 24.22
CA PHE D 61 -3.32 -37.32 24.34
C PHE D 61 -4.75 -37.44 23.78
N THR D 62 -5.68 -36.76 24.46
CA THR D 62 -7.13 -36.64 24.11
C THR D 62 -7.59 -35.28 24.59
N ALA D 63 -8.36 -34.55 23.79
CA ALA D 63 -8.81 -33.17 24.12
C ALA D 63 -10.18 -32.89 23.52
N GLN D 64 -11.06 -32.26 24.30
CA GLN D 64 -12.41 -31.84 23.83
C GLN D 64 -12.61 -30.36 24.13
N LEU D 65 -13.55 -29.78 23.40
CA LEU D 65 -14.03 -28.39 23.49
C LEU D 65 -15.49 -28.44 23.82
N ASN D 66 -15.92 -27.68 24.80
CA ASN D 66 -17.36 -27.56 25.11
C ASN D 66 -17.77 -26.13 24.85
N ARG D 67 -18.20 -25.83 23.62
CA ARG D 67 -18.64 -24.46 23.21
C ARG D 67 -19.75 -24.00 24.12
N ALA D 68 -20.70 -24.88 24.35
CA ALA D 68 -21.83 -24.68 25.26
C ALA D 68 -21.34 -24.05 26.57
N SER D 69 -20.50 -24.77 27.31
CA SER D 69 -20.04 -24.42 28.68
C SER D 69 -18.74 -23.58 28.65
N GLN D 70 -18.15 -23.41 27.47
CA GLN D 70 -16.93 -22.59 27.24
C GLN D 70 -15.76 -23.09 28.10
N TYR D 71 -15.39 -24.35 27.95
CA TYR D 71 -14.16 -24.94 28.54
C TYR D 71 -13.56 -25.92 27.53
N ILE D 72 -12.23 -26.08 27.60
CA ILE D 72 -11.49 -27.12 26.84
C ILE D 72 -10.76 -28.01 27.83
N SER D 73 -10.62 -29.27 27.49
CA SER D 73 -9.91 -30.25 28.33
C SER D 73 -8.81 -30.90 27.50
N LEU D 74 -7.67 -31.12 28.14
CA LEU D 74 -6.57 -31.99 27.67
C LEU D 74 -6.40 -33.09 28.70
N LEU D 75 -6.31 -34.33 28.25
CA LEU D 75 -6.13 -35.52 29.12
C LEU D 75 -4.99 -36.38 28.57
N ILE D 76 -3.97 -36.63 29.40
CA ILE D 76 -2.72 -37.38 29.06
C ILE D 76 -2.71 -38.73 29.77
N ARG D 77 -2.77 -39.83 29.04
CA ARG D 77 -2.74 -41.20 29.65
C ARG D 77 -1.28 -41.65 29.77
N ASP D 78 -0.97 -42.59 30.65
CA ASP D 78 0.41 -43.10 30.89
C ASP D 78 1.40 -41.94 30.83
N SER D 79 1.18 -40.92 31.63
CA SER D 79 2.04 -39.72 31.76
C SER D 79 3.46 -40.18 31.87
N LYS D 80 4.39 -39.41 31.34
CA LYS D 80 5.84 -39.75 31.33
C LYS D 80 6.62 -38.55 31.81
N LEU D 81 7.73 -38.79 32.51
CA LEU D 81 8.63 -37.73 32.98
C LEU D 81 8.86 -36.74 31.81
N SER D 82 9.03 -37.26 30.61
CA SER D 82 9.30 -36.48 29.38
C SER D 82 8.25 -35.36 29.21
N ASP D 83 6.97 -35.64 29.46
CA ASP D 83 5.87 -34.65 29.19
C ASP D 83 5.60 -33.81 30.47
N SER D 84 6.58 -33.75 31.37
CA SER D 84 6.64 -32.72 32.43
C SER D 84 6.93 -31.39 31.73
N ALA D 85 6.03 -30.42 31.84
CA ALA D 85 6.17 -29.09 31.19
C ALA D 85 4.92 -28.27 31.48
N THR D 86 4.87 -27.02 31.03
CA THR D 86 3.69 -26.12 31.25
C THR D 86 2.77 -26.21 30.06
N TYR D 87 1.49 -26.48 30.29
CA TYR D 87 0.45 -26.63 29.24
C TYR D 87 -0.33 -25.30 29.18
N LEU D 88 -0.39 -24.70 27.99
CA LEU D 88 -1.00 -23.37 27.70
C LEU D 88 -2.26 -23.57 26.88
N CYS D 89 -3.35 -23.05 27.40
CA CYS D 89 -4.66 -22.99 26.73
C CYS D 89 -4.62 -21.75 25.85
N VAL D 90 -4.94 -21.91 24.57
CA VAL D 90 -4.84 -20.82 23.57
C VAL D 90 -6.13 -20.80 22.76
N VAL D 91 -6.81 -19.66 22.70
CA VAL D 91 -8.09 -19.49 21.93
C VAL D 91 -7.99 -18.22 21.08
N ASN D 92 -8.45 -18.27 19.82
CA ASN D 92 -8.50 -17.05 18.96
C ASN D 92 -9.92 -16.47 18.96
N MET D 93 -9.98 -15.20 18.66
CA MET D 93 -11.15 -14.37 18.90
C MET D 93 -10.82 -12.94 18.48
N LEU D 94 -11.83 -12.17 18.14
CA LEU D 94 -11.71 -10.86 17.48
C LEU D 94 -11.21 -9.80 18.46
N ARG D 95 -9.91 -9.54 18.49
CA ARG D 95 -9.32 -8.38 19.21
C ARG D 95 -9.33 -7.20 18.25
N ASN D 96 -9.87 -6.05 18.66
CA ASN D 96 -9.96 -4.84 17.81
C ASN D 96 -10.54 -5.25 16.46
N SER D 97 -9.78 -5.10 15.38
CA SER D 97 -10.11 -5.59 14.02
C SER D 97 -8.98 -6.51 13.58
N GLY D 98 -9.27 -7.82 13.54
CA GLY D 98 -8.30 -8.90 13.29
C GLY D 98 -8.39 -10.00 14.35
N TYR D 99 -8.66 -11.25 13.95
CA TYR D 99 -8.73 -12.43 14.85
C TYR D 99 -7.30 -12.74 15.36
N ALA D 100 -7.20 -12.98 16.66
CA ALA D 100 -5.95 -12.99 17.43
C ALA D 100 -5.98 -14.11 18.46
N LEU D 101 -4.81 -14.55 18.92
CA LEU D 101 -4.62 -15.71 19.84
C LEU D 101 -4.37 -15.24 21.26
N ASN D 102 -5.24 -15.66 22.20
CA ASN D 102 -5.10 -15.39 23.66
C ASN D 102 -4.50 -16.63 24.33
N PHE D 103 -3.47 -16.43 25.15
CA PHE D 103 -2.71 -17.50 25.81
C PHE D 103 -3.02 -17.53 27.30
N GLY D 104 -3.32 -18.69 27.85
CA GLY D 104 -3.45 -18.87 29.31
C GLY D 104 -2.10 -18.74 30.01
N LYS D 105 -2.08 -18.30 31.27
CA LYS D 105 -0.83 -18.27 32.11
C LYS D 105 -0.21 -19.67 32.06
N GLY D 106 -1.02 -20.69 31.81
CA GLY D 106 -0.59 -22.09 31.66
C GLY D 106 -0.56 -22.82 32.99
N THR D 107 -0.95 -24.11 33.00
CA THR D 107 -0.85 -25.02 34.18
C THR D 107 0.38 -25.89 34.02
N SER D 108 1.20 -26.05 35.07
CA SER D 108 2.50 -26.76 34.95
C SER D 108 2.41 -28.14 35.56
N LEU D 109 2.78 -29.14 34.76
CA LEU D 109 2.77 -30.58 35.10
C LEU D 109 4.14 -31.00 35.55
N LEU D 110 4.18 -31.87 36.52
CA LEU D 110 5.39 -32.48 37.03
C LEU D 110 5.14 -33.98 37.24
N VAL D 111 5.47 -34.78 36.24
CA VAL D 111 5.44 -36.26 36.32
C VAL D 111 6.71 -36.72 37.04
N THR D 112 6.57 -37.65 37.98
CA THR D 112 7.65 -38.09 38.88
C THR D 112 7.71 -39.61 38.92
N PRO D 113 8.92 -40.18 38.95
CA PRO D 113 9.09 -41.63 38.89
C PRO D 113 9.10 -42.20 40.29
N HIS D 114 8.52 -43.39 40.48
CA HIS D 114 8.43 -44.07 41.79
C HIS D 114 9.75 -44.77 42.07
N ILE D 115 10.37 -44.45 43.18
CA ILE D 115 11.72 -44.95 43.53
C ILE D 115 11.57 -46.32 44.19
N GLN D 116 11.86 -47.38 43.43
CA GLN D 116 11.75 -48.82 43.82
C GLN D 116 12.41 -49.10 45.17
N ASN D 117 13.65 -48.65 45.32
CA ASN D 117 14.49 -48.95 46.50
C ASN D 117 15.06 -47.65 47.01
N PRO D 118 14.27 -46.87 47.77
CA PRO D 118 14.74 -45.57 48.26
C PRO D 118 15.91 -45.77 49.23
N ASP D 119 16.71 -44.72 49.45
CA ASP D 119 17.85 -44.73 50.41
C ASP D 119 18.14 -43.31 50.86
N PRO D 120 17.19 -42.66 51.54
CA PRO D 120 17.37 -41.27 51.97
C PRO D 120 18.69 -41.08 52.69
N ALA D 121 19.49 -40.12 52.23
CA ALA D 121 20.83 -39.79 52.76
C ALA D 121 21.17 -38.33 52.47
N VAL D 122 22.02 -37.76 53.31
CA VAL D 122 22.56 -36.38 53.17
C VAL D 122 24.08 -36.47 53.29
N TYR D 123 24.78 -36.47 52.16
CA TYR D 123 26.25 -36.60 52.10
C TYR D 123 26.87 -35.20 52.02
N GLN D 124 28.10 -35.02 52.53
CA GLN D 124 28.86 -33.75 52.39
C GLN D 124 29.95 -33.97 51.36
N LEU D 125 29.91 -33.23 50.27
CA LEU D 125 30.85 -33.38 49.14
C LEU D 125 32.19 -32.72 49.48
N ARG D 126 33.27 -33.26 48.96
CA ARG D 126 34.65 -32.70 49.09
C ARG D 126 34.65 -31.25 48.62
N ASP D 127 35.32 -30.36 49.33
CA ASP D 127 35.44 -28.92 48.98
C ASP D 127 36.25 -28.77 47.69
N SER D 128 35.90 -27.77 46.87
CA SER D 128 36.75 -27.28 45.77
C SER D 128 37.91 -26.59 46.45
N LYS D 129 39.13 -27.00 46.15
CA LYS D 129 40.31 -26.49 46.89
C LYS D 129 40.18 -24.96 46.98
N SER D 130 39.62 -24.30 45.96
CA SER D 130 39.42 -22.83 45.99
C SER D 130 37.94 -22.50 45.97
N SER D 131 37.23 -22.94 47.02
CA SER D 131 35.85 -22.50 47.40
C SER D 131 35.64 -22.82 48.87
N ASP D 132 35.24 -21.78 49.63
CA ASP D 132 35.13 -21.78 51.12
C ASP D 132 33.79 -22.38 51.55
N LYS D 133 33.09 -23.06 50.65
CA LYS D 133 31.71 -23.56 50.83
C LYS D 133 31.70 -25.01 51.29
N SER D 134 31.02 -25.26 52.40
CA SER D 134 30.45 -26.59 52.74
C SER D 134 29.32 -26.77 51.74
N VAL D 135 29.27 -27.90 51.04
CA VAL D 135 28.23 -28.21 50.00
C VAL D 135 27.60 -29.57 50.34
N CYS D 136 26.29 -29.57 50.52
CA CYS D 136 25.48 -30.70 51.03
C CYS D 136 24.60 -31.25 49.92
N LEU D 137 24.47 -32.58 49.87
CA LEU D 137 23.67 -33.30 48.86
C LEU D 137 22.70 -34.25 49.54
N PHE D 138 21.42 -34.07 49.30
CA PHE D 138 20.33 -34.94 49.80
C PHE D 138 19.83 -35.70 48.58
N THR D 139 20.05 -37.03 48.55
CA THR D 139 19.75 -37.90 47.37
C THR D 139 19.04 -39.18 47.75
N ASP D 140 18.61 -39.89 46.71
CA ASP D 140 18.01 -41.24 46.73
C ASP D 140 16.81 -41.25 47.68
N PHE D 141 16.06 -40.16 47.73
CA PHE D 141 14.91 -40.01 48.64
C PHE D 141 13.65 -40.25 47.85
N ASP D 142 12.63 -40.71 48.58
CA ASP D 142 11.26 -41.00 48.10
C ASP D 142 10.73 -39.79 47.36
N SER D 143 10.12 -39.99 46.19
CA SER D 143 9.61 -38.88 45.34
C SER D 143 8.58 -38.05 46.13
N GLN D 144 7.86 -38.65 47.09
CA GLN D 144 6.85 -37.96 47.96
C GLN D 144 7.52 -36.87 48.79
N THR D 145 8.69 -37.16 49.36
CA THR D 145 9.51 -36.20 50.15
C THR D 145 9.75 -34.97 49.30
N ASN D 146 9.56 -33.78 49.83
CA ASN D 146 9.82 -32.53 49.05
C ASN D 146 10.55 -31.54 49.92
N VAL D 147 11.64 -31.01 49.39
CA VAL D 147 12.60 -30.10 50.07
C VAL D 147 11.97 -28.71 50.16
N SER D 148 12.35 -27.92 51.16
CA SER D 148 11.81 -26.56 51.43
C SER D 148 12.96 -25.55 51.51
N GLN D 149 12.73 -24.34 50.99
CA GLN D 149 13.76 -23.27 51.01
C GLN D 149 14.25 -22.90 52.41
N SER D 150 15.48 -22.40 52.49
CA SER D 150 16.19 -22.30 53.80
C SER D 150 15.66 -21.12 54.60
N LYS D 151 15.68 -21.20 55.95
CA LYS D 151 15.29 -20.04 56.79
C LYS D 151 16.39 -18.98 56.66
N ASP D 152 17.66 -19.43 56.59
CA ASP D 152 18.84 -18.54 56.51
C ASP D 152 19.07 -18.14 55.04
N SER D 153 19.27 -16.83 54.77
CA SER D 153 19.57 -16.27 53.43
C SER D 153 20.94 -16.75 52.98
N ASP D 154 21.87 -16.87 53.92
CA ASP D 154 23.27 -17.28 53.67
C ASP D 154 23.33 -18.77 53.28
N VAL D 155 22.34 -19.57 53.66
CA VAL D 155 22.23 -20.97 53.19
C VAL D 155 21.41 -20.99 51.91
N TYR D 156 21.99 -21.56 50.84
CA TYR D 156 21.37 -21.70 49.50
C TYR D 156 21.02 -23.16 49.28
N ILE D 157 19.72 -23.47 49.18
CA ILE D 157 19.27 -24.87 48.89
C ILE D 157 18.40 -24.88 47.64
N THR D 158 18.90 -25.62 46.67
CA THR D 158 18.41 -25.78 45.29
C THR D 158 17.31 -26.84 45.38
N ASP D 159 16.26 -26.76 44.57
CA ASP D 159 15.09 -27.68 44.72
C ASP D 159 15.46 -29.07 44.21
N LYS D 160 14.53 -30.02 44.35
CA LYS D 160 14.63 -31.45 43.95
C LYS D 160 14.95 -31.52 42.46
N CYS D 161 15.50 -32.66 42.01
CA CYS D 161 16.03 -32.84 40.63
C CYS D 161 16.11 -34.34 40.30
N VAL D 162 15.36 -34.80 39.31
CA VAL D 162 15.31 -36.25 38.96
C VAL D 162 16.34 -36.51 37.89
N LEU D 163 17.34 -37.34 38.16
CA LEU D 163 18.38 -37.72 37.16
C LEU D 163 18.24 -39.19 36.82
N ASP D 164 18.57 -39.52 35.58
CA ASP D 164 18.36 -40.87 35.01
C ASP D 164 19.68 -41.40 34.53
N MET D 165 20.25 -42.38 35.24
CA MET D 165 21.46 -43.13 34.81
C MET D 165 20.99 -44.24 33.88
N ARG D 166 20.49 -43.87 32.70
CA ARG D 166 19.85 -44.78 31.71
C ARG D 166 20.70 -46.03 31.57
N SER D 167 22.03 -45.85 31.55
CA SER D 167 23.09 -46.89 31.46
C SER D 167 22.75 -48.12 32.32
N MET D 168 22.34 -47.90 33.58
CA MET D 168 22.00 -48.97 34.55
C MET D 168 20.50 -48.95 34.87
N ASP D 169 19.70 -48.15 34.14
CA ASP D 169 18.23 -47.98 34.37
C ASP D 169 17.97 -47.71 35.86
N PHE D 170 18.45 -46.58 36.36
CA PHE D 170 18.32 -46.15 37.77
C PHE D 170 18.02 -44.67 37.80
N LYS D 171 17.01 -44.25 38.56
CA LYS D 171 16.64 -42.81 38.70
C LYS D 171 16.79 -42.40 40.16
N SER D 172 17.23 -41.18 40.41
CA SER D 172 17.51 -40.68 41.77
C SER D 172 17.10 -39.22 41.90
N ASN D 173 16.34 -38.92 42.95
CA ASN D 173 16.05 -37.55 43.40
C ASN D 173 17.31 -37.01 44.07
N SER D 174 17.47 -35.70 44.09
CA SER D 174 18.65 -35.03 44.65
C SER D 174 18.35 -33.56 44.84
N ALA D 175 18.80 -33.00 45.94
CA ALA D 175 18.74 -31.56 46.19
C ALA D 175 20.01 -31.15 46.92
N VAL D 176 20.58 -30.02 46.52
CA VAL D 176 21.92 -29.53 46.93
C VAL D 176 21.77 -28.31 47.84
N ALA D 177 22.59 -28.22 48.86
CA ALA D 177 22.60 -27.13 49.85
C ALA D 177 24.03 -26.66 50.07
N TRP D 178 24.30 -25.38 49.87
CA TRP D 178 25.64 -24.79 50.11
C TRP D 178 25.51 -23.52 50.92
N SER D 179 26.37 -23.35 51.88
CA SER D 179 26.62 -22.07 52.56
C SER D 179 28.10 -22.06 52.89
N ASN D 180 28.65 -20.88 53.13
CA ASN D 180 30.02 -20.74 53.68
C ASN D 180 29.89 -20.36 55.14
N LYS D 181 28.71 -19.87 55.51
CA LYS D 181 28.37 -19.38 56.85
C LYS D 181 28.75 -20.44 57.88
N SER D 182 29.54 -20.06 58.88
CA SER D 182 29.87 -20.89 60.07
C SER D 182 28.56 -21.33 60.70
N ASP D 183 28.56 -22.44 61.41
CA ASP D 183 27.33 -23.02 62.04
C ASP D 183 26.49 -23.70 60.96
N PHE D 184 26.98 -23.78 59.73
CA PHE D 184 26.32 -24.55 58.65
C PHE D 184 26.98 -25.90 58.55
N ALA D 185 26.22 -26.94 58.83
CA ALA D 185 26.68 -28.33 58.71
C ALA D 185 25.63 -29.10 57.94
N CYS D 186 26.01 -30.21 57.33
CA CYS D 186 25.13 -30.94 56.40
C CYS D 186 23.93 -31.52 57.17
N ALA D 187 24.16 -32.07 58.35
CA ALA D 187 23.07 -32.57 59.22
C ALA D 187 22.10 -31.42 59.51
N ASN D 188 22.66 -30.25 59.77
CA ASN D 188 21.92 -29.00 60.03
C ASN D 188 20.98 -28.70 58.85
N ALA D 189 21.53 -28.43 57.65
CA ALA D 189 20.78 -28.04 56.41
C ALA D 189 19.67 -29.02 56.15
N PHE D 190 18.62 -28.57 55.49
CA PHE D 190 17.41 -29.38 55.17
C PHE D 190 16.60 -29.73 56.41
N ASN D 191 16.97 -29.29 57.62
CA ASN D 191 16.10 -29.60 58.77
C ASN D 191 14.83 -28.75 58.59
N ASN D 192 14.89 -27.74 57.70
CA ASN D 192 13.73 -26.85 57.40
C ASN D 192 12.71 -27.54 56.49
N SER D 193 13.03 -28.73 55.99
CA SER D 193 12.12 -29.56 55.17
C SER D 193 11.91 -30.89 55.87
N ILE D 194 10.76 -31.52 55.65
CA ILE D 194 10.34 -32.76 56.35
C ILE D 194 10.89 -33.97 55.60
N ILE D 195 12.01 -34.51 56.09
CA ILE D 195 12.81 -35.56 55.39
C ILE D 195 12.64 -36.89 56.11
N PRO D 196 12.79 -38.03 55.41
CA PRO D 196 12.54 -39.33 56.00
C PRO D 196 13.34 -39.48 57.31
N GLU D 197 12.68 -39.98 58.35
CA GLU D 197 13.31 -40.25 59.68
C GLU D 197 14.39 -41.33 59.49
N ASP D 198 14.36 -42.01 58.34
CA ASP D 198 15.36 -43.01 57.91
C ASP D 198 16.64 -42.36 57.38
N THR D 199 16.60 -41.10 56.95
CA THR D 199 17.73 -40.45 56.23
C THR D 199 19.03 -40.79 56.93
N PHE D 200 20.00 -41.23 56.14
CA PHE D 200 21.34 -41.66 56.58
C PHE D 200 22.21 -40.42 56.68
N PHE D 201 22.84 -40.24 57.82
CA PHE D 201 23.66 -39.06 58.16
C PHE D 201 25.02 -39.52 58.68
N PRO D 202 25.99 -39.72 57.79
CA PRO D 202 27.33 -40.14 58.20
C PRO D 202 28.22 -38.92 58.47
N SER D 203 29.38 -39.11 59.12
CA SER D 203 30.44 -38.06 59.29
C SER D 203 31.70 -38.42 58.47
N PRO D 204 31.81 -38.05 57.15
CA PRO D 204 32.93 -38.49 56.30
C PRO D 204 34.31 -38.03 56.81
N GLY E 1 10.86 -34.95 14.87
CA GLY E 1 9.64 -34.16 14.60
C GLY E 1 9.98 -32.80 14.03
N SER E 2 8.97 -31.93 13.88
CA SER E 2 9.07 -30.53 13.36
C SER E 2 10.05 -29.73 14.22
N MET E 3 11.12 -29.17 13.62
CA MET E 3 12.14 -28.32 14.29
C MET E 3 11.64 -26.85 14.38
N ASN E 4 10.48 -26.54 13.75
CA ASN E 4 9.84 -25.20 13.73
C ASN E 4 10.90 -24.11 13.45
N ALA E 5 12.03 -24.50 12.83
CA ALA E 5 13.17 -23.61 12.47
C ALA E 5 12.67 -22.52 11.50
N GLY E 6 11.41 -22.63 11.05
CA GLY E 6 10.73 -21.59 10.26
C GLY E 6 10.95 -20.23 10.88
N VAL E 7 10.70 -20.09 12.18
CA VAL E 7 10.88 -18.77 12.87
C VAL E 7 12.26 -18.73 13.50
N THR E 8 13.00 -17.64 13.29
CA THR E 8 14.40 -17.44 13.78
C THR E 8 14.53 -16.06 14.43
N GLN E 9 14.89 -16.02 15.71
CA GLN E 9 15.12 -14.76 16.46
C GLN E 9 16.59 -14.66 16.75
N THR E 10 17.05 -13.44 16.98
CA THR E 10 18.47 -13.09 17.14
C THR E 10 18.54 -11.68 17.71
N PRO E 11 19.20 -11.45 18.86
CA PRO E 11 20.00 -12.45 19.54
C PRO E 11 19.21 -13.28 20.53
N LYS E 12 19.81 -14.32 21.07
CA LYS E 12 19.21 -15.26 22.05
C LYS E 12 19.33 -14.67 23.46
N PHE E 13 20.31 -13.78 23.66
CA PHE E 13 20.60 -13.10 24.94
C PHE E 13 21.18 -11.72 24.64
N GLN E 14 20.75 -10.73 25.43
CA GLN E 14 21.23 -9.33 25.39
C GLN E 14 21.17 -8.74 26.78
N VAL E 15 22.01 -7.74 27.04
CA VAL E 15 22.08 -6.99 28.31
C VAL E 15 22.34 -5.52 27.96
N LEU E 16 21.80 -4.57 28.73
CA LEU E 16 21.76 -3.13 28.32
C LEU E 16 21.85 -2.17 29.51
N LYS E 17 22.49 -1.03 29.29
CA LYS E 17 22.41 0.16 30.17
C LYS E 17 21.01 0.73 29.95
N THR E 18 20.33 1.21 30.97
CA THR E 18 18.93 1.69 30.83
C THR E 18 18.83 2.68 29.66
N GLY E 19 19.88 3.45 29.39
CA GLY E 19 19.86 4.48 28.32
C GLY E 19 19.77 3.86 26.92
N GLN E 20 20.53 2.80 26.69
CA GLN E 20 20.82 2.18 25.37
C GLN E 20 19.55 1.84 24.62
N SER E 21 19.65 1.97 23.29
CA SER E 21 18.68 1.48 22.26
C SER E 21 19.19 0.14 21.74
N MET E 22 18.31 -0.61 21.08
CA MET E 22 18.53 -2.03 20.75
C MET E 22 17.39 -2.49 19.85
N THR E 23 17.67 -3.36 18.91
CA THR E 23 16.62 -3.96 18.03
C THR E 23 16.79 -5.48 17.97
N LEU E 24 15.73 -6.23 18.31
CA LEU E 24 15.65 -7.71 18.14
C LEU E 24 15.20 -7.96 16.72
N GLN E 25 15.59 -9.09 16.12
CA GLN E 25 15.18 -9.44 14.74
C GLN E 25 14.48 -10.78 14.75
N CYS E 26 13.63 -11.00 13.75
CA CYS E 26 12.79 -12.21 13.58
C CYS E 26 12.58 -12.49 12.11
N ALA E 27 12.53 -13.76 11.74
CA ALA E 27 12.41 -14.19 10.33
C ALA E 27 11.70 -15.52 10.26
N GLN E 28 10.80 -15.67 9.30
CA GLN E 28 10.01 -16.89 9.09
C GLN E 28 10.14 -17.32 7.63
N ASP E 29 10.55 -18.55 7.42
CA ASP E 29 10.91 -19.12 6.11
C ASP E 29 9.68 -19.83 5.56
N MET E 30 8.61 -19.84 6.34
CA MET E 30 7.41 -20.67 6.10
C MET E 30 6.42 -20.00 5.15
N ASN E 31 6.65 -18.72 4.80
CA ASN E 31 5.84 -17.98 3.79
C ASN E 31 4.49 -17.58 4.42
N HIS E 32 4.46 -17.44 5.74
CA HIS E 32 3.32 -16.87 6.50
C HIS E 32 3.25 -15.37 6.23
N ASN E 33 2.11 -14.78 6.52
CA ASN E 33 1.80 -13.34 6.24
C ASN E 33 1.92 -12.57 7.53
N SER E 34 1.40 -13.18 8.61
CA SER E 34 1.24 -12.55 9.94
C SER E 34 2.36 -13.02 10.87
N MET E 35 3.08 -12.05 11.42
CA MET E 35 4.17 -12.25 12.39
C MET E 35 3.82 -11.43 13.61
N TYR E 36 4.25 -11.88 14.78
CA TYR E 36 3.91 -11.29 16.07
C TYR E 36 5.15 -11.20 16.96
N TRP E 37 5.25 -10.12 17.75
CA TRP E 37 6.26 -9.90 18.80
C TRP E 37 5.60 -9.90 20.18
N TYR E 38 5.74 -11.00 20.93
CA TYR E 38 5.23 -11.21 22.31
C TYR E 38 6.30 -10.88 23.37
N ARG E 39 5.88 -10.93 24.63
CA ARG E 39 6.70 -10.59 25.79
C ARG E 39 6.20 -11.40 27.00
N GLN E 40 6.90 -12.48 27.34
CA GLN E 40 6.58 -13.40 28.47
C GLN E 40 7.24 -12.93 29.77
N ASP E 41 6.46 -12.40 30.72
CA ASP E 41 6.96 -12.01 32.06
C ASP E 41 6.29 -12.93 33.08
N PRO E 42 7.03 -13.43 34.08
CA PRO E 42 6.50 -14.42 35.02
C PRO E 42 5.29 -13.89 35.74
N GLY E 43 4.24 -14.70 35.86
CA GLY E 43 3.01 -14.35 36.58
C GLY E 43 2.10 -13.44 35.77
N MET E 44 2.37 -13.24 34.47
CA MET E 44 1.48 -12.51 33.53
C MET E 44 1.41 -13.26 32.21
N GLY E 45 2.42 -14.08 31.92
CA GLY E 45 2.45 -14.93 30.72
C GLY E 45 2.70 -14.10 29.48
N LEU E 46 2.30 -14.62 28.32
CA LEU E 46 2.51 -13.95 27.02
C LEU E 46 1.60 -12.74 26.95
N ARG E 47 2.16 -11.59 26.60
CA ARG E 47 1.42 -10.35 26.27
C ARG E 47 1.96 -9.86 24.93
N LEU E 48 1.09 -9.49 24.00
CA LEU E 48 1.51 -9.04 22.65
C LEU E 48 1.97 -7.58 22.68
N ILE E 49 3.09 -7.28 22.03
CA ILE E 49 3.64 -5.89 21.89
C ILE E 49 3.05 -5.26 20.62
N TYR E 50 3.53 -5.69 19.45
CA TYR E 50 2.98 -5.33 18.11
C TYR E 50 2.77 -6.63 17.31
N TYR E 51 2.17 -6.53 16.11
CA TYR E 51 1.95 -7.67 15.18
C TYR E 51 1.92 -7.13 13.76
N SER E 52 1.79 -8.00 12.76
CA SER E 52 1.76 -7.59 11.32
C SER E 52 0.98 -8.59 10.50
N ALA E 53 -0.31 -8.32 10.30
CA ALA E 53 -1.27 -9.26 9.69
C ALA E 53 -0.86 -9.55 8.24
N SER E 54 -0.35 -8.55 7.51
CA SER E 54 0.04 -8.64 6.07
C SER E 54 1.48 -8.20 5.89
N GLU E 55 1.99 -8.25 4.66
CA GLU E 55 3.40 -7.93 4.32
C GLU E 55 3.65 -6.44 4.50
N GLY E 56 2.60 -5.64 4.38
CA GLY E 56 2.74 -4.18 4.30
C GLY E 56 2.49 -3.50 5.61
N THR E 57 1.56 -4.01 6.37
CA THR E 57 0.93 -3.29 7.48
C THR E 57 1.41 -3.84 8.82
N THR E 58 1.35 -3.01 9.86
CA THR E 58 1.61 -3.37 11.28
C THR E 58 0.53 -2.75 12.15
N ASP E 59 0.35 -3.28 13.36
CA ASP E 59 -0.61 -2.74 14.37
C ASP E 59 -0.09 -3.00 15.81
N LYS E 60 -0.51 -2.14 16.74
CA LYS E 60 -0.18 -2.22 18.18
C LYS E 60 -0.91 -3.41 18.80
N GLY E 61 -0.32 -4.01 19.81
CA GLY E 61 -0.95 -5.07 20.63
C GLY E 61 -1.28 -4.56 22.03
N GLU E 62 -1.16 -5.44 23.01
CA GLU E 62 -1.58 -5.20 24.39
C GLU E 62 -0.60 -4.23 25.08
N VAL E 63 0.68 -4.21 24.73
CA VAL E 63 1.70 -3.37 25.44
C VAL E 63 2.76 -2.90 24.47
N PRO E 64 2.46 -1.89 23.65
CA PRO E 64 3.42 -1.40 22.66
C PRO E 64 4.22 -0.15 23.08
N ASN E 65 4.32 0.09 24.37
CA ASN E 65 4.95 1.34 24.87
C ASN E 65 6.42 1.05 25.12
N GLY E 66 7.29 1.95 24.62
CA GLY E 66 8.75 1.80 24.65
C GLY E 66 9.25 1.00 23.46
N TYR E 67 8.34 0.29 22.79
CA TYR E 67 8.59 -0.58 21.62
C TYR E 67 8.05 0.06 20.34
N ASN E 68 8.67 -0.32 19.23
CA ASN E 68 8.29 0.02 17.84
C ASN E 68 8.77 -1.12 16.95
N VAL E 69 7.99 -1.47 15.94
CA VAL E 69 8.35 -2.56 15.01
C VAL E 69 8.44 -1.99 13.62
N SER E 70 8.91 -2.82 12.69
CA SER E 70 8.92 -2.59 11.22
C SER E 70 8.98 -3.95 10.53
N ARG E 71 7.93 -4.28 9.78
CA ARG E 71 7.88 -5.49 8.92
C ARG E 71 8.55 -5.14 7.61
N LEU E 72 9.87 -5.25 7.58
CA LEU E 72 10.76 -4.81 6.48
C LEU E 72 10.42 -5.54 5.18
N ASN E 73 9.71 -6.67 5.27
CA ASN E 73 9.63 -7.63 4.15
C ASN E 73 8.75 -8.82 4.58
N LYS E 74 8.42 -9.75 3.66
CA LYS E 74 7.49 -10.89 3.93
C LYS E 74 8.05 -11.80 5.02
N ARG E 75 9.36 -11.82 5.16
CA ARG E 75 10.08 -12.81 5.97
C ARG E 75 10.49 -12.22 7.32
N GLU E 76 10.79 -10.91 7.37
CA GLU E 76 11.42 -10.24 8.53
C GLU E 76 10.47 -9.28 9.24
N PHE E 77 10.57 -9.24 10.57
CA PHE E 77 9.74 -8.42 11.48
C PHE E 77 10.61 -8.04 12.68
N SER E 78 10.98 -6.76 12.77
CA SER E 78 11.97 -6.24 13.74
C SER E 78 11.27 -5.59 14.91
N LEU E 79 11.67 -5.90 16.14
CA LEU E 79 11.22 -5.20 17.38
C LEU E 79 12.35 -4.28 17.83
N ARG E 80 12.05 -3.05 18.19
CA ARG E 80 13.10 -2.04 18.47
C ARG E 80 12.79 -1.30 19.75
N LEU E 81 13.72 -1.35 20.71
CA LEU E 81 13.67 -0.60 22.00
C LEU E 81 14.51 0.68 21.87
N GLU E 82 13.86 1.83 21.70
CA GLU E 82 14.53 3.10 21.36
C GLU E 82 15.36 3.58 22.56
N SER E 83 14.91 3.29 23.77
CA SER E 83 15.61 3.68 25.02
C SER E 83 15.18 2.73 26.14
N ALA E 84 16.01 1.73 26.39
CA ALA E 84 15.71 0.60 27.29
C ALA E 84 15.29 1.13 28.65
N ALA E 85 14.66 0.30 29.43
CA ALA E 85 14.28 0.61 30.79
C ALA E 85 14.21 -0.67 31.60
N PRO E 86 14.64 -0.63 32.87
CA PRO E 86 14.57 -1.80 33.72
C PRO E 86 13.26 -2.54 33.45
N SER E 87 12.18 -1.78 33.46
CA SER E 87 10.79 -2.24 33.19
C SER E 87 10.76 -3.22 32.01
N GLN E 88 11.51 -2.95 30.95
CA GLN E 88 11.48 -3.71 29.66
C GLN E 88 12.33 -4.99 29.75
N THR E 89 12.91 -5.29 30.91
CA THR E 89 13.64 -6.57 31.09
C THR E 89 12.60 -7.67 31.08
N SER E 90 12.62 -8.52 30.08
CA SER E 90 11.71 -9.68 29.97
C SER E 90 12.34 -10.76 29.11
N VAL E 91 11.55 -11.75 28.75
CA VAL E 91 11.81 -12.64 27.61
C VAL E 91 10.89 -12.20 26.50
N TYR E 92 11.41 -12.12 25.31
CA TYR E 92 10.69 -11.65 24.12
C TYR E 92 10.62 -12.79 23.14
N PHE E 93 9.40 -13.10 22.72
CA PHE E 93 9.12 -14.11 21.70
C PHE E 93 8.49 -13.48 20.51
N CYS E 94 8.95 -13.90 19.36
CA CYS E 94 8.41 -13.57 18.05
C CYS E 94 7.80 -14.84 17.49
N ALA E 95 6.79 -14.71 16.62
CA ALA E 95 6.08 -15.87 16.04
C ALA E 95 5.39 -15.44 14.78
N SER E 96 5.14 -16.40 13.88
CA SER E 96 4.42 -16.22 12.59
C SER E 96 3.34 -17.31 12.45
N SER E 97 2.32 -17.06 11.62
CA SER E 97 1.20 -18.00 11.32
C SER E 97 0.72 -17.70 9.93
N GLU E 98 0.18 -18.71 9.21
CA GLU E 98 -0.28 -18.55 7.79
C GLU E 98 -0.92 -17.16 7.64
N SER E 99 -1.94 -16.88 8.46
CA SER E 99 -2.67 -15.59 8.55
C SER E 99 -3.19 -15.40 9.97
N GLY E 100 -3.77 -14.23 10.27
CA GLY E 100 -4.38 -13.95 11.59
C GLY E 100 -5.35 -15.05 12.03
N GLY E 101 -5.20 -15.52 13.29
CA GLY E 101 -6.13 -16.48 13.93
C GLY E 101 -5.72 -17.91 13.70
N TYR E 102 -4.66 -18.07 12.93
CA TYR E 102 -4.09 -19.39 12.57
C TYR E 102 -3.05 -19.76 13.66
N GLU E 103 -2.85 -21.07 13.87
CA GLU E 103 -1.87 -21.61 14.84
C GLU E 103 -0.54 -20.89 14.62
N GLN E 104 0.08 -20.40 15.69
CA GLN E 104 1.32 -19.62 15.64
C GLN E 104 2.52 -20.52 15.89
N TYR E 105 3.53 -20.34 15.08
CA TYR E 105 4.85 -20.99 15.18
C TYR E 105 5.77 -19.93 15.79
N PHE E 106 6.51 -20.28 16.85
CA PHE E 106 7.35 -19.35 17.65
C PHE E 106 8.84 -19.59 17.45
N GLY E 107 9.60 -18.49 17.49
CA GLY E 107 11.08 -18.48 17.50
C GLY E 107 11.61 -18.97 18.84
N PRO E 108 12.92 -19.17 19.00
CA PRO E 108 13.44 -19.69 20.24
C PRO E 108 13.26 -18.70 21.40
N GLY E 109 13.06 -17.43 21.09
CA GLY E 109 12.92 -16.37 22.09
C GLY E 109 14.26 -15.78 22.50
N THR E 110 14.24 -14.57 23.06
CA THR E 110 15.43 -13.74 23.37
C THR E 110 15.34 -13.20 24.78
N ARG E 111 16.36 -13.46 25.59
CA ARG E 111 16.38 -13.04 27.01
C ARG E 111 17.15 -11.73 27.10
N LEU E 112 16.45 -10.64 27.43
CA LEU E 112 17.01 -9.27 27.50
C LEU E 112 16.91 -8.75 28.95
N THR E 113 17.98 -8.11 29.43
CA THR E 113 18.10 -7.55 30.80
C THR E 113 18.65 -6.14 30.73
N VAL E 114 18.01 -5.22 31.43
CA VAL E 114 18.35 -3.77 31.48
C VAL E 114 18.79 -3.43 32.90
N THR E 115 19.95 -2.78 33.06
CA THR E 115 20.59 -2.51 34.36
C THR E 115 21.02 -1.05 34.42
N GLU E 116 20.84 -0.39 35.57
CA GLU E 116 21.16 1.05 35.78
C GLU E 116 22.62 1.31 35.37
N ASP E 117 23.45 0.27 35.42
CA ASP E 117 24.90 0.35 35.09
C ASP E 117 25.41 -1.04 34.76
N LEU E 118 26.31 -1.14 33.79
CA LEU E 118 26.89 -2.43 33.30
C LEU E 118 27.83 -3.01 34.37
N LYS E 119 28.28 -2.17 35.31
CA LYS E 119 29.14 -2.57 36.46
C LYS E 119 28.45 -3.68 37.26
N ASN E 120 27.15 -3.90 37.02
CA ASN E 120 26.32 -4.87 37.77
C ASN E 120 26.40 -6.23 37.10
N VAL E 121 26.98 -6.29 35.89
CA VAL E 121 27.20 -7.57 35.14
C VAL E 121 28.40 -8.27 35.75
N PHE E 122 28.29 -9.58 35.97
CA PHE E 122 29.37 -10.45 36.48
C PHE E 122 29.26 -11.82 35.86
N PRO E 123 30.39 -12.39 35.41
CA PRO E 123 30.38 -13.73 34.86
C PRO E 123 30.34 -14.73 36.00
N PRO E 124 29.98 -15.99 35.72
CA PRO E 124 29.82 -16.97 36.77
C PRO E 124 31.16 -17.44 37.29
N GLU E 125 31.19 -17.84 38.54
CA GLU E 125 32.31 -18.60 39.11
C GLU E 125 31.85 -20.04 39.18
N VAL E 126 32.51 -20.93 38.43
CA VAL E 126 32.21 -22.38 38.40
C VAL E 126 33.25 -23.11 39.23
N ALA E 127 32.76 -23.99 40.11
CA ALA E 127 33.54 -24.85 41.00
C ALA E 127 32.92 -26.24 40.96
N VAL E 128 33.76 -27.29 41.04
CA VAL E 128 33.26 -28.68 41.06
C VAL E 128 33.59 -29.27 42.41
N PHE E 129 32.62 -29.99 42.98
CA PHE E 129 32.69 -30.62 44.33
C PHE E 129 32.66 -32.12 44.13
N GLU E 130 33.78 -32.80 44.46
CA GLU E 130 34.04 -34.23 44.11
C GLU E 130 33.14 -35.12 44.98
N PRO E 131 32.78 -36.32 44.49
CA PRO E 131 31.86 -37.21 45.20
C PRO E 131 32.17 -37.37 46.70
N SER E 132 31.17 -37.68 47.53
CA SER E 132 31.32 -37.94 48.98
C SER E 132 31.84 -39.36 49.21
N GLU E 133 32.81 -39.52 50.10
CA GLU E 133 33.34 -40.84 50.47
C GLU E 133 32.17 -41.65 50.99
N ALA E 134 31.38 -41.03 51.86
CA ALA E 134 30.17 -41.63 52.48
C ALA E 134 29.29 -42.24 51.38
N GLU E 135 29.00 -41.47 50.34
CA GLU E 135 28.14 -41.87 49.21
C GLU E 135 28.74 -43.10 48.51
N ILE E 136 30.02 -43.04 48.08
CA ILE E 136 30.63 -44.11 47.22
C ILE E 136 30.55 -45.44 47.97
N SER E 137 30.56 -45.39 49.30
CA SER E 137 30.67 -46.59 50.18
C SER E 137 29.28 -47.16 50.47
N HIS E 138 28.31 -46.31 50.74
CA HIS E 138 26.90 -46.70 51.02
C HIS E 138 26.23 -47.21 49.73
N THR E 139 26.36 -46.46 48.63
CA THR E 139 25.51 -46.63 47.44
C THR E 139 26.26 -47.15 46.22
N GLN E 140 27.58 -47.19 46.27
CA GLN E 140 28.40 -47.71 45.16
C GLN E 140 28.17 -46.82 43.94
N LYS E 141 28.06 -45.51 44.18
CA LYS E 141 27.77 -44.48 43.16
C LYS E 141 28.31 -43.13 43.65
N ALA E 142 28.84 -42.31 42.75
CA ALA E 142 29.49 -41.02 43.08
C ALA E 142 28.72 -39.88 42.42
N THR E 143 28.28 -38.92 43.21
CA THR E 143 27.57 -37.70 42.73
C THR E 143 28.58 -36.54 42.77
N LEU E 144 28.94 -36.00 41.59
CA LEU E 144 29.67 -34.71 41.45
C LEU E 144 28.65 -33.59 41.43
N VAL E 145 28.97 -32.48 42.08
CA VAL E 145 28.10 -31.28 42.13
C VAL E 145 28.88 -30.12 41.58
N CYS E 146 28.26 -29.38 40.70
CA CYS E 146 28.84 -28.17 40.09
C CYS E 146 28.02 -26.93 40.50
N LEU E 147 28.74 -25.88 40.87
CA LEU E 147 28.15 -24.63 41.40
C LEU E 147 28.66 -23.42 40.61
N ALA E 148 27.86 -22.96 39.66
CA ALA E 148 28.01 -21.65 39.01
C ALA E 148 27.30 -20.58 39.84
N THR E 149 28.03 -19.51 40.23
CA THR E 149 27.57 -18.49 41.19
C THR E 149 28.14 -17.09 40.92
N GLY E 150 27.40 -16.09 41.37
CA GLY E 150 27.73 -14.66 41.27
C GLY E 150 27.65 -14.17 39.84
N PHE E 151 26.83 -14.77 39.00
CA PHE E 151 26.72 -14.34 37.60
C PHE E 151 25.47 -13.48 37.45
N TYR E 152 25.58 -12.44 36.59
CA TYR E 152 24.52 -11.46 36.22
C TYR E 152 24.80 -10.90 34.83
N PRO E 153 23.83 -10.92 33.91
CA PRO E 153 22.49 -11.39 34.19
C PRO E 153 22.41 -12.92 34.32
N ASP E 154 21.21 -13.48 34.33
CA ASP E 154 20.99 -14.95 34.52
C ASP E 154 21.11 -15.64 33.17
N HIS E 155 21.89 -15.08 32.25
CA HIS E 155 22.10 -15.62 30.89
C HIS E 155 23.26 -16.65 30.86
N VAL E 156 22.94 -17.93 31.10
CA VAL E 156 23.95 -19.02 31.18
C VAL E 156 23.37 -20.34 30.70
N GLU E 157 24.21 -21.14 30.05
CA GLU E 157 23.96 -22.55 29.72
C GLU E 157 25.12 -23.36 30.32
N LEU E 158 24.81 -24.46 31.00
CA LEU E 158 25.78 -25.28 31.79
C LEU E 158 25.77 -26.73 31.30
N SER E 159 26.90 -27.17 30.75
CA SER E 159 27.13 -28.54 30.21
C SER E 159 28.06 -29.30 31.14
N TRP E 160 28.03 -30.62 31.02
CA TRP E 160 28.94 -31.56 31.70
C TRP E 160 29.74 -32.29 30.62
N TRP E 161 31.05 -32.31 30.73
CA TRP E 161 31.94 -32.98 29.74
C TRP E 161 32.74 -34.06 30.42
N VAL E 162 32.59 -35.29 29.94
CA VAL E 162 33.34 -36.47 30.45
C VAL E 162 34.27 -36.94 29.33
N ASN E 163 35.56 -36.68 29.48
CA ASN E 163 36.61 -37.17 28.56
C ASN E 163 36.42 -36.55 27.18
N GLY E 164 36.10 -35.26 27.15
CA GLY E 164 36.09 -34.46 25.92
C GLY E 164 34.74 -34.51 25.22
N LYS E 165 33.85 -35.43 25.59
CA LYS E 165 32.47 -35.45 25.02
C LYS E 165 31.49 -35.03 26.12
N GLU E 166 30.53 -34.18 25.74
CA GLU E 166 29.43 -33.71 26.60
C GLU E 166 28.56 -34.92 26.95
N VAL E 167 28.12 -35.02 28.20
CA VAL E 167 27.23 -36.11 28.69
C VAL E 167 25.86 -35.51 29.01
N HIS E 168 24.84 -36.34 29.05
CA HIS E 168 23.47 -35.94 29.43
C HIS E 168 22.91 -36.95 30.43
N SER E 169 23.30 -38.22 30.32
CA SER E 169 22.90 -39.30 31.24
C SER E 169 23.64 -39.12 32.56
N GLY E 170 22.90 -39.17 33.66
CA GLY E 170 23.43 -39.00 35.03
C GLY E 170 23.46 -37.53 35.44
N VAL E 171 22.97 -36.65 34.57
CA VAL E 171 22.96 -35.19 34.86
C VAL E 171 21.56 -34.76 35.25
N CYS E 172 21.51 -33.70 36.01
CA CYS E 172 20.31 -32.97 36.44
C CYS E 172 20.76 -31.60 36.86
N THR E 173 20.49 -30.60 36.06
CA THR E 173 20.79 -29.19 36.37
C THR E 173 19.49 -28.48 36.76
N ASP E 174 19.56 -27.63 37.77
CA ASP E 174 18.46 -26.74 38.18
C ASP E 174 17.76 -26.25 36.91
N PRO E 175 16.42 -26.31 36.83
CA PRO E 175 15.70 -25.74 35.71
C PRO E 175 15.99 -24.24 35.60
N GLN E 176 16.20 -23.56 36.74
CA GLN E 176 16.37 -22.08 36.78
C GLN E 176 17.43 -21.63 37.78
N PRO E 177 18.17 -20.55 37.46
CA PRO E 177 19.09 -19.93 38.41
C PRO E 177 18.38 -19.34 39.64
N LEU E 178 19.14 -18.98 40.67
CA LEU E 178 18.63 -18.49 41.97
C LEU E 178 19.11 -17.07 42.19
N LYS E 179 18.24 -16.19 42.63
CA LYS E 179 18.65 -14.86 43.13
C LYS E 179 19.33 -15.06 44.48
N GLU E 180 20.63 -14.80 44.57
CA GLU E 180 21.41 -14.87 45.83
C GLU E 180 20.74 -13.94 46.85
N GLN E 181 20.23 -12.77 46.42
CA GLN E 181 19.43 -11.82 47.27
C GLN E 181 18.05 -11.65 46.66
N PRO E 182 17.11 -12.60 46.84
CA PRO E 182 15.81 -12.52 46.18
C PRO E 182 15.12 -11.16 46.38
N ALA E 183 15.37 -10.50 47.50
CA ALA E 183 14.84 -9.16 47.83
C ALA E 183 15.30 -8.12 46.80
N LEU E 184 16.60 -7.87 46.73
CA LEU E 184 17.24 -6.89 45.83
C LEU E 184 16.97 -7.28 44.38
N ASN E 185 16.66 -6.32 43.50
CA ASN E 185 16.73 -6.52 42.03
C ASN E 185 18.20 -6.31 41.67
N ASP E 186 18.63 -6.77 40.53
CA ASP E 186 20.07 -6.70 40.15
C ASP E 186 20.86 -7.71 41.01
N SER E 187 20.15 -8.57 41.78
CA SER E 187 20.76 -9.70 42.53
C SER E 187 21.52 -10.57 41.56
N ARG E 188 22.73 -10.98 41.90
CA ARG E 188 23.47 -11.97 41.07
C ARG E 188 22.73 -13.29 41.20
N TYR E 189 22.94 -14.20 40.25
CA TYR E 189 22.25 -15.51 40.19
C TYR E 189 23.26 -16.63 40.52
N ALA E 190 22.74 -17.84 40.78
CA ALA E 190 23.52 -19.06 41.08
C ALA E 190 22.82 -20.29 40.48
N LEU E 191 23.58 -21.14 39.75
CA LEU E 191 23.07 -22.41 39.20
C LEU E 191 23.75 -23.57 39.91
N SER E 192 23.08 -24.73 39.94
CA SER E 192 23.61 -25.97 40.55
C SER E 192 23.23 -27.17 39.70
N SER E 193 24.24 -28.02 39.38
CA SER E 193 24.09 -29.26 38.57
C SER E 193 24.76 -30.39 39.28
N ARG E 194 24.40 -31.60 38.91
CA ARG E 194 24.94 -32.84 39.50
C ARG E 194 25.04 -33.89 38.41
N LEU E 195 26.24 -34.45 38.28
CA LEU E 195 26.53 -35.64 37.46
C LEU E 195 26.74 -36.82 38.41
N ARG E 196 26.18 -37.98 38.07
CA ARG E 196 26.35 -39.21 38.87
C ARG E 196 26.89 -40.32 37.98
N VAL E 197 27.76 -41.15 38.55
CA VAL E 197 28.52 -42.20 37.85
C VAL E 197 28.75 -43.37 38.81
N SER E 198 28.90 -44.59 38.29
CA SER E 198 29.29 -45.78 39.07
C SER E 198 30.63 -45.48 39.73
N ALA E 199 30.75 -45.76 41.02
CA ALA E 199 31.99 -45.50 41.80
C ALA E 199 33.21 -46.00 41.01
N THR E 200 33.14 -47.23 40.48
CA THR E 200 34.24 -47.88 39.68
C THR E 200 34.76 -46.88 38.66
N PHE E 201 33.87 -46.35 37.84
CA PHE E 201 34.15 -45.33 36.79
C PHE E 201 34.89 -44.14 37.41
N TRP E 202 34.35 -43.54 38.47
CA TRP E 202 34.90 -42.31 39.08
C TRP E 202 36.26 -42.56 39.72
N GLN E 203 36.50 -43.76 40.19
CA GLN E 203 37.76 -44.09 40.89
C GLN E 203 38.91 -44.23 39.87
N ASP E 204 38.58 -44.58 38.62
CA ASP E 204 39.50 -44.74 37.47
C ASP E 204 40.11 -43.36 37.15
N PRO E 205 41.45 -43.17 37.27
CA PRO E 205 42.08 -41.85 37.14
C PRO E 205 42.36 -41.40 35.69
N ARG E 206 41.89 -42.18 34.72
CA ARG E 206 41.92 -41.85 33.28
C ARG E 206 40.66 -41.04 32.96
N ASN E 207 39.62 -41.20 33.77
CA ASN E 207 38.32 -40.51 33.58
C ASN E 207 38.49 -39.06 34.03
N HIS E 208 38.20 -38.11 33.12
CA HIS E 208 38.26 -36.63 33.34
C HIS E 208 36.85 -36.00 33.19
N PHE E 209 36.56 -35.02 34.04
CA PHE E 209 35.25 -34.35 34.14
C PHE E 209 35.44 -32.83 34.12
N ARG E 210 34.54 -32.16 33.42
CA ARG E 210 34.49 -30.68 33.38
C ARG E 210 33.03 -30.24 33.43
N CYS E 211 32.77 -29.30 34.32
CA CYS E 211 31.56 -28.50 34.37
C CYS E 211 31.79 -27.22 33.58
N GLN E 212 31.16 -27.11 32.42
CA GLN E 212 31.27 -25.92 31.53
C GLN E 212 30.03 -25.05 31.66
N VAL E 213 30.23 -23.74 31.81
CA VAL E 213 29.14 -22.72 31.89
C VAL E 213 29.39 -21.61 30.88
N GLN E 214 28.61 -21.58 29.79
CA GLN E 214 28.56 -20.41 28.87
C GLN E 214 27.85 -19.28 29.59
N PHE E 215 28.35 -18.06 29.41
CA PHE E 215 27.82 -16.83 30.03
C PHE E 215 27.67 -15.82 28.91
N TYR E 216 26.62 -15.00 28.94
CA TYR E 216 26.38 -13.99 27.90
C TYR E 216 26.41 -12.59 28.51
N GLY E 217 27.59 -11.98 28.41
CA GLY E 217 27.93 -10.67 28.97
C GLY E 217 28.11 -9.64 27.89
N LEU E 218 29.14 -8.81 28.01
CA LEU E 218 29.38 -7.64 27.12
C LEU E 218 30.17 -8.11 25.92
N SER E 219 30.37 -7.22 24.93
CA SER E 219 31.17 -7.42 23.69
C SER E 219 32.27 -6.36 23.65
N GLU E 220 33.40 -6.63 23.02
CA GLU E 220 34.58 -5.73 23.12
C GLU E 220 34.21 -4.32 22.55
N ASN E 221 33.13 -4.20 21.77
CA ASN E 221 32.62 -2.87 21.33
C ASN E 221 32.06 -2.09 22.55
N ASP E 222 31.54 -2.78 23.59
CA ASP E 222 31.00 -2.15 24.85
C ASP E 222 32.15 -1.46 25.59
N GLU E 223 31.85 -0.68 26.64
CA GLU E 223 32.86 0.14 27.38
C GLU E 223 32.94 -0.33 28.81
N TRP E 224 34.15 -0.53 29.32
CA TRP E 224 34.42 -0.98 30.70
C TRP E 224 35.43 -0.04 31.37
N THR E 225 34.99 0.57 32.47
CA THR E 225 35.74 1.57 33.26
C THR E 225 36.20 0.93 34.59
N GLN E 226 35.53 -0.15 35.01
CA GLN E 226 35.76 -0.85 36.30
C GLN E 226 37.13 -1.51 36.27
N ASP E 227 37.83 -1.53 37.41
CA ASP E 227 39.17 -2.20 37.49
C ASP E 227 39.02 -3.67 37.12
N ARG E 228 37.90 -4.30 37.53
CA ARG E 228 37.70 -5.74 37.28
C ARG E 228 37.78 -6.05 35.78
N ALA E 229 38.11 -7.31 35.44
CA ALA E 229 38.19 -7.71 34.01
C ALA E 229 36.81 -7.58 33.38
N LYS E 230 36.76 -7.08 32.15
CA LYS E 230 35.51 -6.79 31.41
C LYS E 230 34.69 -8.08 31.35
N PRO E 231 33.42 -8.06 31.82
CA PRO E 231 32.59 -9.27 31.91
C PRO E 231 31.98 -9.64 30.57
N VAL E 232 32.80 -10.05 29.63
CA VAL E 232 32.36 -10.37 28.25
C VAL E 232 31.77 -11.76 28.24
N THR E 233 30.99 -12.06 27.21
CA THR E 233 30.41 -13.40 26.96
C THR E 233 31.58 -14.41 26.82
N GLN E 234 31.45 -15.55 27.51
CA GLN E 234 32.56 -16.48 27.76
C GLN E 234 32.07 -17.80 28.37
N ILE E 235 32.96 -18.78 28.48
CA ILE E 235 32.68 -20.11 29.06
C ILE E 235 33.60 -20.29 30.25
N VAL E 236 33.08 -20.17 31.44
CA VAL E 236 33.78 -20.52 32.69
C VAL E 236 33.56 -22.02 32.92
N SER E 237 34.58 -22.76 33.33
CA SER E 237 34.47 -24.22 33.60
C SER E 237 35.30 -24.61 34.81
N ALA E 238 34.97 -25.74 35.42
CA ALA E 238 35.72 -26.37 36.52
C ALA E 238 36.02 -27.80 36.12
N GLU E 239 37.11 -28.35 36.64
CA GLU E 239 37.72 -29.58 36.12
C GLU E 239 37.88 -30.54 37.29
N ALA E 240 37.94 -31.83 37.02
CA ALA E 240 38.19 -32.89 38.04
C ALA E 240 38.55 -34.22 37.37
N TRP E 241 39.63 -34.85 37.83
CA TRP E 241 40.05 -36.20 37.43
C TRP E 241 39.45 -37.27 38.37
N GLY E 242 39.41 -38.52 37.91
CA GLY E 242 39.13 -39.67 38.78
C GLY E 242 40.27 -39.90 39.77
N ARG E 243 39.94 -40.37 40.97
CA ARG E 243 40.91 -40.70 42.05
C ARG E 243 40.47 -42.04 42.67
N ALA E 244 41.37 -43.03 42.71
CA ALA E 244 41.07 -44.41 43.15
C ALA E 244 41.17 -44.55 44.68
N ASP E 245 40.77 -45.73 45.20
CA ASP E 245 40.86 -46.12 46.64
C ASP E 245 42.36 -46.18 47.04
N GLY F 2 -19.25 35.84 4.64
CA GLY F 2 -18.04 35.20 5.21
C GLY F 2 -17.08 34.73 4.13
N SER F 3 -15.81 35.11 4.24
CA SER F 3 -14.69 34.63 3.38
C SER F 3 -14.28 33.24 3.88
N HIS F 4 -14.11 32.27 2.99
CA HIS F 4 -13.76 30.86 3.33
C HIS F 4 -12.37 30.57 2.82
N SER F 5 -11.76 29.45 3.23
CA SER F 5 -10.39 29.03 2.84
C SER F 5 -10.28 27.51 2.80
N MET F 6 -9.37 27.01 1.94
CA MET F 6 -8.96 25.58 1.88
C MET F 6 -7.46 25.52 2.16
N ARG F 7 -7.04 24.58 3.02
CA ARG F 7 -5.63 24.23 3.32
C ARG F 7 -5.43 22.72 3.24
N TYR F 8 -4.40 22.28 2.53
CA TYR F 8 -3.87 20.90 2.63
C TYR F 8 -2.55 20.96 3.43
N PHE F 9 -2.28 19.96 4.28
CA PHE F 9 -1.09 19.89 5.18
C PHE F 9 -0.40 18.53 5.00
N SER F 10 0.81 18.51 4.42
CA SER F 10 1.63 17.29 4.23
C SER F 10 2.57 17.15 5.42
N THR F 11 3.10 15.95 5.65
CA THR F 11 4.08 15.67 6.73
C THR F 11 4.91 14.43 6.39
N SER F 12 6.15 14.64 5.91
CA SER F 12 7.14 13.57 5.62
C SER F 12 8.10 13.41 6.81
N VAL F 13 8.27 12.18 7.30
CA VAL F 13 9.12 11.84 8.49
C VAL F 13 10.04 10.68 8.13
N SER F 14 11.35 10.92 8.02
CA SER F 14 12.38 9.88 7.74
C SER F 14 12.52 8.97 8.95
N ARG F 15 12.54 7.67 8.72
CA ARG F 15 12.74 6.63 9.75
C ARG F 15 13.86 5.73 9.24
N PRO F 16 15.13 6.22 9.27
CA PRO F 16 16.26 5.54 8.62
C PRO F 16 16.43 4.08 9.06
N GLY F 17 16.74 3.21 8.10
CA GLY F 17 16.97 1.76 8.31
C GLY F 17 15.70 1.02 8.71
N ARG F 18 14.52 1.65 8.53
CA ARG F 18 13.17 1.11 8.89
C ARG F 18 12.13 1.51 7.82
N GLY F 19 12.53 1.71 6.56
CA GLY F 19 11.60 1.99 5.43
C GLY F 19 11.61 3.44 4.95
N GLU F 20 11.02 3.68 3.76
CA GLU F 20 10.84 5.04 3.20
C GLU F 20 10.03 5.83 4.21
N PRO F 21 10.20 7.15 4.26
CA PRO F 21 9.51 7.96 5.24
C PRO F 21 7.98 7.80 5.21
N ARG F 22 7.37 8.13 6.35
CA ARG F 22 5.91 8.18 6.58
C ARG F 22 5.40 9.52 6.08
N PHE F 23 4.45 9.50 5.16
CA PHE F 23 3.83 10.72 4.58
C PHE F 23 2.33 10.77 4.92
N ILE F 24 1.93 11.83 5.61
CA ILE F 24 0.53 12.04 6.07
C ILE F 24 0.08 13.43 5.64
N ALA F 25 -0.76 13.47 4.61
CA ALA F 25 -1.35 14.70 4.07
C ALA F 25 -2.84 14.74 4.45
N VAL F 26 -3.33 15.93 4.78
CA VAL F 26 -4.73 16.17 5.23
C VAL F 26 -5.19 17.48 4.70
N GLY F 27 -6.47 17.56 4.31
CA GLY F 27 -7.12 18.76 3.74
C GLY F 27 -8.29 19.26 4.59
N TYR F 28 -8.39 20.58 4.75
CA TYR F 28 -9.49 21.29 5.46
C TYR F 28 -10.07 22.40 4.57
N VAL F 29 -11.39 22.62 4.62
CA VAL F 29 -12.07 23.89 4.18
C VAL F 29 -12.41 24.66 5.47
N ASP F 30 -11.78 25.81 5.66
CA ASP F 30 -11.82 26.58 6.94
C ASP F 30 -11.35 25.66 8.07
N ASP F 31 -12.24 25.30 9.01
CA ASP F 31 -11.90 24.54 10.24
C ASP F 31 -12.46 23.12 10.17
N THR F 32 -13.03 22.70 9.04
CA THR F 32 -13.57 21.34 8.82
C THR F 32 -12.65 20.59 7.86
N GLN F 33 -12.20 19.40 8.26
CA GLN F 33 -11.33 18.52 7.42
C GLN F 33 -12.24 17.59 6.61
N PHE F 34 -11.77 17.12 5.45
CA PHE F 34 -12.59 16.31 4.50
C PHE F 34 -11.80 15.13 3.93
N VAL F 35 -10.53 15.30 3.60
CA VAL F 35 -9.73 14.18 3.06
C VAL F 35 -8.42 14.05 3.82
N ARG F 36 -7.75 12.93 3.61
CA ARG F 36 -6.43 12.59 4.20
C ARG F 36 -5.75 11.52 3.36
N PHE F 37 -4.49 11.32 3.60
CA PHE F 37 -3.71 10.24 2.98
C PHE F 37 -2.59 9.87 3.93
N ASP F 38 -2.38 8.58 4.12
CA ASP F 38 -1.38 8.01 5.05
C ASP F 38 -0.59 6.94 4.28
N SER F 39 0.67 7.24 4.00
CA SER F 39 1.61 6.38 3.23
C SER F 39 1.65 4.95 3.77
N ASP F 40 1.16 4.72 5.02
CA ASP F 40 1.27 3.42 5.75
C ASP F 40 -0.08 2.69 5.87
N ALA F 41 -1.22 3.36 5.71
CA ALA F 41 -2.53 2.67 5.70
C ALA F 41 -2.57 1.78 4.45
N ALA F 42 -3.39 0.72 4.43
CA ALA F 42 -3.42 -0.28 3.34
C ALA F 42 -4.19 0.25 2.12
N SER F 43 -5.13 1.20 2.32
CA SER F 43 -6.03 1.80 1.28
C SER F 43 -5.22 2.30 0.09
N GLN F 44 -4.14 3.03 0.36
CA GLN F 44 -3.22 3.58 -0.67
C GLN F 44 -4.03 4.45 -1.60
N ARG F 45 -4.98 5.20 -1.03
CA ARG F 45 -5.91 6.12 -1.74
C ARG F 45 -6.23 7.32 -0.85
N MET F 46 -6.69 8.39 -1.45
CA MET F 46 -7.25 9.54 -0.74
C MET F 46 -8.60 9.11 -0.13
N GLU F 47 -8.67 9.13 1.19
CA GLU F 47 -9.89 8.73 1.95
C GLU F 47 -10.67 9.97 2.33
N PRO F 48 -12.01 9.92 2.18
CA PRO F 48 -12.89 10.99 2.67
C PRO F 48 -12.95 11.02 4.21
N ARG F 49 -13.37 12.15 4.80
CA ARG F 49 -13.42 12.39 6.27
C ARG F 49 -14.71 13.15 6.67
N ALA F 50 -15.17 14.03 5.80
CA ALA F 50 -16.49 14.68 5.91
C ALA F 50 -17.49 13.83 5.14
N PRO F 51 -18.79 13.82 5.52
CA PRO F 51 -19.79 13.08 4.76
C PRO F 51 -19.87 13.53 3.29
N TRP F 52 -19.79 14.83 3.05
CA TRP F 52 -20.19 15.50 1.77
C TRP F 52 -19.20 15.25 0.63
N ILE F 53 -17.92 15.05 0.92
CA ILE F 53 -16.89 14.87 -0.14
C ILE F 53 -17.09 13.50 -0.82
N GLU F 54 -17.83 12.56 -0.17
CA GLU F 54 -18.12 11.21 -0.74
C GLU F 54 -18.86 11.38 -2.06
N GLN F 55 -19.62 12.47 -2.17
CA GLN F 55 -20.38 12.91 -3.37
C GLN F 55 -19.53 12.74 -4.63
N GLU F 56 -18.22 13.01 -4.53
CA GLU F 56 -17.26 12.99 -5.67
C GLU F 56 -17.22 11.59 -6.30
N GLY F 57 -17.15 11.52 -7.63
CA GLY F 57 -17.14 10.26 -8.40
C GLY F 57 -15.77 9.59 -8.37
N PRO F 58 -15.63 8.40 -9.00
CA PRO F 58 -14.37 7.67 -9.00
C PRO F 58 -13.19 8.48 -9.58
N GLU F 59 -13.42 9.18 -10.69
CA GLU F 59 -12.40 10.04 -11.35
C GLU F 59 -11.71 10.90 -10.30
N TYR F 60 -12.48 11.60 -9.45
CA TYR F 60 -11.94 12.54 -8.41
C TYR F 60 -10.92 11.85 -7.53
N TRP F 61 -11.33 10.71 -6.96
CA TRP F 61 -10.53 9.90 -6.00
C TRP F 61 -9.23 9.45 -6.68
N ASP F 62 -9.33 8.88 -7.87
CA ASP F 62 -8.15 8.46 -8.66
C ASP F 62 -7.22 9.66 -8.80
N GLU F 63 -7.66 10.74 -9.43
CA GLU F 63 -6.81 11.93 -9.71
C GLU F 63 -6.22 12.46 -8.41
N GLU F 64 -7.03 12.57 -7.38
CA GLU F 64 -6.61 13.09 -6.07
C GLU F 64 -5.52 12.18 -5.48
N THR F 65 -5.77 10.86 -5.49
CA THR F 65 -4.81 9.82 -5.02
C THR F 65 -3.50 10.00 -5.76
N GLY F 66 -3.55 10.05 -7.08
CA GLY F 66 -2.37 10.24 -7.95
C GLY F 66 -1.55 11.44 -7.51
N LYS F 67 -2.20 12.60 -7.37
CA LYS F 67 -1.53 13.90 -7.06
C LYS F 67 -0.76 13.78 -5.75
N VAL F 68 -1.40 13.23 -4.73
CA VAL F 68 -0.89 13.22 -3.33
C VAL F 68 0.20 12.15 -3.22
N LYS F 69 -0.01 10.96 -3.77
CA LYS F 69 1.02 9.88 -3.83
C LYS F 69 2.29 10.48 -4.44
N ALA F 70 2.16 11.09 -5.61
CA ALA F 70 3.24 11.77 -6.34
C ALA F 70 3.92 12.77 -5.41
N HIS F 71 3.16 13.61 -4.74
CA HIS F 71 3.69 14.58 -3.75
C HIS F 71 4.54 13.83 -2.73
N SER F 72 4.07 12.67 -2.28
CA SER F 72 4.71 11.86 -1.20
C SER F 72 6.12 11.54 -1.63
N GLN F 73 6.30 11.11 -2.88
CA GLN F 73 7.61 10.79 -3.50
C GLN F 73 8.45 12.05 -3.56
N THR F 74 7.88 13.10 -4.12
CA THR F 74 8.56 14.38 -4.37
C THR F 74 9.24 14.84 -3.08
N ASP F 75 8.55 14.74 -1.96
CA ASP F 75 9.05 15.19 -0.64
C ASP F 75 10.01 14.14 -0.06
N ARG F 76 9.74 12.85 -0.26
CA ARG F 76 10.62 11.74 0.23
C ARG F 76 12.02 11.95 -0.33
N GLU F 77 12.12 12.45 -1.56
CA GLU F 77 13.39 12.76 -2.24
C GLU F 77 13.94 14.08 -1.70
N ASN F 78 13.11 15.11 -1.57
CA ASN F 78 13.54 16.41 -0.97
C ASN F 78 14.09 16.17 0.44
N LEU F 79 13.56 15.17 1.15
CA LEU F 79 14.05 14.82 2.50
C LEU F 79 15.52 14.48 2.40
N ARG F 80 15.87 13.72 1.37
CA ARG F 80 17.26 13.31 1.08
C ARG F 80 18.04 14.55 0.66
N ILE F 81 17.55 15.28 -0.33
CA ILE F 81 18.26 16.49 -0.86
C ILE F 81 18.51 17.44 0.31
N ALA F 82 17.55 17.60 1.20
CA ALA F 82 17.65 18.51 2.37
C ALA F 82 18.91 18.15 3.16
N LEU F 83 19.00 16.91 3.64
CA LEU F 83 20.09 16.54 4.57
C LEU F 83 21.43 16.66 3.84
N ARG F 84 21.48 16.46 2.52
CA ARG F 84 22.74 16.70 1.77
C ARG F 84 23.05 18.20 1.82
N TYR F 85 22.10 19.07 1.45
CA TYR F 85 22.26 20.56 1.49
C TYR F 85 22.76 21.02 2.87
N TYR F 86 22.42 20.30 3.95
CA TYR F 86 22.78 20.67 5.36
C TYR F 86 23.90 19.76 5.92
N ASN F 87 24.55 18.99 5.04
CA ASN F 87 25.69 18.07 5.37
C ASN F 87 25.40 17.34 6.69
N GLN F 88 24.21 16.72 6.81
CA GLN F 88 23.70 16.04 8.04
C GLN F 88 23.93 14.53 7.95
N SER F 89 23.92 13.85 9.10
CA SER F 89 24.03 12.38 9.22
C SER F 89 22.83 11.70 8.56
N GLU F 90 23.08 10.55 7.93
CA GLU F 90 22.05 9.78 7.16
C GLU F 90 21.25 8.89 8.12
N ALA F 91 21.73 8.72 9.37
CA ALA F 91 21.10 7.86 10.40
C ALA F 91 20.09 8.68 11.25
N GLY F 92 20.03 10.01 11.09
CA GLY F 92 19.09 10.87 11.86
C GLY F 92 17.69 10.87 11.25
N SER F 93 16.64 10.98 12.08
CA SER F 93 15.21 11.12 11.63
C SER F 93 14.86 12.61 11.49
N HIS F 94 14.21 13.00 10.39
CA HIS F 94 13.92 14.42 10.05
C HIS F 94 12.49 14.58 9.51
N THR F 95 11.99 15.83 9.47
CA THR F 95 10.57 16.18 9.19
C THR F 95 10.47 17.23 8.09
N LEU F 96 9.76 16.93 7.01
CA LEU F 96 9.46 17.92 5.94
C LEU F 96 7.96 18.12 5.81
N GLN F 97 7.46 19.13 6.54
CA GLN F 97 6.06 19.55 6.54
C GLN F 97 5.88 20.58 5.42
N MET F 98 4.76 20.51 4.71
CA MET F 98 4.47 21.44 3.60
C MET F 98 2.99 21.82 3.65
N MET F 99 2.68 23.03 3.18
CA MET F 99 1.31 23.57 3.18
C MET F 99 1.07 24.36 1.90
N PHE F 100 -0.09 24.15 1.29
CA PHE F 100 -0.57 24.85 0.09
C PHE F 100 -2.09 25.05 0.19
N GLY F 101 -2.62 26.11 -0.45
CA GLY F 101 -4.06 26.40 -0.46
C GLY F 101 -4.41 27.76 -1.05
N CYS F 102 -5.70 28.08 -1.05
CA CYS F 102 -6.27 29.31 -1.63
C CYS F 102 -7.36 29.88 -0.71
N ASP F 103 -7.71 31.16 -0.92
CA ASP F 103 -8.79 31.90 -0.21
C ASP F 103 -9.84 32.37 -1.23
N VAL F 104 -11.11 32.35 -0.88
CA VAL F 104 -12.21 32.91 -1.70
C VAL F 104 -13.07 33.79 -0.80
N GLY F 105 -13.56 34.89 -1.34
CA GLY F 105 -14.45 35.83 -0.63
C GLY F 105 -15.86 35.30 -0.60
N SER F 106 -16.77 36.07 0.00
CA SER F 106 -18.22 35.78 0.00
C SER F 106 -18.67 35.54 -1.45
N ASP F 107 -18.15 36.32 -2.41
CA ASP F 107 -18.56 36.27 -3.84
C ASP F 107 -18.03 34.98 -4.50
N GLY F 108 -17.02 34.34 -3.93
CA GLY F 108 -16.39 33.12 -4.48
C GLY F 108 -15.17 33.45 -5.34
N ARG F 109 -14.80 34.73 -5.41
CA ARG F 109 -13.61 35.23 -6.16
C ARG F 109 -12.32 34.78 -5.46
N PHE F 110 -11.26 34.51 -6.22
CA PHE F 110 -9.91 34.21 -5.68
C PHE F 110 -9.49 35.38 -4.79
N LEU F 111 -8.92 35.10 -3.61
CA LEU F 111 -8.53 36.13 -2.63
C LEU F 111 -7.02 36.08 -2.34
N ARG F 112 -6.47 34.89 -2.21
CA ARG F 112 -5.04 34.72 -1.81
C ARG F 112 -4.58 33.29 -2.13
N GLY F 113 -3.33 33.15 -2.59
CA GLY F 113 -2.68 31.85 -2.85
C GLY F 113 -1.70 31.51 -1.73
N TYR F 114 -1.41 30.21 -1.50
CA TYR F 114 -0.54 29.72 -0.39
C TYR F 114 0.33 28.52 -0.84
N HIS F 115 1.63 28.54 -0.45
CA HIS F 115 2.64 27.47 -0.72
C HIS F 115 3.90 27.75 0.11
N GLN F 116 4.22 26.92 1.11
CA GLN F 116 5.46 27.04 1.92
C GLN F 116 5.84 25.70 2.53
N TYR F 117 7.16 25.46 2.63
CA TYR F 117 7.83 24.23 3.16
C TYR F 117 8.56 24.56 4.48
N ALA F 118 8.74 23.56 5.36
CA ALA F 118 9.51 23.69 6.62
C ALA F 118 10.25 22.37 6.96
N TYR F 119 11.58 22.40 6.94
CA TYR F 119 12.48 21.27 7.31
C TYR F 119 12.69 21.28 8.83
N ASP F 120 12.45 20.14 9.46
CA ASP F 120 12.56 19.96 10.93
C ASP F 120 11.97 21.20 11.60
N GLY F 121 10.72 21.57 11.26
CA GLY F 121 9.93 22.63 11.92
C GLY F 121 10.60 24.01 11.89
N LYS F 122 11.09 24.43 10.73
CA LYS F 122 11.67 25.78 10.50
C LYS F 122 11.41 26.18 9.06
N ASP F 123 10.81 27.36 8.85
CA ASP F 123 10.57 27.93 7.51
C ASP F 123 11.76 27.59 6.62
N TYR F 124 11.52 26.87 5.51
CA TYR F 124 12.55 26.51 4.50
C TYR F 124 12.43 27.46 3.31
N ILE F 125 11.41 27.28 2.49
CA ILE F 125 11.08 28.19 1.37
C ILE F 125 9.59 28.49 1.42
N ALA F 126 9.18 29.61 0.86
CA ALA F 126 7.78 30.07 0.84
C ALA F 126 7.53 30.95 -0.38
N LEU F 127 6.36 30.76 -0.99
CA LEU F 127 5.83 31.56 -2.11
C LEU F 127 5.26 32.86 -1.53
N LYS F 128 5.63 34.01 -2.10
CA LYS F 128 5.21 35.34 -1.60
C LYS F 128 3.73 35.56 -1.94
N GLU F 129 3.13 36.65 -1.42
CA GLU F 129 1.69 37.00 -1.60
C GLU F 129 1.36 37.11 -3.10
N ASP F 130 2.35 37.54 -3.92
CA ASP F 130 2.20 37.86 -5.36
C ASP F 130 2.34 36.59 -6.22
N LEU F 131 2.65 35.44 -5.61
CA LEU F 131 2.76 34.11 -6.29
C LEU F 131 3.70 34.23 -7.52
N ARG F 132 4.73 35.07 -7.43
CA ARG F 132 5.66 35.33 -8.56
C ARG F 132 7.11 35.16 -8.14
N SER F 133 7.44 35.45 -6.88
CA SER F 133 8.81 35.28 -6.32
C SER F 133 8.74 34.40 -5.07
N TRP F 134 9.89 34.07 -4.51
CA TRP F 134 10.01 33.18 -3.32
C TRP F 134 10.74 33.93 -2.19
N THR F 135 10.61 33.42 -0.95
CA THR F 135 11.35 33.87 0.25
C THR F 135 12.02 32.64 0.88
N ALA F 136 13.34 32.51 0.70
CA ALA F 136 14.17 31.37 1.19
C ALA F 136 14.76 31.72 2.55
N ALA F 137 14.69 30.80 3.50
CA ALA F 137 15.07 31.00 4.92
C ALA F 137 16.59 31.19 5.06
N ASP F 138 17.39 30.25 4.57
CA ASP F 138 18.85 30.20 4.81
C ASP F 138 19.59 29.99 3.49
N MET F 139 20.91 29.80 3.57
CA MET F 139 21.84 29.48 2.45
C MET F 139 21.37 28.20 1.73
N ALA F 140 20.79 27.26 2.48
CA ALA F 140 20.33 25.93 2.00
C ALA F 140 19.23 26.11 0.95
N ALA F 141 18.16 26.81 1.32
CA ALA F 141 16.98 27.07 0.47
C ALA F 141 17.36 28.00 -0.69
N GLN F 142 18.32 28.91 -0.47
CA GLN F 142 18.84 29.83 -1.53
C GLN F 142 19.15 29.00 -2.78
N ILE F 143 19.64 27.76 -2.61
CA ILE F 143 19.88 26.83 -3.75
C ILE F 143 18.53 26.53 -4.40
N THR F 144 17.61 25.88 -3.67
CA THR F 144 16.26 25.49 -4.14
C THR F 144 15.56 26.70 -4.76
N LYS F 145 15.76 27.88 -4.18
CA LYS F 145 15.18 29.12 -4.73
C LYS F 145 15.65 29.31 -6.17
N ARG F 146 16.97 29.44 -6.39
CA ARG F 146 17.56 29.66 -7.73
C ARG F 146 17.02 28.61 -8.70
N LYS F 147 16.99 27.33 -8.30
CA LYS F 147 16.44 26.22 -9.12
C LYS F 147 15.03 26.62 -9.62
N TRP F 148 14.15 26.91 -8.67
CA TRP F 148 12.69 27.15 -8.87
C TRP F 148 12.40 28.48 -9.59
N GLU F 149 13.30 29.45 -9.48
CA GLU F 149 13.18 30.75 -10.16
C GLU F 149 13.37 30.52 -11.66
N ALA F 150 14.38 29.74 -12.03
CA ALA F 150 14.77 29.47 -13.43
C ALA F 150 13.88 28.39 -14.05
N ALA F 151 12.96 27.82 -13.29
CA ALA F 151 11.99 26.84 -13.81
C ALA F 151 10.60 27.48 -13.89
N HIS F 152 10.47 28.73 -13.40
CA HIS F 152 9.18 29.48 -13.33
C HIS F 152 8.18 28.67 -12.52
N VAL F 153 8.64 27.99 -11.48
CA VAL F 153 7.77 27.09 -10.66
C VAL F 153 6.59 27.91 -10.12
N ALA F 154 6.85 29.12 -9.64
CA ALA F 154 5.82 30.05 -9.12
C ALA F 154 4.65 30.09 -10.10
N GLU F 155 4.92 30.44 -11.35
CA GLU F 155 3.92 30.50 -12.43
C GLU F 155 3.07 29.23 -12.38
N GLN F 156 3.70 28.06 -12.34
CA GLN F 156 3.02 26.75 -12.39
C GLN F 156 2.04 26.66 -11.22
N GLN F 157 2.53 27.01 -10.01
CA GLN F 157 1.75 27.04 -8.75
C GLN F 157 0.63 28.09 -8.83
N ARG F 158 0.98 29.32 -9.22
CA ARG F 158 0.02 30.44 -9.40
C ARG F 158 -1.17 29.92 -10.20
N ALA F 159 -0.92 29.10 -11.21
CA ALA F 159 -1.95 28.54 -12.12
C ALA F 159 -2.91 27.65 -11.33
N TYR F 160 -2.37 26.76 -10.51
CA TYR F 160 -3.15 25.85 -9.65
C TYR F 160 -3.96 26.68 -8.65
N LEU F 161 -3.28 27.54 -7.92
CA LEU F 161 -3.87 28.36 -6.84
C LEU F 161 -5.03 29.22 -7.38
N GLU F 162 -4.84 29.91 -8.49
CA GLU F 162 -5.86 30.82 -9.07
C GLU F 162 -6.89 30.00 -9.89
N GLY F 163 -6.68 28.69 -10.02
CA GLY F 163 -7.51 27.81 -10.88
C GLY F 163 -8.11 26.64 -10.10
N THR F 164 -7.57 25.45 -10.30
CA THR F 164 -8.04 24.20 -9.66
C THR F 164 -8.41 24.44 -8.19
N CYS F 165 -7.48 25.04 -7.41
CA CYS F 165 -7.61 25.22 -5.94
C CYS F 165 -8.95 25.91 -5.62
N VAL F 166 -9.17 27.12 -6.14
CA VAL F 166 -10.42 27.88 -5.88
C VAL F 166 -11.62 27.08 -6.41
N ASP F 167 -11.56 26.57 -7.63
CA ASP F 167 -12.67 25.79 -8.26
C ASP F 167 -13.15 24.71 -7.28
N GLY F 168 -12.23 23.96 -6.69
CA GLY F 168 -12.53 22.91 -5.70
C GLY F 168 -13.17 23.47 -4.44
N LEU F 169 -12.54 24.47 -3.81
CA LEU F 169 -13.02 25.18 -2.59
C LEU F 169 -14.48 25.61 -2.81
N ARG F 170 -14.76 26.22 -3.96
CA ARG F 170 -16.12 26.63 -4.38
C ARG F 170 -17.02 25.39 -4.46
N ARG F 171 -16.72 24.41 -5.31
CA ARG F 171 -17.55 23.18 -5.46
C ARG F 171 -17.88 22.64 -4.07
N TYR F 172 -16.89 22.51 -3.19
CA TYR F 172 -17.04 21.93 -1.83
C TYR F 172 -18.06 22.75 -1.02
N LEU F 173 -17.85 24.07 -0.92
CA LEU F 173 -18.75 24.98 -0.15
C LEU F 173 -20.21 24.74 -0.57
N GLU F 174 -20.49 24.53 -1.85
CA GLU F 174 -21.87 24.25 -2.39
C GLU F 174 -22.23 22.79 -2.12
N ASN F 175 -21.39 21.83 -2.54
CA ASN F 175 -21.61 20.38 -2.30
C ASN F 175 -22.06 20.18 -0.86
N GLY F 176 -21.27 20.67 0.10
CA GLY F 176 -21.50 20.50 1.56
C GLY F 176 -21.92 21.79 2.23
N LYS F 177 -22.74 22.60 1.52
CA LYS F 177 -23.28 23.90 2.00
C LYS F 177 -23.84 23.74 3.41
N GLU F 178 -24.64 22.69 3.60
CA GLU F 178 -25.30 22.31 4.88
C GLU F 178 -24.30 22.41 6.04
N THR F 179 -23.13 21.80 5.87
CA THR F 179 -22.09 21.58 6.92
C THR F 179 -21.16 22.80 7.04
N LEU F 180 -20.60 23.25 5.90
CA LEU F 180 -19.49 24.25 5.82
C LEU F 180 -20.02 25.68 6.02
N GLN F 181 -21.28 25.94 5.65
CA GLN F 181 -21.79 27.34 5.73
C GLN F 181 -22.81 27.50 6.88
N ARG F 182 -22.71 26.72 7.96
CA ARG F 182 -23.53 26.94 9.18
C ARG F 182 -22.76 27.83 10.15
N THR F 183 -23.39 28.34 11.22
CA THR F 183 -22.54 29.19 12.11
C THR F 183 -23.00 28.96 13.55
N ASP F 184 -22.48 27.89 14.17
CA ASP F 184 -22.90 27.38 15.51
C ASP F 184 -22.53 28.40 16.59
N PRO F 185 -23.52 28.91 17.34
CA PRO F 185 -23.24 29.90 18.39
C PRO F 185 -22.72 29.25 19.67
N PRO F 186 -21.82 29.92 20.42
CA PRO F 186 -21.34 29.40 21.70
C PRO F 186 -22.37 29.54 22.83
N LYS F 187 -22.95 28.43 23.31
CA LYS F 187 -23.94 28.42 24.42
C LYS F 187 -23.17 28.44 25.73
N THR F 188 -22.86 29.64 26.23
CA THR F 188 -21.89 29.91 27.33
C THR F 188 -22.57 29.91 28.71
N HIS F 189 -21.93 29.26 29.69
CA HIS F 189 -22.29 29.30 31.13
C HIS F 189 -21.04 29.69 31.94
N MET F 190 -21.05 29.45 33.25
CA MET F 190 -20.02 29.94 34.21
C MET F 190 -20.26 29.29 35.58
N THR F 191 -19.23 28.68 36.18
CA THR F 191 -19.30 27.96 37.49
C THR F 191 -18.22 28.50 38.46
N HIS F 192 -18.40 28.26 39.77
CA HIS F 192 -17.57 28.80 40.90
C HIS F 192 -16.71 27.69 41.53
N HIS F 193 -15.39 27.94 41.70
CA HIS F 193 -14.40 26.96 42.23
C HIS F 193 -13.56 27.60 43.35
N PRO F 194 -13.96 27.43 44.63
CA PRO F 194 -13.25 28.04 45.76
C PRO F 194 -11.77 27.62 45.91
N ILE F 195 -10.85 28.57 46.11
CA ILE F 195 -9.41 28.31 46.48
C ILE F 195 -9.33 28.13 48.01
N SER F 196 -9.50 29.23 48.77
CA SER F 196 -9.74 29.26 50.24
C SER F 196 -11.19 29.75 50.47
N ASP F 197 -11.48 30.39 51.61
CA ASP F 197 -12.85 30.94 51.90
C ASP F 197 -12.85 32.47 51.66
N HIS F 198 -11.65 33.06 51.48
CA HIS F 198 -11.45 34.48 51.07
C HIS F 198 -10.80 34.52 49.66
N GLU F 199 -11.04 33.49 48.83
CA GLU F 199 -10.61 33.39 47.38
C GLU F 199 -11.46 32.32 46.66
N ALA F 200 -11.74 32.53 45.36
CA ALA F 200 -12.53 31.61 44.48
C ALA F 200 -12.24 31.90 43.00
N THR F 201 -12.52 30.93 42.11
CA THR F 201 -12.23 30.98 40.66
C THR F 201 -13.55 30.83 39.86
N LEU F 202 -13.83 31.77 38.96
CA LEU F 202 -15.00 31.75 38.03
C LEU F 202 -14.52 31.40 36.61
N ARG F 203 -14.96 30.25 36.07
CA ARG F 203 -14.56 29.74 34.71
C ARG F 203 -15.64 30.11 33.67
N CYS F 204 -15.27 30.92 32.67
CA CYS F 204 -16.16 31.33 31.54
C CYS F 204 -16.08 30.27 30.44
N TRP F 205 -17.13 29.45 30.31
CA TRP F 205 -17.21 28.29 29.37
C TRP F 205 -17.82 28.73 28.03
N ALA F 206 -17.31 28.21 26.93
CA ALA F 206 -17.84 28.39 25.55
C ALA F 206 -17.80 27.02 24.85
N LEU F 207 -18.97 26.43 24.56
CA LEU F 207 -19.10 25.01 24.09
C LEU F 207 -19.86 24.93 22.76
N GLY F 208 -19.40 24.02 21.88
CA GLY F 208 -20.11 23.60 20.65
C GLY F 208 -20.22 24.71 19.59
N PHE F 209 -19.17 25.52 19.42
CA PHE F 209 -19.13 26.66 18.47
C PHE F 209 -18.29 26.28 17.23
N TYR F 210 -18.63 26.86 16.05
CA TYR F 210 -17.97 26.68 14.73
C TYR F 210 -18.10 27.96 13.91
N PRO F 211 -16.99 28.59 13.44
CA PRO F 211 -15.65 28.03 13.53
C PRO F 211 -14.92 28.34 14.85
N ALA F 212 -13.66 27.88 14.94
CA ALA F 212 -12.79 27.92 16.15
C ALA F 212 -12.32 29.36 16.44
N GLU F 213 -12.56 30.30 15.52
CA GLU F 213 -12.24 31.72 15.74
C GLU F 213 -13.17 32.28 16.81
N ILE F 214 -12.63 32.52 18.01
CA ILE F 214 -13.35 33.07 19.21
C ILE F 214 -12.31 33.83 20.08
N THR F 215 -12.74 34.91 20.75
CA THR F 215 -11.92 35.69 21.72
C THR F 215 -12.80 36.07 22.93
N LEU F 216 -12.32 35.79 24.15
CA LEU F 216 -13.03 36.00 25.44
C LEU F 216 -12.38 37.17 26.20
N THR F 217 -13.20 38.02 26.86
CA THR F 217 -12.78 39.15 27.73
C THR F 217 -13.38 38.99 29.14
N TRP F 218 -12.58 39.27 30.18
CA TRP F 218 -13.01 39.33 31.59
C TRP F 218 -12.99 40.77 32.06
N GLN F 219 -14.18 41.36 32.26
CA GLN F 219 -14.35 42.77 32.69
C GLN F 219 -15.04 42.81 34.06
N ARG F 220 -14.44 43.53 35.02
CA ARG F 220 -14.98 43.77 36.39
C ARG F 220 -15.54 45.20 36.43
N ASP F 221 -16.87 45.33 36.42
CA ASP F 221 -17.60 46.61 36.43
C ASP F 221 -17.35 47.35 35.08
N GLY F 222 -16.98 46.60 34.02
CA GLY F 222 -16.64 47.14 32.69
C GLY F 222 -15.13 47.23 32.49
N GLU F 223 -14.37 47.37 33.58
CA GLU F 223 -12.88 47.50 33.60
C GLU F 223 -12.24 46.15 33.22
N ASP F 224 -11.32 46.14 32.23
CA ASP F 224 -10.69 44.90 31.69
C ASP F 224 -9.68 44.36 32.71
N GLN F 225 -9.68 43.02 32.91
CA GLN F 225 -8.84 42.30 33.91
C GLN F 225 -7.95 41.26 33.20
N THR F 226 -7.04 41.71 32.33
CA THR F 226 -6.09 40.86 31.55
C THR F 226 -4.98 40.31 32.48
N GLN F 227 -4.77 40.95 33.65
CA GLN F 227 -3.67 40.64 34.63
C GLN F 227 -3.86 39.23 35.25
N ASP F 228 -4.99 38.98 35.94
CA ASP F 228 -5.28 37.72 36.68
C ASP F 228 -6.09 36.74 35.81
N THR F 229 -6.31 37.05 34.53
CA THR F 229 -6.98 36.14 33.55
C THR F 229 -5.99 35.03 33.17
N GLU F 230 -6.48 33.78 33.12
CA GLU F 230 -5.73 32.57 32.67
C GLU F 230 -6.53 31.95 31.51
N LEU F 231 -5.87 31.62 30.40
CA LEU F 231 -6.51 31.10 29.17
C LEU F 231 -5.91 29.73 28.79
N VAL F 232 -6.64 28.95 27.98
CA VAL F 232 -6.23 27.64 27.39
C VAL F 232 -6.44 27.69 25.86
N GLU F 233 -5.57 27.04 25.07
CA GLU F 233 -5.71 26.93 23.59
C GLU F 233 -7.10 26.36 23.26
N THR F 234 -7.78 26.89 22.23
CA THR F 234 -9.10 26.36 21.76
C THR F 234 -8.94 24.87 21.53
N ARG F 235 -9.95 24.06 21.83
CA ARG F 235 -9.84 22.60 21.66
C ARG F 235 -11.03 22.09 20.87
N PRO F 236 -10.86 20.98 20.12
CA PRO F 236 -11.96 20.38 19.38
C PRO F 236 -12.93 19.67 20.31
N ALA F 237 -14.15 19.47 19.85
CA ALA F 237 -15.21 18.75 20.57
C ALA F 237 -15.27 17.32 20.06
N GLY F 238 -14.82 17.10 18.83
CA GLY F 238 -14.84 15.78 18.19
C GLY F 238 -16.17 15.50 17.52
N ASP F 239 -17.16 16.38 17.71
CA ASP F 239 -18.49 16.30 17.04
C ASP F 239 -18.49 17.23 15.83
N GLY F 240 -17.39 17.98 15.63
CA GLY F 240 -17.25 18.95 14.55
C GLY F 240 -17.51 20.37 15.03
N THR F 241 -17.49 20.59 16.35
CA THR F 241 -17.58 21.93 16.98
C THR F 241 -16.27 22.20 17.71
N PHE F 242 -16.19 23.24 18.55
CA PHE F 242 -14.97 23.59 19.33
C PHE F 242 -15.34 24.04 20.75
N GLN F 243 -14.33 24.16 21.61
CA GLN F 243 -14.47 24.54 23.04
C GLN F 243 -13.29 25.45 23.45
N LYS F 244 -13.45 26.21 24.53
CA LYS F 244 -12.42 27.14 25.10
C LYS F 244 -13.00 27.79 26.37
N TRP F 245 -12.16 27.93 27.42
CA TRP F 245 -12.52 28.60 28.71
C TRP F 245 -11.38 29.52 29.18
N ALA F 246 -11.76 30.63 29.82
CA ALA F 246 -10.84 31.56 30.54
C ALA F 246 -11.33 31.72 31.99
N ALA F 247 -10.40 31.77 32.96
CA ALA F 247 -10.70 31.90 34.40
C ALA F 247 -9.97 33.12 34.99
N VAL F 248 -10.41 33.57 36.18
CA VAL F 248 -9.81 34.70 36.96
C VAL F 248 -9.85 34.33 38.46
N VAL F 249 -8.81 34.71 39.22
CA VAL F 249 -8.72 34.51 40.70
C VAL F 249 -9.26 35.78 41.41
N VAL F 250 -10.55 35.77 41.74
CA VAL F 250 -11.32 36.91 42.34
C VAL F 250 -11.38 36.75 43.87
N PRO F 251 -11.16 37.83 44.68
CA PRO F 251 -11.33 37.75 46.13
C PRO F 251 -12.79 37.46 46.53
N SER F 252 -12.99 36.54 47.49
CA SER F 252 -14.31 35.94 47.85
C SER F 252 -15.36 37.03 48.15
N GLY F 253 -16.44 37.08 47.39
CA GLY F 253 -17.61 37.97 47.61
C GLY F 253 -17.77 39.02 46.50
N GLU F 254 -16.77 39.17 45.62
CA GLU F 254 -16.76 40.17 44.50
C GLU F 254 -17.28 39.53 43.19
N GLU F 255 -17.79 38.28 43.27
CA GLU F 255 -18.26 37.45 42.12
C GLU F 255 -19.37 38.18 41.34
N GLN F 256 -20.29 38.86 42.03
CA GLN F 256 -21.50 39.52 41.45
C GLN F 256 -21.11 40.79 40.68
N ARG F 257 -19.83 41.22 40.76
CA ARG F 257 -19.30 42.45 40.14
C ARG F 257 -18.61 42.16 38.79
N TYR F 258 -18.57 40.87 38.37
CA TYR F 258 -17.76 40.41 37.19
C TYR F 258 -18.66 39.96 36.03
N THR F 259 -18.30 40.39 34.81
CA THR F 259 -19.03 40.15 33.53
C THR F 259 -18.06 39.62 32.45
N CYS F 260 -18.51 38.63 31.65
CA CYS F 260 -17.70 37.92 30.62
C CYS F 260 -18.26 38.23 29.21
N HIS F 261 -17.42 38.69 28.27
CA HIS F 261 -17.84 39.14 26.90
C HIS F 261 -17.29 38.17 25.83
N VAL F 262 -18.21 37.47 25.14
CA VAL F 262 -17.94 36.37 24.17
C VAL F 262 -18.25 36.84 22.73
N GLN F 263 -17.22 36.95 21.87
CA GLN F 263 -17.33 37.38 20.45
C GLN F 263 -17.09 36.19 19.52
N HIS F 264 -17.97 36.00 18.53
CA HIS F 264 -17.95 34.87 17.58
C HIS F 264 -18.73 35.28 16.31
N GLU F 265 -18.41 34.65 15.19
CA GLU F 265 -19.00 34.92 13.85
C GLU F 265 -20.52 34.59 13.85
N GLY F 266 -20.94 33.58 14.62
CA GLY F 266 -22.32 33.04 14.63
C GLY F 266 -23.29 33.83 15.51
N LEU F 267 -22.78 34.80 16.29
CA LEU F 267 -23.56 35.65 17.24
C LEU F 267 -24.06 36.91 16.54
N PRO F 268 -25.28 37.38 16.86
CA PRO F 268 -25.72 38.71 16.43
C PRO F 268 -24.68 39.79 16.82
N LYS F 269 -24.37 39.93 18.12
CA LYS F 269 -23.34 40.90 18.64
C LYS F 269 -22.93 40.51 20.07
N PRO F 270 -21.75 40.99 20.56
CA PRO F 270 -21.15 40.50 21.81
C PRO F 270 -22.09 40.33 23.02
N LEU F 271 -22.28 39.08 23.49
CA LEU F 271 -23.11 38.72 24.69
C LEU F 271 -22.25 38.89 25.96
N THR F 272 -22.91 39.02 27.14
CA THR F 272 -22.29 39.28 28.48
C THR F 272 -22.84 38.26 29.51
N LEU F 273 -21.99 37.82 30.45
CA LEU F 273 -22.30 36.82 31.52
C LEU F 273 -21.93 37.38 32.91
N ARG F 274 -22.56 36.86 33.98
CA ARG F 274 -22.32 37.20 35.42
C ARG F 274 -22.33 35.92 36.26
N TRP F 275 -21.88 35.97 37.53
CA TRP F 275 -22.06 34.84 38.49
C TRP F 275 -23.54 34.83 38.93
N GLU F 276 -24.26 33.76 38.57
CA GLU F 276 -25.75 33.64 38.66
C GLU F 276 -26.13 32.60 39.71
N PRO F 277 -26.56 33.01 40.93
CA PRO F 277 -27.10 32.07 41.91
C PRO F 277 -28.43 31.45 41.44
N MET G 1 18.67 21.83 16.11
CA MET G 1 17.44 20.99 16.03
C MET G 1 16.39 21.54 17.00
N ILE G 2 15.33 22.15 16.47
CA ILE G 2 14.20 22.69 17.29
C ILE G 2 13.31 21.52 17.69
N GLN G 3 13.04 21.41 19.00
CA GLN G 3 12.05 20.48 19.61
C GLN G 3 11.06 21.30 20.43
N ARG G 4 9.81 20.85 20.51
CA ARG G 4 8.70 21.59 21.17
C ARG G 4 7.88 20.61 22.03
N THR G 5 7.53 21.02 23.25
CA THR G 5 6.87 20.15 24.27
C THR G 5 5.35 20.30 24.17
N PRO G 6 4.60 19.18 24.24
CA PRO G 6 3.16 19.19 23.97
C PRO G 6 2.32 19.80 25.08
N LYS G 7 1.25 20.52 24.72
CA LYS G 7 0.29 21.13 25.66
C LYS G 7 -0.92 20.19 25.80
N ILE G 8 -0.87 19.31 26.80
CA ILE G 8 -1.92 18.30 27.11
C ILE G 8 -3.15 19.02 27.67
N GLN G 9 -4.35 18.49 27.39
CA GLN G 9 -5.66 19.02 27.83
C GLN G 9 -6.69 17.90 27.81
N VAL G 10 -7.15 17.43 28.97
CA VAL G 10 -8.15 16.31 29.06
C VAL G 10 -9.52 16.91 29.38
N TYR G 11 -10.58 16.29 28.86
CA TYR G 11 -11.98 16.77 28.95
C TYR G 11 -12.91 15.77 28.26
N SER G 12 -14.22 16.08 28.19
CA SER G 12 -15.25 15.24 27.52
C SER G 12 -15.96 16.05 26.42
N ARG G 13 -16.50 15.36 25.40
CA ARG G 13 -17.22 15.95 24.23
C ARG G 13 -18.47 16.72 24.70
N HIS G 14 -19.28 16.13 25.60
CA HIS G 14 -20.53 16.69 26.19
C HIS G 14 -20.38 16.76 27.72
N PRO G 15 -21.14 17.66 28.40
CA PRO G 15 -21.20 17.62 29.87
C PRO G 15 -21.51 16.19 30.36
N ALA G 16 -20.71 15.70 31.32
CA ALA G 16 -20.73 14.30 31.82
C ALA G 16 -21.75 14.15 32.94
N GLU G 17 -22.56 13.09 32.88
CA GLU G 17 -23.51 12.68 33.95
C GLU G 17 -23.41 11.15 34.10
N ASN G 18 -23.13 10.68 35.31
CA ASN G 18 -22.90 9.24 35.62
C ASN G 18 -24.08 8.41 35.09
N GLY G 19 -23.82 7.55 34.10
CA GLY G 19 -24.82 6.67 33.47
C GLY G 19 -25.11 7.09 32.05
N LYS G 20 -24.87 8.38 31.73
CA LYS G 20 -25.07 8.98 30.38
C LYS G 20 -23.82 8.77 29.53
N SER G 21 -24.01 8.19 28.32
CA SER G 21 -22.96 7.98 27.29
C SER G 21 -22.26 9.31 27.03
N ASN G 22 -20.99 9.26 26.60
CA ASN G 22 -20.18 10.46 26.30
C ASN G 22 -18.94 10.03 25.50
N PHE G 23 -17.98 10.94 25.29
CA PHE G 23 -16.70 10.68 24.60
C PHE G 23 -15.57 11.35 25.41
N LEU G 24 -14.49 10.60 25.66
CA LEU G 24 -13.32 11.05 26.44
C LEU G 24 -12.26 11.60 25.48
N ASN G 25 -11.86 12.86 25.67
CA ASN G 25 -10.95 13.60 24.75
C ASN G 25 -9.66 14.02 25.47
N CYS G 26 -8.49 13.67 24.89
CA CYS G 26 -7.14 14.19 25.25
C CYS G 26 -6.55 14.87 24.00
N TYR G 27 -6.15 16.13 24.13
CA TYR G 27 -5.68 16.98 23.02
C TYR G 27 -4.28 17.53 23.32
N VAL G 28 -3.30 17.06 22.53
CA VAL G 28 -1.88 17.50 22.56
C VAL G 28 -1.67 18.45 21.38
N SER G 29 -0.92 19.53 21.59
CA SER G 29 -0.69 20.62 20.62
C SER G 29 0.71 21.22 20.82
N GLY G 30 1.14 22.07 19.90
CA GLY G 30 2.39 22.84 19.99
C GLY G 30 3.61 21.93 20.23
N PHE G 31 3.60 20.71 19.67
CA PHE G 31 4.69 19.70 19.88
C PHE G 31 5.38 19.37 18.55
N HIS G 32 6.61 18.87 18.66
CA HIS G 32 7.56 18.57 17.55
C HIS G 32 8.78 17.85 18.13
N PRO G 33 9.26 16.73 17.53
CA PRO G 33 8.67 16.16 16.31
C PRO G 33 7.33 15.41 16.47
N SER G 34 6.88 14.78 15.37
CA SER G 34 5.54 14.13 15.20
C SER G 34 5.38 12.95 16.15
N ASP G 35 6.39 12.08 16.26
CA ASP G 35 6.36 10.87 17.12
C ASP G 35 5.86 11.25 18.50
N ILE G 36 4.80 10.60 18.96
CA ILE G 36 4.22 10.80 20.32
C ILE G 36 3.35 9.59 20.69
N GLU G 37 3.55 9.06 21.89
CA GLU G 37 2.69 8.04 22.51
C GLU G 37 1.66 8.78 23.35
N VAL G 38 0.39 8.40 23.24
CA VAL G 38 -0.75 9.04 23.96
C VAL G 38 -1.77 7.96 24.26
N ASP G 39 -2.06 7.71 25.53
CA ASP G 39 -3.00 6.66 25.99
C ASP G 39 -4.08 7.30 26.90
N LEU G 40 -5.25 6.65 26.98
CA LEU G 40 -6.37 7.05 27.88
C LEU G 40 -6.58 5.95 28.92
N LEU G 41 -6.31 6.27 30.19
CA LEU G 41 -6.26 5.31 31.31
C LEU G 41 -7.52 5.41 32.15
N LYS G 42 -8.27 4.30 32.22
CA LYS G 42 -9.43 4.08 33.11
C LYS G 42 -8.87 3.44 34.40
N ASN G 43 -8.44 4.29 35.34
CA ASN G 43 -7.81 3.90 36.63
C ASN G 43 -6.49 3.17 36.36
N GLY G 44 -5.56 3.81 35.64
CA GLY G 44 -4.20 3.29 35.31
C GLY G 44 -4.23 2.11 34.37
N GLU G 45 -5.22 2.05 33.47
CA GLU G 45 -5.39 0.96 32.48
C GLU G 45 -5.60 1.56 31.09
N ARG G 46 -4.67 1.33 30.17
CA ARG G 46 -4.75 1.76 28.74
C ARG G 46 -6.07 1.20 28.15
N ILE G 47 -6.89 2.06 27.50
CA ILE G 47 -8.16 1.67 26.80
C ILE G 47 -7.82 1.38 25.33
N GLU G 48 -7.89 0.12 24.91
CA GLU G 48 -7.47 -0.23 23.53
C GLU G 48 -8.36 0.50 22.51
N LYS G 49 -9.65 0.65 22.82
CA LYS G 49 -10.57 1.28 21.84
C LYS G 49 -10.40 2.80 21.91
N VAL G 50 -9.16 3.28 21.77
CA VAL G 50 -8.92 4.75 21.75
C VAL G 50 -8.38 5.14 20.37
N GLU G 51 -9.21 5.77 19.53
CA GLU G 51 -8.79 6.25 18.20
C GLU G 51 -8.09 7.61 18.36
N HIS G 52 -7.40 8.07 17.29
CA HIS G 52 -6.74 9.40 17.21
C HIS G 52 -7.11 10.08 15.89
N SER G 53 -7.06 11.42 15.87
CA SER G 53 -7.25 12.29 14.67
C SER G 53 -6.09 12.09 13.68
N ASP G 54 -6.15 12.76 12.53
CA ASP G 54 -5.10 12.73 11.48
C ASP G 54 -4.07 13.79 11.83
N LEU G 55 -2.79 13.43 11.77
CA LEU G 55 -1.68 14.33 12.12
C LEU G 55 -1.76 15.60 11.27
N SER G 56 -2.05 16.74 11.91
CA SER G 56 -2.09 18.08 11.31
C SER G 56 -1.31 19.04 12.19
N PHE G 57 -0.83 20.15 11.63
CA PHE G 57 0.00 21.13 12.37
C PHE G 57 -0.59 22.53 12.19
N SER G 58 -0.28 23.41 13.14
CA SER G 58 -0.68 24.84 13.19
C SER G 58 0.35 25.67 12.39
N LYS G 59 0.19 26.98 12.39
CA LYS G 59 1.08 27.88 11.61
C LYS G 59 2.47 27.93 12.26
N ASP G 60 2.61 27.42 13.48
CA ASP G 60 3.92 27.35 14.18
C ASP G 60 4.73 26.21 13.60
N TRP G 61 4.12 25.38 12.74
CA TRP G 61 4.63 24.05 12.28
C TRP G 61 4.53 23.03 13.43
N SER G 62 3.84 23.41 14.50
CA SER G 62 3.60 22.59 15.69
C SER G 62 2.43 21.65 15.42
N PHE G 63 2.62 20.35 15.66
CA PHE G 63 1.58 19.31 15.47
C PHE G 63 0.53 19.41 16.59
N TYR G 64 -0.66 18.86 16.32
CA TYR G 64 -1.77 18.72 17.29
C TYR G 64 -2.51 17.42 16.99
N LEU G 65 -3.01 16.76 18.02
CA LEU G 65 -3.79 15.50 17.87
C LEU G 65 -4.93 15.45 18.91
N LEU G 66 -6.03 14.79 18.56
CA LEU G 66 -7.10 14.43 19.51
C LEU G 66 -7.21 12.92 19.57
N TYR G 67 -7.00 12.36 20.77
CA TYR G 67 -7.31 10.94 21.13
C TYR G 67 -8.67 10.96 21.84
N TYR G 68 -9.53 10.00 21.51
CA TYR G 68 -10.95 9.99 21.98
C TYR G 68 -11.47 8.54 22.05
N THR G 69 -12.49 8.26 22.88
CA THR G 69 -13.15 6.92 23.03
C THR G 69 -14.58 7.06 23.58
N GLU G 70 -15.51 6.24 23.05
CA GLU G 70 -16.93 6.12 23.51
C GLU G 70 -16.96 5.49 24.88
N PHE G 71 -17.47 6.19 25.89
CA PHE G 71 -17.50 5.72 27.29
C PHE G 71 -18.76 6.22 28.00
N THR G 72 -19.03 5.67 29.17
CA THR G 72 -20.11 6.08 30.11
C THR G 72 -19.49 6.24 31.49
N PRO G 73 -19.13 7.48 31.91
CA PRO G 73 -18.46 7.68 33.20
C PRO G 73 -19.36 7.28 34.39
N THR G 74 -18.75 6.74 35.45
CA THR G 74 -19.46 6.26 36.68
C THR G 74 -19.01 7.10 37.88
N GLU G 75 -19.55 6.83 39.07
CA GLU G 75 -19.44 7.68 40.28
C GLU G 75 -17.96 7.75 40.74
N LYS G 76 -17.27 6.61 40.82
CA LYS G 76 -15.88 6.61 41.34
C LYS G 76 -14.83 6.49 40.22
N ASP G 77 -15.16 5.83 39.10
CA ASP G 77 -14.13 5.60 38.05
C ASP G 77 -13.36 6.89 37.75
N GLU G 78 -12.04 6.79 37.59
CA GLU G 78 -11.19 7.98 37.31
C GLU G 78 -10.48 7.83 35.96
N TYR G 79 -10.61 8.83 35.08
CA TYR G 79 -9.99 8.77 33.73
C TYR G 79 -8.84 9.79 33.67
N ALA G 80 -7.75 9.41 32.97
CA ALA G 80 -6.53 10.22 32.75
C ALA G 80 -5.98 9.89 31.36
N CYS G 81 -5.05 10.71 30.87
CA CYS G 81 -4.42 10.58 29.54
C CYS G 81 -2.91 10.69 29.68
N ARG G 82 -2.20 9.60 29.39
CA ARG G 82 -0.73 9.48 29.56
C ARG G 82 -0.04 9.79 28.24
N VAL G 83 0.84 10.78 28.26
CA VAL G 83 1.58 11.31 27.08
C VAL G 83 3.05 11.01 27.28
N ASN G 84 3.68 10.33 26.32
CA ASN G 84 5.16 10.14 26.30
C ASN G 84 5.70 10.81 25.04
N HIS G 85 6.80 11.56 25.20
CA HIS G 85 7.48 12.33 24.13
C HIS G 85 8.98 12.40 24.43
N VAL G 86 9.77 12.65 23.39
CA VAL G 86 11.25 12.84 23.50
C VAL G 86 11.51 14.02 24.45
N THR G 87 10.71 15.08 24.34
CA THR G 87 10.82 16.34 25.14
C THR G 87 10.56 16.08 26.63
N LEU G 88 9.97 14.94 26.99
CA LEU G 88 9.61 14.60 28.38
C LEU G 88 10.64 13.62 28.96
N SER G 89 11.16 13.93 30.17
CA SER G 89 12.09 13.10 31.00
C SER G 89 11.45 11.74 31.28
N GLN G 90 10.12 11.74 31.43
CA GLN G 90 9.29 10.54 31.70
C GLN G 90 7.84 10.89 31.39
N PRO G 91 6.97 9.89 31.13
CA PRO G 91 5.59 10.14 30.74
C PRO G 91 4.95 11.21 31.63
N LYS G 92 4.19 12.11 31.02
CA LYS G 92 3.37 13.13 31.70
C LYS G 92 1.94 12.58 31.79
N ILE G 93 1.46 12.32 33.00
CA ILE G 93 0.09 11.83 33.28
C ILE G 93 -0.78 13.04 33.64
N VAL G 94 -1.96 13.16 33.03
CA VAL G 94 -2.96 14.24 33.32
C VAL G 94 -4.35 13.61 33.45
N LYS G 95 -4.93 13.71 34.65
CA LYS G 95 -6.25 13.11 35.01
C LYS G 95 -7.35 14.06 34.56
N TRP G 96 -8.47 13.49 34.14
CA TRP G 96 -9.68 14.23 33.68
C TRP G 96 -10.35 14.91 34.86
N ASP G 97 -10.15 16.21 35.04
CA ASP G 97 -10.92 17.00 36.03
C ASP G 97 -12.23 17.39 35.36
N ARG G 98 -13.36 16.86 35.85
CA ARG G 98 -14.67 17.00 35.17
C ARG G 98 -15.30 18.38 35.45
N ASP G 99 -14.60 19.24 36.21
CA ASP G 99 -15.11 20.60 36.57
C ASP G 99 -14.33 21.69 35.81
N MET G 100 -13.00 21.53 35.71
CA MET G 100 -12.03 22.56 35.19
C MET G 100 -11.64 22.20 33.75
N ASN H 1 -9.29 20.20 -3.97
CA ASN H 1 -8.42 19.62 -5.03
C ASN H 1 -6.96 19.82 -4.64
N TYR H 2 -6.23 18.72 -4.49
CA TYR H 2 -4.80 18.70 -4.08
C TYR H 2 -3.96 19.33 -5.18
N ASN H 3 -2.80 19.86 -4.79
CA ASN H 3 -1.87 20.59 -5.67
C ASN H 3 -1.08 19.60 -6.53
N TYR H 4 -0.64 20.03 -7.72
CA TYR H 4 0.26 19.23 -8.59
C TYR H 4 1.70 19.54 -8.16
N LEU H 5 2.16 18.80 -7.15
CA LEU H 5 3.53 19.01 -6.62
C LEU H 5 4.53 17.91 -7.01
N TYR H 6 5.52 18.26 -7.83
CA TYR H 6 6.53 17.29 -8.31
C TYR H 6 7.97 17.86 -8.40
N ARG H 7 8.22 19.10 -7.94
CA ARG H 7 9.56 19.76 -8.02
C ARG H 7 10.40 19.41 -6.81
N LEU H 8 11.74 19.29 -6.99
CA LEU H 8 12.74 18.92 -5.95
C LEU H 8 13.46 20.16 -5.46
N PHE H 9 14.13 20.05 -4.30
CA PHE H 9 14.97 21.12 -3.70
C PHE H 9 16.30 21.20 -4.46
N MET I 1 -7.99 6.53 -29.05
CA MET I 1 -7.01 6.86 -27.98
C MET I 1 -7.41 8.20 -27.32
N ARG I 2 -6.44 9.06 -26.99
CA ARG I 2 -6.61 10.43 -26.42
C ARG I 2 -5.48 11.30 -26.98
N LYS I 3 -5.74 12.02 -28.06
CA LYS I 3 -4.72 12.79 -28.80
C LYS I 3 -4.44 14.08 -28.00
N GLU I 4 -3.70 13.93 -26.90
CA GLU I 4 -3.54 14.94 -25.83
C GLU I 4 -2.94 16.22 -26.40
N VAL I 5 -2.06 16.10 -27.42
CA VAL I 5 -1.40 17.24 -28.16
C VAL I 5 -1.71 17.12 -29.64
N GLU I 6 -2.19 18.21 -30.26
CA GLU I 6 -2.40 18.33 -31.73
C GLU I 6 -1.40 19.34 -32.27
N GLN I 7 -0.78 19.03 -33.40
CA GLN I 7 0.31 19.82 -33.93
C GLN I 7 0.09 20.03 -35.41
N ASP I 8 0.37 21.24 -35.90
CA ASP I 8 0.30 21.63 -37.35
C ASP I 8 0.89 20.48 -38.16
N PRO I 9 0.09 19.80 -39.00
CA PRO I 9 0.60 18.69 -39.80
C PRO I 9 1.35 19.24 -41.02
N GLY I 10 1.59 18.41 -42.02
CA GLY I 10 2.12 18.81 -43.34
C GLY I 10 3.53 19.34 -43.23
N PRO I 11 4.31 19.31 -44.31
CA PRO I 11 5.66 19.86 -44.24
C PRO I 11 5.51 21.37 -44.33
N PHE I 12 6.43 22.10 -43.75
CA PHE I 12 6.53 23.57 -43.82
C PHE I 12 7.75 23.94 -44.66
N ASN I 13 7.57 24.14 -45.94
CA ASN I 13 8.66 24.57 -46.85
C ASN I 13 8.90 26.05 -46.59
N VAL I 14 10.11 26.42 -46.19
CA VAL I 14 10.45 27.81 -45.81
C VAL I 14 11.76 28.18 -46.48
N PRO I 15 11.86 29.35 -47.14
CA PRO I 15 13.15 29.81 -47.65
C PRO I 15 14.03 30.34 -46.48
N GLU I 16 15.33 30.04 -46.52
CA GLU I 16 16.36 30.46 -45.55
C GLU I 16 16.22 31.95 -45.24
N GLY I 17 16.25 32.32 -43.97
CA GLY I 17 16.19 33.72 -43.52
C GLY I 17 14.77 34.19 -43.25
N ALA I 18 13.79 33.49 -43.79
CA ALA I 18 12.36 33.77 -43.56
C ALA I 18 11.99 33.34 -42.14
N THR I 19 10.93 33.91 -41.58
CA THR I 19 10.34 33.48 -40.28
C THR I 19 9.37 32.32 -40.52
N VAL I 20 9.35 31.35 -39.61
CA VAL I 20 8.37 30.23 -39.60
C VAL I 20 7.66 30.27 -38.24
N ALA I 21 6.34 30.05 -38.25
CA ALA I 21 5.49 29.99 -37.04
C ALA I 21 4.94 28.57 -36.91
N PHE I 22 4.89 28.07 -35.69
CA PHE I 22 4.39 26.72 -35.33
C PHE I 22 3.30 26.84 -34.28
N ASN I 23 2.34 25.92 -34.30
CA ASN I 23 1.23 25.83 -33.30
C ASN I 23 1.07 24.41 -32.85
N CYS I 24 0.57 24.27 -31.64
CA CYS I 24 0.27 23.00 -30.99
C CYS I 24 -0.74 23.26 -29.89
N THR I 25 -1.81 22.51 -29.90
CA THR I 25 -2.99 22.71 -29.06
C THR I 25 -3.17 21.47 -28.21
N TYR I 26 -3.11 21.60 -26.88
CA TYR I 26 -3.21 20.49 -25.89
C TYR I 26 -4.62 20.50 -25.28
N SER I 27 -5.26 19.34 -25.21
CA SER I 27 -6.66 19.20 -24.72
C SER I 27 -6.66 18.60 -23.33
N ASN I 28 -5.89 19.17 -22.41
CA ASN I 28 -5.76 18.62 -21.04
C ASN I 28 -6.29 19.62 -20.04
N SER I 29 -5.87 20.87 -20.13
CA SER I 29 -6.20 21.98 -19.20
C SER I 29 -5.75 21.63 -17.77
N ALA I 30 -4.95 20.59 -17.61
CA ALA I 30 -4.35 20.20 -16.31
C ALA I 30 -2.82 20.10 -16.47
N SER I 31 -2.35 20.09 -17.72
CA SER I 31 -0.91 20.01 -18.06
C SER I 31 -0.18 21.02 -17.19
N GLN I 32 1.00 20.69 -16.69
CA GLN I 32 1.76 21.59 -15.78
C GLN I 32 2.92 22.28 -16.52
N SER I 33 3.54 21.57 -17.45
CA SER I 33 4.78 22.02 -18.14
C SER I 33 4.53 21.99 -19.61
N PHE I 34 5.24 22.82 -20.36
CA PHE I 34 5.16 22.86 -21.84
C PHE I 34 6.56 23.02 -22.40
N PHE I 35 6.87 22.31 -23.49
CA PHE I 35 8.19 22.31 -24.16
C PHE I 35 8.07 22.12 -25.66
N TRP I 36 9.06 22.65 -26.37
CA TRP I 36 9.33 22.39 -27.80
C TRP I 36 10.60 21.54 -27.91
N TYR I 37 10.60 20.56 -28.82
CA TYR I 37 11.72 19.60 -29.05
C TYR I 37 12.00 19.49 -30.55
N ARG I 38 13.26 19.59 -30.94
CA ARG I 38 13.73 19.54 -32.35
C ARG I 38 14.28 18.13 -32.58
N GLN I 39 13.76 17.37 -33.54
CA GLN I 39 14.30 16.00 -33.86
C GLN I 39 14.63 15.90 -35.35
N ASP I 40 15.93 15.71 -35.67
CA ASP I 40 16.44 15.65 -37.08
C ASP I 40 16.23 14.23 -37.60
N CYS I 41 15.97 14.08 -38.90
CA CYS I 41 15.67 12.78 -39.56
C CYS I 41 16.73 11.74 -39.16
N ARG I 42 16.29 10.61 -38.62
CA ARG I 42 17.13 9.45 -38.25
C ARG I 42 17.99 9.77 -37.00
N LYS I 43 17.64 10.82 -36.23
CA LYS I 43 18.32 11.21 -34.95
C LYS I 43 17.33 11.20 -33.77
N GLU I 44 17.74 11.73 -32.63
CA GLU I 44 16.98 11.69 -31.35
C GLU I 44 16.31 13.02 -31.11
N PRO I 45 15.27 13.08 -30.25
CA PRO I 45 14.64 14.34 -29.92
C PRO I 45 15.48 15.09 -28.91
N LYS I 46 15.66 16.38 -29.13
CA LYS I 46 16.45 17.28 -28.27
C LYS I 46 15.56 18.40 -27.79
N LEU I 47 15.65 18.73 -26.52
CA LEU I 47 14.90 19.88 -25.95
C LEU I 47 15.32 21.12 -26.69
N LEU I 48 14.36 21.83 -27.32
CA LEU I 48 14.60 23.15 -27.96
C LEU I 48 14.50 24.25 -26.88
N MET I 49 13.37 24.32 -26.20
CA MET I 49 13.19 25.22 -25.02
C MET I 49 11.83 24.97 -24.40
N SER I 50 11.71 25.31 -23.11
CA SER I 50 10.45 25.24 -22.34
C SER I 50 9.66 26.51 -22.63
N VAL I 51 8.35 26.42 -22.72
CA VAL I 51 7.46 27.55 -23.09
C VAL I 51 6.59 27.93 -21.88
N TYR I 52 6.57 29.22 -21.55
CA TYR I 52 5.86 29.79 -20.37
C TYR I 52 4.85 30.86 -20.81
N SER I 53 3.90 31.19 -19.94
CA SER I 53 2.95 32.28 -20.27
C SER I 53 3.69 33.61 -20.10
N SER I 54 4.72 33.62 -19.27
CA SER I 54 5.51 34.86 -19.01
C SER I 54 6.22 35.28 -20.29
N GLY I 55 6.27 34.40 -21.29
CA GLY I 55 7.01 34.71 -22.53
C GLY I 55 8.41 34.16 -22.43
N ASN I 56 8.80 33.34 -23.42
CA ASN I 56 10.16 32.75 -23.39
C ASN I 56 10.90 33.08 -24.70
N GLU I 57 11.82 34.06 -24.66
CA GLU I 57 12.70 34.39 -25.80
C GLU I 57 14.07 33.74 -25.60
N ASP I 58 14.73 33.39 -26.70
CA ASP I 58 16.06 32.71 -26.78
C ASP I 58 16.69 33.02 -28.15
N GLY I 59 16.95 34.30 -28.42
CA GLY I 59 17.45 34.78 -29.72
C GLY I 59 16.44 34.54 -30.85
N ARG I 60 16.83 33.74 -31.83
CA ARG I 60 16.03 33.47 -33.04
C ARG I 60 14.68 32.91 -32.61
N PHE I 61 14.69 32.08 -31.58
CA PHE I 61 13.49 31.35 -31.11
C PHE I 61 12.72 32.19 -30.09
N THR I 62 11.39 32.13 -30.19
CA THR I 62 10.43 32.79 -29.29
C THR I 62 9.22 31.87 -29.21
N ALA I 63 8.71 31.63 -28.01
CA ALA I 63 7.60 30.70 -27.78
C ALA I 63 6.71 31.21 -26.66
N GLN I 64 5.40 31.13 -26.90
CA GLN I 64 4.35 31.64 -25.99
C GLN I 64 3.38 30.48 -25.70
N LEU I 65 2.81 30.47 -24.50
CA LEU I 65 1.74 29.54 -24.06
C LEU I 65 0.47 30.35 -23.82
N ASN I 66 -0.63 29.95 -24.43
CA ASN I 66 -1.96 30.56 -24.20
C ASN I 66 -2.76 29.54 -23.42
N ARG I 67 -2.62 29.57 -22.10
CA ARG I 67 -3.23 28.55 -21.21
C ARG I 67 -4.75 28.65 -21.37
N ALA I 68 -5.27 29.86 -21.50
CA ALA I 68 -6.69 30.14 -21.73
C ALA I 68 -7.21 29.25 -22.88
N SER I 69 -6.65 29.41 -24.07
CA SER I 69 -7.07 28.73 -25.33
C SER I 69 -6.35 27.37 -25.50
N GLN I 70 -5.42 27.09 -24.58
CA GLN I 70 -4.66 25.81 -24.47
C GLN I 70 -3.92 25.55 -25.77
N TYR I 71 -3.09 26.48 -26.22
CA TYR I 71 -2.17 26.27 -27.36
C TYR I 71 -0.84 26.95 -27.03
N ILE I 72 0.22 26.42 -27.60
CA ILE I 72 1.60 26.95 -27.51
C ILE I 72 2.06 27.25 -28.93
N SER I 73 2.88 28.26 -29.06
CA SER I 73 3.42 28.71 -30.33
C SER I 73 4.92 28.75 -30.23
N LEU I 74 5.59 28.33 -31.29
CA LEU I 74 7.03 28.55 -31.51
C LEU I 74 7.18 29.38 -32.77
N LEU I 75 8.02 30.41 -32.72
CA LEU I 75 8.32 31.33 -33.84
C LEU I 75 9.84 31.44 -34.01
N ILE I 76 10.35 31.02 -35.18
CA ILE I 76 11.80 30.97 -35.54
C ILE I 76 12.13 32.10 -36.50
N ARG I 77 12.91 33.11 -36.09
CA ARG I 77 13.33 34.23 -36.97
C ARG I 77 14.61 33.82 -37.72
N ASP I 78 14.84 34.41 -38.89
CA ASP I 78 16.06 34.19 -39.69
C ASP I 78 16.38 32.68 -39.73
N SER I 79 15.41 31.88 -40.18
CA SER I 79 15.54 30.39 -40.32
C SER I 79 16.85 30.05 -40.99
N LYS I 80 17.51 28.97 -40.59
CA LYS I 80 18.79 28.50 -41.20
C LYS I 80 18.63 27.00 -41.56
N LEU I 81 19.24 26.59 -42.66
CA LEU I 81 19.15 25.21 -43.17
C LEU I 81 19.33 24.23 -42.00
N SER I 82 20.29 24.51 -41.11
CA SER I 82 20.64 23.66 -39.95
C SER I 82 19.40 23.32 -39.12
N ASP I 83 18.49 24.29 -38.90
CA ASP I 83 17.29 24.10 -38.01
C ASP I 83 16.11 23.55 -38.85
N SER I 84 16.39 23.05 -40.04
CA SER I 84 15.47 22.17 -40.80
C SER I 84 15.39 20.83 -40.05
N ALA I 85 14.24 20.47 -39.50
CA ALA I 85 14.06 19.27 -38.65
C ALA I 85 12.57 19.07 -38.36
N THR I 86 12.18 18.11 -37.54
CA THR I 86 10.78 17.96 -37.11
C THR I 86 10.64 18.55 -35.71
N TYR I 87 9.66 19.42 -35.52
CA TYR I 87 9.42 20.17 -34.26
C TYR I 87 8.31 19.45 -33.50
N LEU I 88 8.60 19.05 -32.25
CA LEU I 88 7.73 18.20 -31.37
C LEU I 88 7.24 19.03 -30.21
N CYS I 89 5.91 19.11 -30.09
CA CYS I 89 5.21 19.76 -28.99
C CYS I 89 5.15 18.74 -27.86
N VAL I 90 5.59 19.14 -26.67
CA VAL I 90 5.73 18.20 -25.52
C VAL I 90 5.13 18.84 -24.29
N VAL I 91 4.15 18.17 -23.68
CA VAL I 91 3.44 18.69 -22.48
C VAL I 91 3.47 17.64 -21.35
N ASN I 92 3.68 18.15 -20.13
CA ASN I 92 3.79 17.38 -18.88
C ASN I 92 2.40 17.28 -18.25
N MET I 93 1.84 16.06 -18.19
CA MET I 93 0.50 15.76 -17.61
C MET I 93 0.68 14.63 -16.59
N LEU I 94 -0.18 14.55 -15.60
CA LEU I 94 -0.06 13.53 -14.55
C LEU I 94 -0.72 12.22 -15.00
N ARG I 95 0.04 11.31 -15.61
CA ARG I 95 -0.52 10.01 -16.04
C ARG I 95 -0.55 9.06 -14.83
N ASN I 96 -1.67 8.39 -14.62
CA ASN I 96 -1.80 7.45 -13.48
C ASN I 96 -1.35 8.18 -12.21
N SER I 97 -0.25 7.73 -11.61
CA SER I 97 0.21 8.34 -10.34
C SER I 97 1.61 8.95 -10.54
N GLY I 98 1.88 9.43 -11.75
CA GLY I 98 3.21 10.02 -12.03
C GLY I 98 3.19 11.06 -13.12
N TYR I 99 3.86 12.19 -12.90
CA TYR I 99 3.98 13.21 -13.98
C TYR I 99 4.82 12.63 -15.13
N ALA I 100 4.29 12.77 -16.34
CA ALA I 100 4.76 12.10 -17.57
C ALA I 100 4.70 13.08 -18.74
N LEU I 101 5.53 12.87 -19.77
CA LEU I 101 5.67 13.77 -20.94
C LEU I 101 4.97 13.17 -22.13
N ASN I 102 4.01 13.92 -22.70
CA ASN I 102 3.28 13.54 -23.93
C ASN I 102 3.91 14.30 -25.09
N PHE I 103 4.24 13.57 -26.16
CA PHE I 103 4.94 14.10 -27.34
C PHE I 103 3.99 14.15 -28.51
N GLY I 104 3.93 15.30 -29.18
CA GLY I 104 3.11 15.48 -30.39
C GLY I 104 3.64 14.63 -31.54
N LYS I 105 2.77 14.32 -32.51
CA LYS I 105 3.15 13.65 -33.77
C LYS I 105 4.32 14.43 -34.38
N GLY I 106 4.39 15.75 -34.06
CA GLY I 106 5.42 16.70 -34.51
C GLY I 106 5.13 17.25 -35.91
N THR I 107 5.49 18.51 -36.19
CA THR I 107 5.39 19.19 -37.52
C THR I 107 6.78 19.22 -38.17
N SER I 108 6.91 18.98 -39.48
CA SER I 108 8.24 18.87 -40.13
C SER I 108 8.54 20.11 -40.96
N LEU I 109 9.68 20.76 -40.67
CA LEU I 109 10.17 22.02 -41.32
C LEU I 109 11.28 21.68 -42.30
N LEU I 110 11.35 22.41 -43.40
CA LEU I 110 12.37 22.22 -44.47
C LEU I 110 12.87 23.60 -44.91
N VAL I 111 13.94 24.09 -44.30
CA VAL I 111 14.56 25.39 -44.69
C VAL I 111 15.50 25.12 -45.86
N THR I 112 15.41 25.94 -46.92
CA THR I 112 16.19 25.77 -48.17
C THR I 112 16.78 27.09 -48.59
N PRO I 113 18.02 27.09 -49.12
CA PRO I 113 18.67 28.31 -49.56
C PRO I 113 18.32 28.50 -51.02
N HIS I 114 18.20 29.75 -51.46
CA HIS I 114 17.89 30.10 -52.86
C HIS I 114 19.19 30.08 -53.66
N ILE I 115 19.21 29.31 -54.74
CA ILE I 115 20.39 29.12 -55.62
C ILE I 115 20.51 30.34 -56.52
N GLN I 116 21.45 31.24 -56.17
CA GLN I 116 21.61 32.59 -56.78
C GLN I 116 21.85 32.50 -58.29
N ASN I 117 22.52 31.45 -58.76
CA ASN I 117 22.88 31.31 -60.18
C ASN I 117 22.48 29.92 -60.65
N PRO I 118 21.18 29.63 -60.85
CA PRO I 118 20.75 28.30 -61.25
C PRO I 118 21.26 27.94 -62.65
N ASP I 119 21.26 26.64 -62.96
CA ASP I 119 21.71 26.05 -64.24
C ASP I 119 21.11 24.66 -64.39
N PRO I 120 19.77 24.56 -64.48
CA PRO I 120 19.10 23.26 -64.60
C PRO I 120 19.76 22.40 -65.66
N ALA I 121 20.19 21.18 -65.28
CA ALA I 121 20.91 20.24 -66.17
C ALA I 121 20.70 18.78 -65.72
N VAL I 122 20.78 17.86 -66.68
CA VAL I 122 20.65 16.38 -66.50
C VAL I 122 21.87 15.70 -67.15
N TYR I 123 22.89 15.38 -66.37
CA TYR I 123 24.15 14.77 -66.86
C TYR I 123 24.10 13.25 -66.66
N GLN I 124 24.84 12.47 -67.48
CA GLN I 124 24.92 10.99 -67.35
C GLN I 124 26.29 10.61 -66.82
N LEU I 125 26.33 9.99 -65.64
CA LEU I 125 27.58 9.54 -64.96
C LEU I 125 27.82 8.05 -65.23
N ARG I 126 29.01 7.70 -65.71
CA ARG I 126 29.40 6.31 -66.00
C ARG I 126 30.11 5.77 -64.74
N ASP I 127 30.08 4.44 -64.52
CA ASP I 127 30.67 3.74 -63.33
C ASP I 127 32.20 3.69 -63.47
N SER I 128 32.93 3.88 -62.36
CA SER I 128 34.41 3.72 -62.28
C SER I 128 34.82 2.23 -62.45
N LYS I 129 34.00 1.27 -61.97
CA LYS I 129 34.13 -0.18 -62.29
C LYS I 129 33.75 -0.37 -63.75
N SER I 130 34.47 -1.17 -64.54
CA SER I 130 34.30 -1.20 -66.02
C SER I 130 32.79 -1.38 -66.37
N SER I 131 32.06 -2.20 -65.61
CA SER I 131 30.58 -2.40 -65.70
C SER I 131 29.85 -1.11 -65.29
N ASP I 132 28.95 -0.60 -66.15
CA ASP I 132 28.26 0.71 -65.95
C ASP I 132 26.74 0.54 -65.92
N LYS I 133 26.11 0.61 -64.71
CA LYS I 133 24.63 0.67 -64.50
C LYS I 133 24.20 2.15 -64.64
N SER I 134 23.48 2.47 -65.71
CA SER I 134 23.16 3.86 -66.12
C SER I 134 22.67 4.66 -64.91
N VAL I 135 23.34 5.80 -64.61
CA VAL I 135 22.99 6.74 -63.51
C VAL I 135 22.88 8.16 -64.08
N CYS I 136 21.66 8.74 -64.10
CA CYS I 136 21.35 10.13 -64.53
C CYS I 136 21.21 11.04 -63.30
N LEU I 137 21.83 12.21 -63.37
CA LEU I 137 21.97 13.21 -62.27
C LEU I 137 21.37 14.56 -62.70
N PHE I 138 20.34 15.01 -61.98
CA PHE I 138 19.65 16.31 -62.17
C PHE I 138 20.19 17.26 -61.08
N THR I 139 20.84 18.38 -61.48
CA THR I 139 21.59 19.27 -60.53
C THR I 139 21.48 20.73 -60.94
N ASP I 140 21.83 21.59 -59.97
CA ASP I 140 21.92 23.07 -60.10
C ASP I 140 20.59 23.64 -60.53
N PHE I 141 19.49 23.14 -60.02
CA PHE I 141 18.13 23.66 -60.37
C PHE I 141 17.71 24.54 -59.21
N ASP I 142 16.77 25.46 -59.44
CA ASP I 142 16.24 26.39 -58.40
C ASP I 142 15.62 25.55 -57.29
N SER I 143 15.79 25.96 -56.04
CA SER I 143 15.30 25.19 -54.86
C SER I 143 13.81 24.83 -55.03
N GLN I 144 13.01 25.73 -55.63
CA GLN I 144 11.55 25.58 -55.85
C GLN I 144 11.22 24.38 -56.76
N THR I 145 12.10 24.01 -57.69
CA THR I 145 11.96 22.78 -58.52
C THR I 145 11.84 21.58 -57.58
N ASN I 146 10.84 20.71 -57.77
CA ASN I 146 10.67 19.51 -56.89
C ASN I 146 10.44 18.27 -57.77
N VAL I 147 11.39 17.35 -57.71
CA VAL I 147 11.49 16.13 -58.56
C VAL I 147 10.51 15.08 -58.00
N SER I 148 10.05 14.13 -58.82
CA SER I 148 8.97 13.17 -58.48
C SER I 148 9.29 11.74 -58.93
N GLN I 149 9.10 10.76 -58.02
CA GLN I 149 9.25 9.30 -58.27
C GLN I 149 8.68 8.99 -59.65
N SER I 150 9.36 8.19 -60.47
CA SER I 150 8.97 7.90 -61.89
C SER I 150 7.74 6.98 -61.92
N LYS I 151 7.06 6.93 -63.06
CA LYS I 151 5.88 6.06 -63.29
C LYS I 151 6.35 4.61 -63.41
N ASP I 152 7.58 4.39 -63.89
CA ASP I 152 8.20 3.04 -64.01
C ASP I 152 8.77 2.59 -62.64
N SER I 153 8.45 1.35 -62.22
CA SER I 153 8.97 0.70 -60.99
C SER I 153 10.47 0.51 -61.09
N ASP I 154 10.94 0.17 -62.30
CA ASP I 154 12.34 -0.17 -62.61
C ASP I 154 13.21 1.11 -62.63
N VAL I 155 12.62 2.29 -62.68
CA VAL I 155 13.36 3.57 -62.47
C VAL I 155 13.36 3.89 -60.98
N TYR I 156 14.55 4.09 -60.41
CA TYR I 156 14.77 4.52 -59.00
C TYR I 156 15.22 5.98 -59.00
N ILE I 157 14.43 6.86 -58.39
CA ILE I 157 14.76 8.31 -58.26
C ILE I 157 14.84 8.68 -56.78
N THR I 158 15.99 9.16 -56.38
CA THR I 158 16.28 9.69 -55.03
C THR I 158 15.80 11.12 -55.04
N ASP I 159 15.34 11.63 -53.90
CA ASP I 159 14.77 12.99 -53.81
C ASP I 159 15.93 13.99 -53.89
N LYS I 160 15.59 15.28 -53.92
CA LYS I 160 16.55 16.40 -54.05
C LYS I 160 17.43 16.43 -52.78
N CYS I 161 18.55 17.13 -52.85
CA CYS I 161 19.59 17.15 -51.82
C CYS I 161 20.45 18.42 -51.95
N VAL I 162 20.47 19.25 -50.91
CA VAL I 162 21.24 20.53 -50.86
C VAL I 162 22.67 20.21 -50.42
N LEU I 163 23.62 20.53 -51.27
CA LEU I 163 25.06 20.25 -51.14
C LEU I 163 25.80 21.60 -50.95
N ASP I 164 26.67 21.74 -49.94
CA ASP I 164 27.35 23.03 -49.64
C ASP I 164 28.86 22.88 -49.78
N MET I 165 29.45 23.44 -50.84
CA MET I 165 30.91 23.58 -51.01
C MET I 165 31.39 24.82 -50.25
N ARG I 166 31.36 24.78 -48.92
CA ARG I 166 31.70 25.94 -48.03
C ARG I 166 32.98 26.63 -48.55
N SER I 167 33.98 25.84 -48.97
CA SER I 167 35.32 26.29 -49.46
C SER I 167 35.16 27.42 -50.51
N MET I 168 34.18 27.31 -51.43
CA MET I 168 33.91 28.34 -52.48
C MET I 168 32.63 29.11 -52.15
N ASP I 169 31.98 28.83 -51.00
CA ASP I 169 30.69 29.43 -50.57
C ASP I 169 29.66 29.30 -51.71
N PHE I 170 29.27 28.07 -52.03
CA PHE I 170 28.39 27.71 -53.18
C PHE I 170 27.55 26.50 -52.81
N LYS I 171 26.24 26.54 -53.10
CA LYS I 171 25.28 25.43 -52.82
C LYS I 171 24.61 24.98 -54.13
N SER I 172 24.23 23.71 -54.20
CA SER I 172 23.63 23.08 -55.38
C SER I 172 22.59 22.03 -54.96
N ASN I 173 21.41 22.08 -55.56
CA ASN I 173 20.39 21.00 -55.43
C ASN I 173 20.82 19.88 -56.40
N SER I 174 20.43 18.66 -56.14
CA SER I 174 20.84 17.48 -56.94
C SER I 174 19.95 16.31 -56.61
N ALA I 175 19.58 15.52 -57.61
CA ALA I 175 18.76 14.30 -57.45
C ALA I 175 19.20 13.27 -58.49
N VAL I 176 19.29 12.02 -58.07
CA VAL I 176 19.88 10.90 -58.87
C VAL I 176 18.77 9.93 -59.26
N ALA I 177 18.83 9.39 -60.48
CA ALA I 177 17.91 8.36 -60.99
C ALA I 177 18.72 7.25 -61.65
N TRP I 178 18.49 6.01 -61.25
CA TRP I 178 19.19 4.82 -61.78
C TRP I 178 18.17 3.74 -62.11
N SER I 179 18.30 3.11 -63.28
CA SER I 179 17.37 2.04 -63.75
C SER I 179 18.16 0.88 -64.35
N ASN I 180 19.05 0.30 -63.57
CA ASN I 180 19.62 -1.04 -63.83
C ASN I 180 18.43 -1.97 -64.12
N LYS I 181 18.63 -3.04 -64.90
CA LYS I 181 17.57 -4.01 -65.27
C LYS I 181 16.53 -3.33 -66.18
N SER I 182 17.00 -2.45 -67.07
CA SER I 182 16.19 -1.72 -68.09
C SER I 182 17.14 -0.87 -68.95
N ASP I 183 16.68 -0.41 -70.13
CA ASP I 183 17.45 0.49 -71.06
C ASP I 183 16.81 1.88 -71.08
N PHE I 184 17.24 2.77 -70.18
CA PHE I 184 16.67 4.13 -69.96
C PHE I 184 17.78 5.19 -70.16
N ALA I 185 17.46 6.26 -70.90
CA ALA I 185 18.36 7.40 -71.16
C ALA I 185 17.97 8.55 -70.23
N CYS I 186 18.70 9.65 -70.27
CA CYS I 186 18.57 10.75 -69.30
C CYS I 186 17.34 11.63 -69.60
N ALA I 187 17.06 11.94 -70.87
CA ALA I 187 15.83 12.68 -71.27
C ALA I 187 14.63 11.88 -70.76
N ASN I 188 14.70 10.58 -70.93
CA ASN I 188 13.71 9.59 -70.43
C ASN I 188 13.49 9.79 -68.91
N ALA I 189 14.55 9.74 -68.12
CA ALA I 189 14.58 9.61 -66.62
C ALA I 189 13.50 10.41 -65.90
N PHE I 190 13.52 11.74 -66.06
CA PHE I 190 12.71 12.67 -65.22
C PHE I 190 11.47 13.20 -65.96
N ASN I 191 11.05 12.52 -67.03
CA ASN I 191 9.83 12.86 -67.80
C ASN I 191 8.63 12.90 -66.84
N ASN I 192 8.70 12.25 -65.67
CA ASN I 192 7.52 12.16 -64.77
C ASN I 192 7.51 13.28 -63.72
N SER I 193 8.52 14.15 -63.70
CA SER I 193 8.54 15.36 -62.83
C SER I 193 8.65 16.62 -63.70
N ILE I 194 8.16 17.75 -63.20
CA ILE I 194 8.04 19.01 -63.98
C ILE I 194 9.38 19.78 -63.98
N ILE I 195 10.24 19.43 -64.94
CA ILE I 195 11.64 19.95 -65.08
C ILE I 195 11.63 21.35 -65.67
N PRO I 196 12.49 22.28 -65.21
CA PRO I 196 12.63 23.60 -65.83
C PRO I 196 12.85 23.45 -67.35
N GLU I 197 12.13 24.24 -68.15
CA GLU I 197 12.10 24.17 -69.65
C GLU I 197 13.48 24.51 -70.23
N ASP I 198 14.27 25.31 -69.55
CA ASP I 198 15.65 25.68 -69.97
C ASP I 198 16.68 24.57 -69.59
N THR I 199 16.27 23.48 -68.94
CA THR I 199 17.22 22.45 -68.43
C THR I 199 18.21 22.08 -69.54
N PHE I 200 19.50 21.91 -69.19
CA PHE I 200 20.65 21.74 -70.12
C PHE I 200 20.51 20.48 -70.98
N PHE I 201 20.15 19.33 -70.42
CA PHE I 201 20.01 18.07 -71.20
C PHE I 201 21.08 18.01 -72.32
N PRO I 202 22.39 17.93 -71.98
CA PRO I 202 23.43 17.77 -72.99
C PRO I 202 23.35 16.40 -73.70
N SER I 203 23.78 16.29 -74.95
CA SER I 203 23.82 15.02 -75.74
C SER I 203 25.26 14.52 -75.90
N PRO I 204 25.76 13.60 -74.99
CA PRO I 204 27.17 13.16 -74.99
C PRO I 204 27.77 12.78 -76.35
N GLY J 1 39.20 20.20 -18.14
CA GLY J 1 38.07 20.66 -18.97
C GLY J 1 36.77 20.06 -18.49
N SER J 2 36.01 20.79 -17.66
CA SER J 2 34.72 20.38 -17.03
C SER J 2 33.71 19.96 -18.12
N MET J 3 33.22 18.70 -18.05
CA MET J 3 32.29 18.09 -19.05
C MET J 3 31.21 17.26 -18.32
N ASN J 4 30.29 16.64 -19.06
CA ASN J 4 29.27 15.66 -18.57
C ASN J 4 28.72 14.87 -19.77
N ALA J 5 29.08 13.57 -19.90
CA ALA J 5 28.49 12.65 -20.92
C ALA J 5 26.99 12.52 -20.62
N GLY J 6 26.15 12.47 -21.65
CA GLY J 6 24.68 12.38 -21.49
C GLY J 6 24.20 10.95 -21.33
N VAL J 7 22.98 10.68 -21.74
CA VAL J 7 22.40 9.32 -21.87
C VAL J 7 23.12 8.61 -23.01
N THR J 8 23.36 7.31 -22.85
CA THR J 8 24.01 6.44 -23.87
C THR J 8 23.25 5.13 -23.99
N GLN J 9 22.94 4.74 -25.21
CA GLN J 9 22.27 3.47 -25.51
C GLN J 9 23.25 2.59 -26.22
N THR J 10 22.96 1.30 -26.24
CA THR J 10 23.76 0.24 -26.86
C THR J 10 22.89 -0.99 -26.97
N PRO J 11 22.73 -1.61 -28.17
CA PRO J 11 23.43 -1.19 -29.37
C PRO J 11 22.64 -0.15 -30.13
N LYS J 12 23.24 0.46 -31.15
CA LYS J 12 22.57 1.48 -31.98
C LYS J 12 21.82 0.78 -33.11
N PHE J 13 22.16 -0.47 -33.40
CA PHE J 13 21.52 -1.30 -34.46
C PHE J 13 21.53 -2.77 -34.07
N GLN J 14 20.42 -3.46 -34.36
CA GLN J 14 20.25 -4.92 -34.12
C GLN J 14 19.34 -5.50 -35.19
N VAL J 15 19.49 -6.79 -35.49
CA VAL J 15 18.57 -7.57 -36.34
C VAL J 15 18.41 -8.93 -35.68
N LEU J 16 17.18 -9.49 -35.70
CA LEU J 16 16.77 -10.65 -34.87
C LEU J 16 15.90 -11.61 -35.65
N LYS J 17 16.02 -12.91 -35.41
CA LYS J 17 15.02 -13.90 -35.83
C LYS J 17 13.83 -13.71 -34.89
N THR J 18 12.60 -13.77 -35.40
CA THR J 18 11.40 -13.67 -34.53
C THR J 18 11.58 -14.75 -33.48
N GLY J 19 11.39 -14.41 -32.21
CA GLY J 19 11.43 -15.39 -31.09
C GLY J 19 12.71 -15.32 -30.29
N GLN J 20 13.71 -14.65 -30.84
CA GLN J 20 15.01 -14.44 -30.16
C GLN J 20 14.80 -13.36 -29.13
N SER J 21 15.41 -13.53 -27.95
CA SER J 21 15.47 -12.52 -26.87
C SER J 21 16.56 -11.51 -27.20
N MET J 22 16.51 -10.36 -26.57
CA MET J 22 17.38 -9.20 -26.84
C MET J 22 17.14 -8.16 -25.76
N THR J 23 18.22 -7.63 -25.17
CA THR J 23 18.17 -6.56 -24.15
C THR J 23 19.03 -5.40 -24.60
N LEU J 24 18.39 -4.25 -24.79
CA LEU J 24 19.04 -2.95 -25.05
C LEU J 24 19.44 -2.43 -23.69
N GLN J 25 20.47 -1.60 -23.62
CA GLN J 25 20.93 -1.00 -22.35
C GLN J 25 20.97 0.51 -22.51
N CYS J 26 20.99 1.23 -21.40
CA CYS J 26 20.95 2.70 -21.33
C CYS J 26 21.66 3.16 -20.07
N ALA J 27 22.35 4.29 -20.13
CA ALA J 27 23.22 4.78 -19.04
C ALA J 27 23.32 6.30 -19.09
N GLN J 28 23.35 6.95 -17.92
CA GLN J 28 23.33 8.43 -17.79
C GLN J 28 24.40 8.93 -16.82
N ASP J 29 25.33 9.76 -17.28
CA ASP J 29 26.37 10.38 -16.42
C ASP J 29 25.68 11.37 -15.50
N MET J 30 24.80 12.21 -16.05
CA MET J 30 23.97 13.17 -15.27
C MET J 30 23.22 12.40 -14.18
N ASN J 31 23.22 12.92 -12.96
CA ASN J 31 22.65 12.24 -11.75
C ASN J 31 21.13 12.34 -11.73
N HIS J 32 20.47 11.92 -12.79
CA HIS J 32 19.00 11.87 -12.85
C HIS J 32 18.54 10.66 -12.06
N ASN J 33 17.27 10.68 -11.64
CA ASN J 33 16.64 9.63 -10.83
C ASN J 33 15.75 8.82 -11.75
N SER J 34 15.06 9.50 -12.67
CA SER J 34 14.02 8.91 -13.55
C SER J 34 14.58 8.68 -14.95
N MET J 35 14.46 7.44 -15.43
CA MET J 35 14.89 7.02 -16.78
C MET J 35 13.69 6.39 -17.48
N TYR J 36 13.65 6.50 -18.81
CA TYR J 36 12.49 6.10 -19.64
C TYR J 36 12.95 5.35 -20.88
N TRP J 37 12.19 4.33 -21.28
CA TRP J 37 12.36 3.55 -22.54
C TRP J 37 11.15 3.76 -23.46
N TYR J 38 11.28 4.65 -24.43
CA TYR J 38 10.27 4.98 -25.46
C TYR J 38 10.44 4.10 -26.71
N ARG J 39 9.54 4.30 -27.64
CA ARG J 39 9.45 3.56 -28.89
C ARG J 39 8.80 4.47 -29.93
N GLN J 40 9.53 4.83 -30.97
CA GLN J 40 9.07 5.77 -32.03
C GLN J 40 8.84 5.00 -33.32
N ASP J 41 7.58 4.92 -33.76
CA ASP J 41 7.22 4.24 -35.03
C ASP J 41 6.71 5.29 -36.00
N PRO J 42 7.14 5.27 -37.29
CA PRO J 42 6.60 6.17 -38.30
C PRO J 42 5.10 6.34 -38.19
N GLY J 43 4.61 7.57 -38.32
CA GLY J 43 3.16 7.80 -38.32
C GLY J 43 2.60 7.90 -36.91
N MET J 44 3.37 7.45 -35.93
CA MET J 44 2.93 7.58 -34.52
C MET J 44 4.01 8.35 -33.73
N GLY J 45 3.62 8.99 -32.64
CA GLY J 45 4.59 9.74 -31.84
C GLY J 45 5.38 8.81 -30.94
N LEU J 46 6.19 9.36 -30.05
CA LEU J 46 6.92 8.51 -29.09
C LEU J 46 5.91 7.85 -28.15
N ARG J 47 5.94 6.52 -28.06
CA ARG J 47 5.05 5.80 -27.12
C ARG J 47 5.92 5.21 -26.01
N LEU J 48 5.54 5.41 -24.74
CA LEU J 48 6.36 4.93 -23.60
C LEU J 48 6.14 3.43 -23.39
N ILE J 49 7.20 2.67 -23.19
CA ILE J 49 7.12 1.22 -22.91
C ILE J 49 7.08 1.02 -21.40
N TYR J 50 8.21 1.22 -20.72
CA TYR J 50 8.34 1.25 -19.24
C TYR J 50 9.09 2.54 -18.85
N TYR J 51 9.20 2.85 -17.57
CA TYR J 51 9.94 4.00 -17.01
C TYR J 51 10.44 3.65 -15.61
N SER J 52 11.09 4.55 -14.90
CA SER J 52 11.64 4.28 -13.55
C SER J 52 11.88 5.60 -12.80
N ALA J 53 10.89 6.05 -12.01
CA ALA J 53 10.89 7.37 -11.34
C ALA J 53 12.05 7.48 -10.34
N SER J 54 12.41 6.38 -9.66
CA SER J 54 13.49 6.31 -8.63
C SER J 54 14.51 5.26 -9.02
N GLU J 55 15.59 5.14 -8.25
CA GLU J 55 16.66 4.11 -8.46
C GLU J 55 16.11 2.72 -8.13
N GLY J 56 15.06 2.67 -7.33
CA GLY J 56 14.55 1.40 -6.76
C GLY J 56 13.39 0.87 -7.54
N THR J 57 12.55 1.75 -8.07
CA THR J 57 11.25 1.39 -8.65
C THR J 57 11.30 1.45 -10.18
N THR J 58 10.45 0.67 -10.83
CA THR J 58 10.09 0.75 -12.27
C THR J 58 8.57 0.61 -12.39
N ASP J 59 7.99 1.03 -13.50
CA ASP J 59 6.52 0.95 -13.77
C ASP J 59 6.24 0.84 -15.28
N LYS J 60 5.10 0.25 -15.65
CA LYS J 60 4.64 0.08 -17.04
C LYS J 60 4.26 1.43 -17.61
N GLY J 61 4.45 1.62 -18.90
CA GLY J 61 4.00 2.80 -19.66
C GLY J 61 2.84 2.45 -20.56
N GLU J 62 2.78 3.09 -21.71
CA GLU J 62 1.64 3.02 -22.63
C GLU J 62 1.62 1.67 -23.35
N VAL J 63 2.76 1.03 -23.58
CA VAL J 63 2.82 -0.23 -24.38
C VAL J 63 3.95 -1.12 -23.89
N PRO J 64 3.74 -1.83 -22.77
CA PRO J 64 4.78 -2.67 -22.17
C PRO J 64 4.66 -4.17 -22.48
N ASN J 65 4.02 -4.51 -23.58
CA ASN J 65 3.77 -5.93 -23.92
C ASN J 65 4.88 -6.41 -24.84
N GLY J 66 5.43 -7.59 -24.53
CA GLY J 66 6.60 -8.17 -25.19
C GLY J 66 7.89 -7.68 -24.54
N TYR J 67 7.77 -6.57 -23.80
CA TYR J 67 8.88 -5.86 -23.13
C TYR J 67 8.81 -6.03 -21.62
N ASN J 68 9.97 -5.79 -21.00
CA ASN J 68 10.17 -5.69 -19.54
C ASN J 68 11.50 -4.96 -19.32
N VAL J 69 11.71 -4.40 -18.14
CA VAL J 69 12.92 -3.59 -17.85
C VAL J 69 13.53 -4.01 -16.51
N SER J 70 14.71 -3.49 -16.24
CA SER J 70 15.53 -3.70 -15.02
C SER J 70 16.35 -2.45 -14.78
N ARG J 71 16.07 -1.68 -13.72
CA ARG J 71 16.87 -0.48 -13.40
C ARG J 71 18.00 -0.90 -12.51
N LEU J 72 19.10 -1.32 -13.15
CA LEU J 72 20.27 -2.02 -12.58
C LEU J 72 20.96 -1.16 -11.51
N ASN J 73 20.81 0.16 -11.57
CA ASN J 73 21.42 1.09 -10.60
C ASN J 73 20.95 2.49 -10.94
N LYS J 74 21.50 3.52 -10.29
CA LYS J 74 21.09 4.93 -10.51
C LYS J 74 21.40 5.34 -11.95
N ARG J 75 22.35 4.68 -12.60
CA ARG J 75 22.91 5.09 -13.91
C ARG J 75 22.32 4.30 -15.07
N GLU J 76 21.97 3.04 -14.85
CA GLU J 76 21.65 2.08 -15.94
C GLU J 76 20.19 1.60 -15.84
N PHE J 77 19.55 1.41 -16.99
CA PHE J 77 18.13 1.03 -17.17
C PHE J 77 18.02 0.25 -18.48
N SER J 78 17.77 -1.04 -18.37
CA SER J 78 17.81 -2.01 -19.50
C SER J 78 16.40 -2.34 -19.94
N LEU J 79 16.18 -2.36 -21.24
CA LEU J 79 14.93 -2.81 -21.88
C LEU J 79 15.16 -4.21 -22.44
N ARG J 80 14.26 -5.15 -22.15
CA ARG J 80 14.45 -6.55 -22.53
C ARG J 80 13.22 -7.10 -23.26
N LEU J 81 13.46 -7.62 -24.47
CA LEU J 81 12.49 -8.44 -25.26
C LEU J 81 12.78 -9.93 -25.03
N GLU J 82 11.93 -10.63 -24.30
CA GLU J 82 12.15 -12.05 -23.92
C GLU J 82 12.04 -12.94 -25.17
N SER J 83 11.26 -12.54 -26.16
CA SER J 83 11.13 -13.24 -27.47
C SER J 83 10.56 -12.27 -28.51
N ALA J 84 11.44 -11.71 -29.32
CA ALA J 84 11.15 -10.67 -30.32
C ALA J 84 10.01 -11.13 -31.23
N ALA J 85 9.39 -10.18 -31.89
CA ALA J 85 8.30 -10.41 -32.85
C ALA J 85 8.35 -9.32 -33.89
N PRO J 86 7.98 -9.65 -35.13
CA PRO J 86 7.99 -8.67 -36.20
C PRO J 86 7.46 -7.34 -35.65
N SER J 87 6.31 -7.42 -34.96
CA SER J 87 5.63 -6.29 -34.29
C SER J 87 6.63 -5.32 -33.65
N GLN J 88 7.65 -5.87 -32.98
CA GLN J 88 8.59 -5.12 -32.11
C GLN J 88 9.70 -4.48 -32.96
N THR J 89 9.66 -4.61 -34.28
CA THR J 89 10.59 -3.85 -35.17
C THR J 89 10.22 -2.38 -35.08
N SER J 90 11.07 -1.58 -34.47
CA SER J 90 10.88 -0.11 -34.37
C SER J 90 12.22 0.55 -34.13
N VAL J 91 12.20 1.84 -33.81
CA VAL J 91 13.32 2.55 -33.21
C VAL J 91 12.97 2.74 -31.74
N TYR J 92 13.94 2.49 -30.88
CA TYR J 92 13.78 2.52 -29.42
C TYR J 92 14.65 3.62 -28.88
N PHE J 93 14.04 4.51 -28.11
CA PHE J 93 14.75 5.61 -27.44
C PHE J 93 14.65 5.44 -25.97
N CYS J 94 15.76 5.61 -25.30
CA CYS J 94 15.89 5.68 -23.85
C CYS J 94 16.19 7.11 -23.50
N ALA J 95 15.83 7.54 -22.29
CA ALA J 95 16.01 8.93 -21.85
C ALA J 95 15.96 8.99 -20.36
N SER J 96 16.51 10.06 -19.77
CA SER J 96 16.52 10.34 -18.32
C SER J 96 16.13 11.79 -18.08
N SER J 97 15.67 12.12 -16.87
CA SER J 97 15.37 13.50 -16.41
C SER J 97 15.61 13.57 -14.92
N GLU J 98 15.97 14.75 -14.40
CA GLU J 98 16.26 14.96 -12.95
C GLU J 98 15.27 14.13 -12.11
N SER J 99 13.96 14.30 -12.36
CA SER J 99 12.83 13.56 -11.73
C SER J 99 11.65 13.56 -12.71
N GLY J 100 10.58 12.83 -12.37
CA GLY J 100 9.35 12.75 -13.19
C GLY J 100 8.80 14.14 -13.53
N GLY J 101 8.48 14.39 -14.80
CA GLY J 101 7.83 15.64 -15.26
C GLY J 101 8.84 16.72 -15.62
N TYR J 102 10.11 16.40 -15.44
CA TYR J 102 11.26 17.28 -15.78
C TYR J 102 11.66 17.03 -17.25
N GLU J 103 12.26 18.07 -17.87
CA GLU J 103 12.88 18.03 -19.22
C GLU J 103 13.62 16.70 -19.37
N GLN J 104 13.34 15.95 -20.43
CA GLN J 104 13.97 14.63 -20.66
C GLN J 104 15.09 14.76 -21.65
N TYR J 105 16.23 14.19 -21.32
CA TYR J 105 17.42 14.12 -22.18
C TYR J 105 17.47 12.68 -22.71
N PHE J 106 17.60 12.53 -24.03
CA PHE J 106 17.49 11.26 -24.78
C PHE J 106 18.83 10.75 -25.28
N GLY J 107 18.99 9.44 -25.23
CA GLY J 107 20.12 8.72 -25.86
C GLY J 107 19.98 8.70 -27.38
N PRO J 108 21.03 8.34 -28.11
CA PRO J 108 20.99 8.37 -29.56
C PRO J 108 19.94 7.46 -30.20
N GLY J 109 19.44 6.48 -29.47
CA GLY J 109 18.40 5.57 -29.99
C GLY J 109 18.99 4.32 -30.64
N THR J 110 18.15 3.30 -30.78
CA THR J 110 18.52 1.94 -31.25
C THR J 110 17.54 1.45 -32.31
N ARG J 111 18.03 1.13 -33.48
CA ARG J 111 17.22 0.67 -34.63
C ARG J 111 17.24 -0.84 -34.65
N LEU J 112 16.11 -1.45 -34.36
CA LEU J 112 15.92 -2.92 -34.23
C LEU J 112 14.96 -3.42 -35.33
N THR J 113 15.30 -4.55 -35.96
CA THR J 113 14.52 -5.20 -37.03
C THR J 113 14.38 -6.69 -36.73
N VAL J 114 13.16 -7.20 -36.78
CA VAL J 114 12.82 -8.61 -36.45
C VAL J 114 12.30 -9.26 -37.73
N THR J 115 12.94 -10.34 -38.15
CA THR J 115 12.76 -10.95 -39.49
C THR J 115 12.43 -12.43 -39.31
N GLU J 116 11.41 -12.92 -40.01
CA GLU J 116 10.93 -14.32 -39.87
C GLU J 116 12.08 -15.27 -40.18
N ASP J 117 13.11 -14.79 -40.90
CA ASP J 117 14.32 -15.59 -41.23
C ASP J 117 15.48 -14.63 -41.53
N LEU J 118 16.70 -14.98 -41.09
CA LEU J 118 17.94 -14.17 -41.29
C LEU J 118 18.34 -14.19 -42.77
N LYS J 119 17.84 -15.17 -43.53
CA LYS J 119 18.08 -15.31 -44.99
C LYS J 119 17.62 -14.02 -45.70
N ASN J 120 16.86 -13.16 -45.01
CA ASN J 120 16.30 -11.89 -45.54
C ASN J 120 17.31 -10.77 -45.43
N VAL J 121 18.36 -10.97 -44.64
CA VAL J 121 19.46 -10.00 -44.44
C VAL J 121 20.38 -10.07 -45.63
N PHE J 122 20.79 -8.92 -46.13
CA PHE J 122 21.77 -8.77 -47.22
C PHE J 122 22.58 -7.51 -46.97
N PRO J 123 23.91 -7.55 -47.17
CA PRO J 123 24.73 -6.37 -47.04
C PRO J 123 24.57 -5.51 -48.29
N PRO J 124 24.94 -4.24 -48.22
CA PRO J 124 24.74 -3.34 -49.34
C PRO J 124 25.75 -3.62 -50.43
N GLU J 125 25.37 -3.33 -51.66
CA GLU J 125 26.29 -3.32 -52.80
C GLU J 125 26.58 -1.84 -53.10
N VAL J 126 27.83 -1.41 -52.91
CA VAL J 126 28.27 -0.01 -53.13
C VAL J 126 29.03 0.09 -54.45
N ALA J 127 28.68 1.10 -55.24
CA ALA J 127 29.30 1.47 -56.53
C ALA J 127 29.50 2.99 -56.55
N VAL J 128 30.61 3.48 -57.11
CA VAL J 128 30.88 4.94 -57.24
C VAL J 128 30.90 5.28 -58.72
N PHE J 129 30.26 6.39 -59.11
CA PHE J 129 30.08 6.83 -60.51
C PHE J 129 30.84 8.12 -60.74
N GLU J 130 31.72 8.11 -61.75
CA GLU J 130 32.66 9.22 -62.06
C GLU J 130 31.91 10.39 -62.68
N PRO J 131 32.36 11.64 -62.42
CA PRO J 131 31.71 12.84 -62.97
C PRO J 131 31.46 12.70 -64.47
N SER J 132 30.46 13.43 -65.00
CA SER J 132 30.16 13.50 -66.46
C SER J 132 31.10 14.52 -67.12
N GLU J 133 31.61 14.19 -68.30
CA GLU J 133 32.45 15.12 -69.08
C GLU J 133 31.64 16.39 -69.26
N ALA J 134 30.37 16.24 -69.64
CA ALA J 134 29.40 17.33 -69.85
C ALA J 134 29.47 18.32 -68.68
N GLU J 135 29.31 17.81 -67.46
CA GLU J 135 29.28 18.61 -66.22
C GLU J 135 30.59 19.40 -66.06
N ILE J 136 31.75 18.71 -66.12
CA ILE J 136 33.07 19.33 -65.77
C ILE J 136 33.31 20.51 -66.71
N SER J 137 32.78 20.47 -67.92
CA SER J 137 33.08 21.45 -68.99
C SER J 137 32.11 22.63 -68.92
N HIS J 138 30.83 22.35 -68.67
CA HIS J 138 29.73 23.36 -68.55
C HIS J 138 29.92 24.18 -67.26
N THR J 139 30.17 23.50 -66.14
CA THR J 139 30.06 24.10 -64.79
C THR J 139 31.40 24.21 -64.07
N GLN J 140 32.46 23.60 -64.57
CA GLN J 140 33.77 23.68 -63.88
C GLN J 140 33.64 23.05 -62.50
N LYS J 141 32.88 21.97 -62.41
CA LYS J 141 32.61 21.21 -61.16
C LYS J 141 32.27 19.77 -61.50
N ALA J 142 32.73 18.84 -60.69
CA ALA J 142 32.55 17.39 -60.90
C ALA J 142 31.76 16.79 -59.74
N THR J 143 30.61 16.18 -60.05
CA THR J 143 29.72 15.49 -59.08
C THR J 143 30.01 14.00 -59.16
N LEU J 144 30.52 13.43 -58.06
CA LEU J 144 30.67 11.96 -57.85
C LEU J 144 29.39 11.47 -57.21
N VAL J 145 28.85 10.34 -57.66
CA VAL J 145 27.62 9.74 -57.10
C VAL J 145 27.93 8.35 -56.58
N CYS J 146 27.51 8.05 -55.37
CA CYS J 146 27.68 6.73 -54.73
C CYS J 146 26.32 6.07 -54.46
N LEU J 147 26.22 4.77 -54.75
CA LEU J 147 24.97 3.98 -54.70
C LEU J 147 25.15 2.72 -53.87
N ALA J 148 24.71 2.74 -52.62
CA ALA J 148 24.51 1.55 -51.78
C ALA J 148 23.10 0.99 -52.03
N THR J 149 23.00 -0.28 -52.42
CA THR J 149 21.73 -0.91 -52.87
C THR J 149 21.65 -2.39 -52.54
N GLY J 150 20.43 -2.90 -52.42
CA GLY J 150 20.11 -4.31 -52.11
C GLY J 150 20.50 -4.71 -50.70
N PHE J 151 20.47 -3.79 -49.74
CA PHE J 151 20.85 -4.09 -48.33
C PHE J 151 19.61 -4.19 -47.47
N TYR J 152 19.66 -5.08 -46.46
CA TYR J 152 18.60 -5.33 -45.43
C TYR J 152 19.23 -5.88 -44.17
N PRO J 153 19.09 -5.18 -43.02
CA PRO J 153 18.12 -4.12 -42.91
C PRO J 153 18.62 -2.77 -43.41
N ASP J 154 17.98 -1.70 -42.98
CA ASP J 154 18.36 -0.33 -43.42
C ASP J 154 19.40 0.22 -42.46
N HIS J 155 20.20 -0.66 -41.86
CA HIS J 155 21.19 -0.21 -40.85
C HIS J 155 22.53 0.06 -41.53
N VAL J 156 22.69 1.26 -42.09
CA VAL J 156 23.92 1.64 -42.81
C VAL J 156 24.29 3.07 -42.49
N GLU J 157 25.57 3.33 -42.35
CA GLU J 157 26.15 4.67 -42.26
C GLU J 157 27.11 4.82 -43.45
N LEU J 158 27.00 5.93 -44.17
CA LEU J 158 27.69 6.16 -45.46
C LEU J 158 28.51 7.45 -45.36
N SER J 159 29.82 7.29 -45.41
CA SER J 159 30.82 8.37 -45.34
C SER J 159 31.47 8.51 -46.71
N TRP J 160 32.08 9.66 -46.95
CA TRP J 160 32.94 9.96 -48.14
C TRP J 160 34.34 10.22 -47.65
N TRP J 161 35.33 9.52 -48.20
CA TRP J 161 36.74 9.69 -47.81
C TRP J 161 37.56 10.15 -49.02
N VAL J 162 38.18 11.31 -48.88
CA VAL J 162 39.04 11.93 -49.92
C VAL J 162 40.47 11.87 -49.42
N ASN J 163 41.26 10.97 -50.02
CA ASN J 163 42.68 10.78 -49.66
C ASN J 163 42.74 10.26 -48.23
N GLY J 164 41.79 9.39 -47.88
CA GLY J 164 41.78 8.65 -46.61
C GLY J 164 41.37 9.51 -45.42
N LYS J 165 40.98 10.76 -45.66
CA LYS J 165 40.35 11.62 -44.64
C LYS J 165 38.88 11.78 -45.02
N GLU J 166 37.98 11.59 -44.06
CA GLU J 166 36.51 11.75 -44.26
C GLU J 166 36.22 13.22 -44.54
N VAL J 167 35.36 13.48 -45.52
CA VAL J 167 34.96 14.86 -45.91
C VAL J 167 33.49 15.06 -45.54
N HIS J 168 33.10 16.31 -45.35
CA HIS J 168 31.72 16.74 -45.03
C HIS J 168 31.28 17.81 -46.02
N SER J 169 32.21 18.70 -46.41
CA SER J 169 32.00 19.75 -47.43
C SER J 169 31.93 19.10 -48.81
N GLY J 170 30.91 19.46 -49.57
CA GLY J 170 30.65 18.95 -50.92
C GLY J 170 29.81 17.69 -50.91
N VAL J 171 29.34 17.27 -49.73
CA VAL J 171 28.57 16.01 -49.58
C VAL J 171 27.12 16.34 -49.38
N CYS J 172 26.29 15.38 -49.75
CA CYS J 172 24.84 15.36 -49.54
C CYS J 172 24.38 13.94 -49.72
N THR J 173 24.04 13.26 -48.64
CA THR J 173 23.50 11.88 -48.67
C THR J 173 22.00 11.91 -48.40
N ASP J 174 21.24 11.09 -49.13
CA ASP J 174 19.78 10.93 -48.92
C ASP J 174 19.53 10.92 -47.43
N PRO J 175 18.52 11.66 -46.95
CA PRO J 175 18.18 11.66 -45.53
C PRO J 175 17.72 10.29 -45.02
N GLN J 176 17.29 9.39 -45.94
CA GLN J 176 16.80 8.02 -45.63
C GLN J 176 16.91 7.10 -46.84
N PRO J 177 17.11 5.79 -46.60
CA PRO J 177 17.11 4.80 -47.68
C PRO J 177 15.73 4.54 -48.30
N LEU J 178 15.71 3.95 -49.52
CA LEU J 178 14.51 3.60 -50.36
C LEU J 178 14.17 2.12 -50.18
N LYS J 179 12.91 1.81 -49.92
CA LYS J 179 12.39 0.43 -50.11
C LYS J 179 12.31 0.19 -51.64
N GLU J 180 13.18 -0.68 -52.17
CA GLU J 180 13.28 -0.96 -53.63
C GLU J 180 11.91 -1.42 -54.16
N GLN J 181 11.15 -2.21 -53.37
CA GLN J 181 9.72 -2.59 -53.66
C GLN J 181 8.83 -2.05 -52.55
N PRO J 182 8.44 -0.75 -52.61
CA PRO J 182 7.61 -0.16 -51.58
C PRO J 182 6.41 -1.04 -51.19
N ALA J 183 5.88 -1.81 -52.16
CA ALA J 183 4.73 -2.73 -52.01
C ALA J 183 5.03 -3.79 -50.94
N LEU J 184 6.03 -4.65 -51.19
CA LEU J 184 6.48 -5.70 -50.22
C LEU J 184 6.96 -5.01 -48.93
N ASN J 185 6.77 -5.66 -47.79
CA ASN J 185 7.27 -5.15 -46.47
C ASN J 185 8.74 -5.61 -46.24
N ASP J 186 9.15 -6.81 -46.70
CA ASP J 186 10.52 -7.37 -46.47
C ASP J 186 11.54 -6.83 -47.49
N SER J 187 11.10 -5.92 -48.36
CA SER J 187 11.89 -5.27 -49.44
C SER J 187 13.25 -4.79 -48.93
N ARG J 188 14.29 -4.99 -49.72
CA ARG J 188 15.64 -4.47 -49.41
C ARG J 188 15.63 -2.98 -49.63
N TYR J 189 16.67 -2.29 -49.13
CA TYR J 189 16.78 -0.80 -49.14
C TYR J 189 17.86 -0.35 -50.13
N ALA J 190 17.93 0.95 -50.42
CA ALA J 190 18.92 1.58 -51.32
C ALA J 190 19.21 3.03 -50.88
N LEU J 191 20.50 3.39 -50.74
CA LEU J 191 20.93 4.77 -50.37
C LEU J 191 21.69 5.39 -51.54
N SER J 192 21.71 6.71 -51.64
CA SER J 192 22.45 7.46 -52.69
C SER J 192 23.05 8.73 -52.08
N SER J 193 24.31 8.99 -52.41
CA SER J 193 25.07 10.17 -51.92
C SER J 193 25.79 10.79 -53.10
N ARG J 194 26.25 12.03 -52.91
CA ARG J 194 26.96 12.84 -53.92
C ARG J 194 28.02 13.66 -53.22
N LEU J 195 29.25 13.54 -53.70
CA LEU J 195 30.38 14.43 -53.37
C LEU J 195 30.66 15.27 -54.61
N ARG J 196 30.87 16.57 -54.42
CA ARG J 196 31.17 17.50 -55.53
C ARG J 196 32.44 18.27 -55.21
N VAL J 197 33.25 18.50 -56.24
CA VAL J 197 34.59 19.13 -56.13
C VAL J 197 34.86 19.93 -57.41
N SER J 198 35.72 20.95 -57.30
CA SER J 198 36.24 21.74 -58.43
C SER J 198 36.86 20.77 -59.43
N ALA J 199 36.49 20.89 -60.70
CA ALA J 199 37.00 20.03 -61.79
C ALA J 199 38.54 19.91 -61.66
N THR J 200 39.26 21.02 -61.43
CA THR J 200 40.74 21.06 -61.29
C THR J 200 41.19 19.97 -60.33
N PHE J 201 40.60 19.96 -59.12
CA PHE J 201 40.85 18.95 -58.06
C PHE J 201 40.64 17.52 -58.60
N TRP J 202 39.48 17.25 -59.20
CA TRP J 202 39.09 15.89 -59.67
C TRP J 202 39.98 15.44 -60.84
N GLN J 203 40.50 16.36 -61.64
CA GLN J 203 41.32 16.02 -62.84
C GLN J 203 42.73 15.59 -62.38
N ASP J 204 43.19 16.12 -61.24
CA ASP J 204 44.46 15.78 -60.55
C ASP J 204 44.38 14.30 -60.13
N PRO J 205 45.21 13.40 -60.71
CA PRO J 205 44.99 11.97 -60.55
C PRO J 205 45.52 11.35 -59.25
N ARG J 206 46.15 12.14 -58.38
CA ARG J 206 46.71 11.66 -57.09
C ARG J 206 45.66 11.90 -56.01
N ASN J 207 44.61 12.63 -56.35
CA ASN J 207 43.38 12.75 -55.54
C ASN J 207 42.60 11.42 -55.67
N HIS J 208 42.32 10.81 -54.51
CA HIS J 208 41.55 9.54 -54.36
C HIS J 208 40.23 9.78 -53.63
N PHE J 209 39.20 9.06 -54.07
CA PHE J 209 37.81 9.17 -53.58
C PHE J 209 37.28 7.78 -53.26
N ARG J 210 36.79 7.57 -52.05
CA ARG J 210 36.09 6.32 -51.71
C ARG J 210 34.82 6.64 -50.94
N CYS J 211 33.76 5.97 -51.34
CA CYS J 211 32.45 5.94 -50.68
C CYS J 211 32.45 4.78 -49.70
N GLN J 212 32.48 5.06 -48.39
CA GLN J 212 32.47 4.03 -47.32
C GLN J 212 31.05 3.85 -46.78
N VAL J 213 30.58 2.61 -46.77
CA VAL J 213 29.23 2.23 -46.25
C VAL J 213 29.41 1.16 -45.18
N GLN J 214 29.22 1.54 -43.92
CA GLN J 214 29.06 0.60 -42.79
C GLN J 214 27.74 -0.11 -42.96
N PHE J 215 27.69 -1.41 -42.68
CA PHE J 215 26.46 -2.21 -42.64
C PHE J 215 26.39 -2.91 -41.30
N TYR J 216 25.22 -3.04 -40.73
CA TYR J 216 25.04 -3.74 -39.44
C TYR J 216 24.13 -4.95 -39.66
N GLY J 217 24.78 -6.10 -39.85
CA GLY J 217 24.17 -7.41 -40.09
C GLY J 217 24.31 -8.31 -38.90
N LEU J 218 24.68 -9.57 -39.14
CA LEU J 218 24.74 -10.63 -38.10
C LEU J 218 26.07 -10.52 -37.36
N SER J 219 26.19 -11.19 -36.22
CA SER J 219 27.48 -11.35 -35.49
C SER J 219 28.02 -12.70 -35.84
N GLU J 220 29.33 -12.89 -35.77
CA GLU J 220 29.94 -14.22 -35.99
C GLU J 220 29.31 -15.23 -35.00
N ASN J 221 28.71 -14.73 -33.90
CA ASN J 221 27.93 -15.54 -32.92
C ASN J 221 26.73 -16.19 -33.64
N ASP J 222 26.11 -15.47 -34.61
CA ASP J 222 24.89 -15.92 -35.33
C ASP J 222 25.28 -17.15 -36.18
N GLU J 223 24.28 -17.85 -36.76
CA GLU J 223 24.50 -19.12 -37.51
C GLU J 223 24.04 -18.89 -38.95
N TRP J 224 24.82 -19.40 -39.92
CA TRP J 224 24.54 -19.24 -41.38
C TRP J 224 24.59 -20.61 -42.07
N THR J 225 23.49 -20.97 -42.74
CA THR J 225 23.27 -22.25 -43.44
C THR J 225 23.27 -22.03 -44.97
N GLN J 226 23.00 -20.79 -45.39
CA GLN J 226 22.88 -20.38 -46.82
C GLN J 226 24.24 -20.50 -47.51
N ASP J 227 24.22 -20.81 -48.81
CA ASP J 227 25.40 -20.97 -49.69
C ASP J 227 26.22 -19.67 -49.72
N ARG J 228 25.58 -18.53 -49.92
CA ARG J 228 26.27 -17.21 -50.02
C ARG J 228 27.01 -16.92 -48.71
N ALA J 229 27.87 -15.89 -48.73
CA ALA J 229 28.70 -15.43 -47.58
C ALA J 229 27.81 -14.83 -46.51
N LYS J 230 28.10 -15.14 -45.27
CA LYS J 230 27.33 -14.72 -44.08
C LYS J 230 27.29 -13.20 -44.06
N PRO J 231 26.08 -12.59 -44.01
CA PRO J 231 25.94 -11.14 -44.07
C PRO J 231 26.20 -10.49 -42.71
N VAL J 232 27.46 -10.51 -42.28
CA VAL J 232 27.88 -9.97 -40.96
C VAL J 232 27.99 -8.47 -41.08
N THR J 233 27.97 -7.78 -39.94
CA THR J 233 28.21 -6.33 -39.83
C THR J 233 29.63 -6.05 -40.36
N GLN J 234 29.78 -5.07 -41.26
CA GLN J 234 30.99 -4.89 -42.11
C GLN J 234 30.94 -3.57 -42.87
N ILE J 235 32.02 -3.27 -43.60
CA ILE J 235 32.13 -2.09 -44.50
C ILE J 235 32.17 -2.58 -45.96
N VAL J 236 31.37 -1.96 -46.81
CA VAL J 236 31.43 -2.12 -48.29
C VAL J 236 31.80 -0.75 -48.84
N SER J 237 32.81 -0.69 -49.71
CA SER J 237 33.33 0.57 -50.29
C SER J 237 33.43 0.47 -51.82
N ALA J 238 33.39 1.61 -52.46
CA ALA J 238 33.72 1.80 -53.88
C ALA J 238 34.66 3.00 -53.98
N GLU J 239 35.48 2.98 -55.00
CA GLU J 239 36.65 3.84 -55.10
C GLU J 239 36.62 4.57 -56.43
N ALA J 240 37.47 5.58 -56.57
CA ALA J 240 37.72 6.31 -57.82
C ALA J 240 38.94 7.21 -57.65
N TRP J 241 39.86 7.18 -58.61
CA TRP J 241 41.05 8.07 -58.65
C TRP J 241 40.70 9.27 -59.55
N GLY J 242 41.46 10.37 -59.46
CA GLY J 242 41.34 11.50 -60.39
C GLY J 242 41.70 11.10 -61.83
N ARG J 243 40.99 11.66 -62.82
CA ARG J 243 41.23 11.44 -64.28
C ARG J 243 41.64 12.78 -64.88
N ALA J 244 42.92 12.93 -65.25
CA ALA J 244 43.47 14.07 -66.00
C ALA J 244 42.64 14.26 -67.28
N ASP J 245 42.33 13.14 -67.95
CA ASP J 245 41.47 13.05 -69.16
C ASP J 245 40.35 12.00 -68.93
#